data_9BW7
#
_entry.id   9BW7
#
loop_
_entity.id
_entity.type
_entity.pdbx_description
1 polymer 'Major vault protein'
2 polymer 'Protein mono-ADP-ribosyltransferase PARP4'
3 non-polymer NICOTINAMIDE-ADENINE-DINUCLEOTIDE
#
loop_
_entity_poly.entity_id
_entity_poly.type
_entity_poly.pdbx_seq_one_letter_code
_entity_poly.pdbx_strand_id
1 'polypeptide(L)'
;MATEEFIIRIPPYHYIHVLDQNSNVSRVEVGPKTYIRQDNERVLFAPMRMVTVPPRHYCTVANPVSRDAQGLVLFDVTGQ
VRLRHADLEIRLAQDPFPLYPGEVLEKDITPLQVVLPNTALHLKALLDFEDKDGDKVVAGDEWLFEGPGTYIPRKEVEVV
EIIQATIIRQNQALRLRARKECWDRDGKERVTGEEWLVTTVGAYLPAVFEEVLDLVDAVILTEKTALHLRARRNFRDFRG
VSRRTGEEWLVTVQDTEAHVPDVHEEVLGVVPITTLGPHNYCVILDPVGPDGKNQLGQKRVVKGEKSFFLQPGEQLEQGI
QDVYVLSEQQGLLLRALQPLEEGEDEEKVSHQAGDHWLIRGPLEYVPSAKVEVVEERQAIPLDENEGIYVQDVKTGKVRA
VIGSTYMLTQDEVLWEKELPPGVEELLNKGQDPLADRGEKDTAKSLQPLAPRNKTRVVSYRVPHNAAVQVYDYREKRARV
VFGPELVSLGPEEQFTVLSLSAGRPKRPHARRALCLLLGPDFFTDVITIETADHARLQLQLAYNWHFEVNDRKDPQETAK
LFSVPDFVGDACKAIASRVRGAVASVTFDDFHKNSARIIRTAVFGFETSEAKGPDGMALPRPRDQAVFPQNGLVVSSVDV
QSVEPVDQRTRDALQRSVQLAIEITTNSQEAAAKHEAQRLEQEARGRLERQKILDQSEAEKARKELLELEALSMAVESTG
TAKAEAESRAEAARIEGEGSVLQAKLKAQALAIETEAELQRVQKVRELELVYARAQLELEVSKAQQLAEVEVKKFKQMTE
AIGPSTIRDLAVAGPEMQVKLLQSLGLKSTLITDGSTPINLFNTAFGLLGMGPEGQPLGRRVASGPSPGEGISPQSAQAP
QAPGDNHVVPVLR
;
A,C
2 'polypeptide(L)'
;MVMGIFANCIFCLKVKYLPQQQKKKLQTDIKENGGKFSFSLNPQCTHIILDNADVLSQYQLNSIQKNHVHIANPDFIWKS
IREKRLLDVKNYDPYKPLDITPPPDQKASSSEVKTEGLCPDSATEEEDTVELTEFGMQNVEIPHLPQDFEVAKYNTLEKV
GMEGGQEAVVVELQCSRDSRDCPFLISSHFLLDDGMETRRQFAIKKTSEDASEYFENYIEELKKQGFLLREHFTPEATQL
ASEQLQALLLEEVMNSSTLSQEVSDLVEMIWAEALGHLEHMLLKPVNRISLNDVSKAEGILLLVKAALKNGETAEQLQKM
MTEFYRLIPHKGTMPKEVNLGLLAKKADLCQLIRDMVNVCETNLSKPNPPSLAKYRALRCKIEHVEQNTEEFLRVRKEVL
QNHHSKSPVDVLQIFRVGRVNETTEFLSKLGNVRPLLHGSPVQNIVGILCRGLLLPKVVEDRGVQRTDVGNLGSGIYFSD
SLSTSIKYSHPGETDGTRLLLICDVALGKCMDLHEKDFSLTEAPPGYDSVHGVSQTASVTTDFEDDEFVVYKTNQVKMKY
IIKFSMPGDQIKDFHPSDHTELEEYRPEFSNFSKVEDYQLPDAKTSSSTKAGLQDASGNLVPLEDVHIKGRIIDTVAQVI
VFQTYTNKSHVPIEAKYIFPLDDKAAVCGFEAFINGKHIVGEIKEKEEAQQEYLEAVTQGHGAYLMSQDAPDVFTVSVGN
LPPKAKVLIKITYITELSILGTVGVFFMPATVAPWQQDKALNENLQDTVEKICIKEIGTKQSFSLTMSIEMPYVIEFIFS
DTHELKQKRTDCKAVISTMEGSSLDSSGFSLHIGLSAAYLPRMWVEKHPEKESEACMLVFQPDLDVDLPDLASESEVIIC
LDCSSSMEGVTFLQAKQIALHALSLVGEKQKVNIIQFGTGYKELFSYPKHITSNTMAAEFIMSATPTMGNTDFWKTLRYL
SLLYPARGSRNILLVSDGHLQDESLTLQLVKRSRPHTRLFACGIGSTANRHVLRILSQCGAGVFEYFNAKSKHSWRKQIE
DQMTRLCSPSCHSVSVKWQQLNPDVPEALQAPAQVPSLFLNDRLLVYGFIPHCTQATLCALIQEKEFRTMVSTTELQKTT
GTMIHKLAARALIRDYEDGILHENETSHEMKKQTLKSLIIKLSKENSLITQFTSFVAVEKRDENESPFPDIPKVSELIAK
EDVDFLPYMSWQGEPQEAVRNQSLLASSEWPELRLSKRKHRKIPFSKRKMELSQPEVSEDFEEDGLGVLPAFTSNLERGG
VEKLLDLSWTESCKPTATEPLFKKVSPWETSTSSFFPILAPAVGSYLPPTARAHSPASLSFASYRQVASFGSAAPPRQFD
ASQFSQGPVPGTCADWIPQSASCPTGPPQNPPSSPYCGIVFSGSSLSSAQSAPLQHPGGFTTRPSAGTFPELDSPQLHFS
LPTDPDPIRGFGSYHPSASSPFHFQPSAASLTANLRLPMASALPEALCSQSRTTPVDLCLLEESVGSLEGSRCPVFAFQS
SDTESDELSEVLQDSCFLQIKCDTKDDSILCFLEVKEEDEIVCIQHWQDAVPWTELLSLQTEDGFWKLTPELGLILNLNT
NGLHSFLKQKGIQSLGVKGRECLLDLIATMLVLQFIRTRLEKEGIVFKSLMKMDDASISRNIPWAFEAIKQASEWVRRTE
GQYPSICPRLELGNDWDSATKQLLGLQPISTVSPLHRVLHYSQG
;
B,D
#
# COMPACT_ATOMS: atom_id res chain seq x y z
N GLU A 5 7.83 16.90 -10.68
CA GLU A 5 9.26 17.17 -10.70
C GLU A 5 9.58 18.22 -11.76
N PHE A 6 8.92 18.10 -12.91
CA PHE A 6 9.23 18.95 -14.06
C PHE A 6 8.82 20.40 -13.85
N ILE A 7 7.76 20.62 -13.09
CA ILE A 7 7.26 21.97 -12.86
C ILE A 7 8.06 22.65 -11.76
N ILE A 8 8.58 23.83 -12.06
CA ILE A 8 9.42 24.60 -11.14
C ILE A 8 8.83 26.00 -11.02
N ARG A 9 8.39 26.36 -9.82
CA ARG A 9 7.84 27.70 -9.60
C ARG A 9 8.77 28.52 -8.71
N ILE A 10 9.46 29.48 -9.32
CA ILE A 10 10.40 30.33 -8.58
C ILE A 10 9.62 31.47 -7.97
N PRO A 11 9.61 31.60 -6.65
CA PRO A 11 8.95 32.75 -6.00
C PRO A 11 9.68 34.04 -6.29
N PRO A 12 9.07 35.20 -6.04
CA PRO A 12 9.78 36.47 -6.26
C PRO A 12 10.97 36.63 -5.30
N TYR A 13 12.09 37.07 -5.86
CA TYR A 13 13.39 37.14 -5.21
C TYR A 13 13.80 35.77 -4.65
N HIS A 14 13.94 34.82 -5.57
CA HIS A 14 14.45 33.49 -5.28
C HIS A 14 15.23 33.01 -6.49
N TYR A 15 16.00 31.95 -6.32
CA TYR A 15 16.78 31.42 -7.42
C TYR A 15 16.99 29.92 -7.23
N ILE A 16 17.47 29.28 -8.29
CA ILE A 16 17.89 27.88 -8.27
C ILE A 16 19.13 27.73 -9.15
N HIS A 17 19.69 26.51 -9.11
CA HIS A 17 20.74 26.10 -10.03
C HIS A 17 20.30 24.82 -10.71
N VAL A 18 20.47 24.78 -12.04
CA VAL A 18 20.04 23.64 -12.84
C VAL A 18 21.22 23.19 -13.70
N LEU A 19 21.39 21.88 -13.84
CA LEU A 19 22.58 21.30 -14.45
C LEU A 19 22.30 20.82 -15.86
N ASP A 20 22.96 21.43 -16.85
CA ASP A 20 22.92 20.97 -18.23
C ASP A 20 23.77 19.72 -18.35
N GLN A 21 23.14 18.55 -18.32
CA GLN A 21 23.89 17.29 -18.36
C GLN A 21 24.44 16.95 -19.75
N ASN A 22 24.12 17.73 -20.78
CA ASN A 22 24.82 17.61 -22.05
C ASN A 22 26.09 18.44 -22.09
N SER A 23 26.31 19.31 -21.10
CA SER A 23 27.51 20.14 -21.07
C SER A 23 28.23 20.12 -19.72
N ASN A 24 27.64 19.51 -18.68
CA ASN A 24 28.12 19.55 -17.29
C ASN A 24 28.31 20.98 -16.82
N VAL A 25 27.34 21.83 -17.13
CA VAL A 25 27.39 23.26 -16.86
C VAL A 25 26.13 23.65 -16.11
N SER A 26 26.31 24.30 -14.95
CA SER A 26 25.20 24.77 -14.16
C SER A 26 25.05 26.28 -14.31
N ARG A 27 23.87 26.78 -13.97
CA ARG A 27 23.45 28.14 -14.29
C ARG A 27 22.36 28.56 -13.31
N VAL A 28 22.16 29.86 -13.15
CA VAL A 28 21.16 30.39 -12.24
C VAL A 28 19.98 30.91 -13.06
N GLU A 29 18.78 30.79 -12.50
CA GLU A 29 17.60 31.48 -13.00
C GLU A 29 16.96 32.22 -11.83
N VAL A 30 16.73 33.51 -12.01
CA VAL A 30 16.21 34.38 -10.95
C VAL A 30 14.89 34.96 -11.41
N GLY A 31 14.30 35.77 -10.53
CA GLY A 31 13.11 36.51 -10.87
C GLY A 31 11.84 35.84 -10.38
N PRO A 32 10.74 36.58 -10.39
CA PRO A 32 9.42 35.99 -10.12
C PRO A 32 8.86 35.27 -11.35
N LYS A 33 9.47 34.17 -11.73
CA LYS A 33 9.14 33.48 -12.96
C LYS A 33 8.82 32.02 -12.66
N THR A 34 8.21 31.36 -13.64
CA THR A 34 7.98 29.93 -13.60
C THR A 34 8.97 29.25 -14.54
N TYR A 35 9.38 28.04 -14.18
CA TYR A 35 10.44 27.36 -14.89
C TYR A 35 10.03 25.95 -15.27
N ILE A 36 10.40 25.56 -16.49
CA ILE A 36 10.19 24.20 -17.00
C ILE A 36 11.55 23.70 -17.47
N ARG A 37 11.99 22.57 -16.93
CA ARG A 37 13.25 22.00 -17.37
C ARG A 37 13.03 20.96 -18.46
N GLN A 38 14.16 20.49 -18.97
CA GLN A 38 14.26 19.50 -20.01
C GLN A 38 14.48 18.13 -19.36
N ASP A 39 14.67 17.12 -20.18
CA ASP A 39 14.98 15.78 -19.69
C ASP A 39 16.43 15.72 -19.22
N ASN A 40 17.30 16.35 -19.99
CA ASN A 40 18.72 16.36 -19.63
C ASN A 40 18.98 17.20 -18.38
N GLU A 41 18.26 18.30 -18.23
CA GLU A 41 18.52 19.22 -17.15
C GLU A 41 18.00 18.68 -15.82
N ARG A 42 18.61 19.18 -14.73
CA ARG A 42 18.25 18.75 -13.39
C ARG A 42 18.45 19.92 -12.44
N VAL A 43 17.37 20.38 -11.81
CA VAL A 43 17.47 21.44 -10.82
C VAL A 43 18.13 20.89 -9.56
N LEU A 44 19.13 21.61 -9.05
CA LEU A 44 19.95 21.09 -7.96
C LEU A 44 19.23 21.12 -6.62
N PHE A 45 18.50 22.18 -6.31
CA PHE A 45 17.90 22.32 -5.00
C PHE A 45 16.67 23.21 -5.07
N ALA A 46 15.98 23.30 -3.93
CA ALA A 46 14.72 24.04 -3.84
C ALA A 46 14.98 25.54 -3.88
N PRO A 47 14.00 26.35 -4.38
CA PRO A 47 14.24 27.79 -4.57
C PRO A 47 14.54 28.59 -3.30
N MET A 48 15.79 29.04 -3.19
CA MET A 48 16.28 29.77 -2.03
C MET A 48 16.38 31.26 -2.35
N ARG A 49 16.27 32.07 -1.31
CA ARG A 49 16.16 33.51 -1.46
C ARG A 49 17.46 34.13 -1.94
N MET A 50 17.36 35.06 -2.89
CA MET A 50 18.51 35.90 -3.22
C MET A 50 18.89 36.71 -2.01
N VAL A 51 20.13 36.56 -1.55
CA VAL A 51 20.54 37.08 -0.26
C VAL A 51 20.62 38.61 -0.31
N THR A 52 19.92 39.24 0.63
CA THR A 52 19.89 40.69 0.71
C THR A 52 20.75 41.15 1.87
N VAL A 53 21.25 42.37 1.76
CA VAL A 53 22.12 42.96 2.75
C VAL A 53 21.65 44.36 3.12
N PRO A 54 21.28 44.62 4.36
CA PRO A 54 20.76 45.93 4.75
C PRO A 54 21.85 46.99 4.76
N PRO A 55 21.51 48.26 5.00
CA PRO A 55 22.54 49.24 5.37
C PRO A 55 23.23 48.87 6.68
N ARG A 56 24.35 49.57 6.94
CA ARG A 56 25.36 49.34 7.98
C ARG A 56 25.70 47.86 8.18
N HIS A 57 25.75 47.08 7.08
CA HIS A 57 26.04 45.67 7.14
C HIS A 57 26.88 45.29 5.92
N TYR A 58 27.46 44.10 5.96
CA TYR A 58 28.24 43.59 4.85
C TYR A 58 28.22 42.07 4.89
N CYS A 59 28.84 41.47 3.87
CA CYS A 59 29.08 40.04 3.79
C CYS A 59 30.25 39.82 2.86
N THR A 60 30.89 38.66 2.99
CA THR A 60 31.94 38.25 2.05
C THR A 60 31.54 36.93 1.41
N VAL A 61 31.75 36.84 0.11
CA VAL A 61 31.45 35.63 -0.66
C VAL A 61 32.74 35.12 -1.26
N ALA A 62 33.06 33.85 -1.01
CA ALA A 62 34.20 33.21 -1.65
C ALA A 62 33.96 33.05 -3.14
N ASN A 63 35.04 33.14 -3.91
CA ASN A 63 35.12 32.99 -5.36
C ASN A 63 34.22 33.98 -6.08
N PRO A 64 34.56 35.28 -6.09
CA PRO A 64 33.62 36.28 -6.59
C PRO A 64 33.43 36.23 -8.10
N VAL A 65 32.43 36.99 -8.56
CA VAL A 65 32.08 37.05 -9.97
C VAL A 65 33.11 37.90 -10.71
N SER A 66 33.67 37.35 -11.78
CA SER A 66 34.48 38.17 -12.66
C SER A 66 33.58 39.04 -13.53
N ARG A 67 33.87 40.33 -13.56
CA ARG A 67 33.03 41.29 -14.26
C ARG A 67 33.86 42.14 -15.21
N ASP A 68 33.15 42.88 -16.05
CA ASP A 68 33.77 43.75 -17.05
C ASP A 68 33.93 45.16 -16.47
N ALA A 69 34.19 46.14 -17.34
CA ALA A 69 34.27 47.53 -16.90
C ALA A 69 32.93 48.11 -16.48
N GLN A 70 31.82 47.48 -16.87
CA GLN A 70 30.50 47.97 -16.52
C GLN A 70 29.83 47.15 -15.43
N GLY A 71 30.41 46.02 -15.03
CA GLY A 71 29.82 45.16 -14.03
C GLY A 71 28.97 44.04 -14.56
N LEU A 72 29.00 43.77 -15.86
CA LEU A 72 28.29 42.63 -16.42
C LEU A 72 29.03 41.35 -16.08
N VAL A 73 28.26 40.31 -15.77
CA VAL A 73 28.85 39.02 -15.40
C VAL A 73 29.48 38.39 -16.64
N LEU A 74 30.78 38.13 -16.57
CA LEU A 74 31.47 37.50 -17.68
C LEU A 74 31.24 36.00 -17.66
N PHE A 75 31.11 35.42 -18.85
CA PHE A 75 30.83 34.00 -19.02
C PHE A 75 31.96 33.33 -19.77
N ASP A 76 31.97 32.00 -19.70
CA ASP A 76 32.91 31.17 -20.41
C ASP A 76 32.35 30.86 -21.80
N VAL A 77 33.24 30.39 -22.69
CA VAL A 77 32.82 29.94 -24.01
C VAL A 77 31.94 28.70 -23.88
N THR A 78 32.18 27.87 -22.87
CA THR A 78 31.38 26.68 -22.61
C THR A 78 30.17 26.95 -21.73
N GLY A 79 29.69 28.19 -21.68
CA GLY A 79 28.49 28.49 -20.92
C GLY A 79 28.67 28.57 -19.42
N GLN A 80 29.89 28.48 -18.91
CA GLN A 80 30.18 28.54 -17.49
C GLN A 80 30.38 29.99 -17.07
N VAL A 81 30.25 30.26 -15.78
CA VAL A 81 30.44 31.59 -15.22
C VAL A 81 31.92 31.77 -14.88
N ARG A 82 32.40 33.01 -15.02
CA ARG A 82 33.80 33.34 -14.77
C ARG A 82 33.97 33.72 -13.31
N LEU A 83 34.75 32.93 -12.57
CA LEU A 83 35.02 33.22 -11.18
C LEU A 83 36.43 33.77 -11.02
N ARG A 84 36.74 34.17 -9.79
CA ARG A 84 38.10 34.53 -9.37
C ARG A 84 38.41 33.63 -8.18
N HIS A 85 39.37 32.73 -8.33
CA HIS A 85 39.42 31.56 -7.48
C HIS A 85 40.08 31.85 -6.14
N ALA A 86 39.43 31.37 -5.08
CA ALA A 86 39.84 31.49 -3.69
C ALA A 86 39.99 32.94 -3.23
N ASP A 87 39.29 33.87 -3.88
CA ASP A 87 39.27 35.25 -3.43
C ASP A 87 38.03 35.51 -2.60
N LEU A 88 38.00 36.67 -1.97
CA LEU A 88 36.85 37.14 -1.21
C LEU A 88 36.53 38.56 -1.65
N GLU A 89 35.25 38.84 -1.88
CA GLU A 89 34.78 40.17 -2.17
C GLU A 89 33.78 40.58 -1.10
N ILE A 90 33.90 41.82 -0.63
CA ILE A 90 33.05 42.36 0.41
C ILE A 90 31.99 43.22 -0.26
N ARG A 91 30.73 42.92 0.02
CA ARG A 91 29.62 43.60 -0.62
C ARG A 91 28.86 44.44 0.41
N LEU A 92 28.62 45.70 0.05
CA LEU A 92 27.92 46.64 0.91
C LEU A 92 26.41 46.56 0.63
N ALA A 93 25.67 47.54 1.13
CA ALA A 93 24.21 47.56 1.01
C ALA A 93 23.78 47.75 -0.44
N GLN A 94 23.03 46.79 -0.96
CA GLN A 94 22.60 46.80 -2.35
C GLN A 94 21.36 45.92 -2.50
N ASP A 95 20.94 45.72 -3.74
CA ASP A 95 19.78 44.90 -4.07
C ASP A 95 20.04 43.42 -3.79
N PRO A 96 18.98 42.61 -3.65
CA PRO A 96 19.19 41.17 -3.39
C PRO A 96 19.79 40.42 -4.57
N PHE A 97 21.12 40.49 -4.67
CA PHE A 97 21.87 39.76 -5.68
C PHE A 97 21.75 38.25 -5.48
N PRO A 98 21.89 37.46 -6.55
CA PRO A 98 21.96 36.00 -6.39
C PRO A 98 23.40 35.52 -6.25
N LEU A 99 23.53 34.24 -5.89
CA LEU A 99 24.82 33.57 -5.83
C LEU A 99 24.96 32.65 -7.03
N TYR A 100 25.85 33.03 -7.96
CA TYR A 100 26.19 32.21 -9.12
C TYR A 100 26.86 30.90 -8.66
N PRO A 101 26.82 29.84 -9.47
CA PRO A 101 27.31 28.54 -8.98
C PRO A 101 28.82 28.50 -8.80
N GLY A 102 29.25 27.66 -7.88
CA GLY A 102 30.65 27.61 -7.50
C GLY A 102 31.04 28.66 -6.48
N GLU A 103 30.09 29.17 -5.70
CA GLU A 103 30.35 30.23 -4.74
C GLU A 103 29.79 29.84 -3.38
N VAL A 104 30.51 30.23 -2.33
CA VAL A 104 30.15 29.90 -0.96
C VAL A 104 29.95 31.22 -0.20
N LEU A 105 28.88 31.30 0.58
CA LEU A 105 28.63 32.44 1.44
C LEU A 105 29.34 32.19 2.77
N GLU A 106 30.50 32.79 2.93
CA GLU A 106 31.34 32.54 4.11
C GLU A 106 30.99 33.45 5.28
N LYS A 107 31.07 34.76 5.09
CA LYS A 107 30.63 35.69 6.11
C LYS A 107 29.18 36.05 5.87
N ASP A 108 28.39 36.01 6.94
CA ASP A 108 26.96 36.28 6.90
C ASP A 108 26.69 37.77 6.86
N ILE A 109 25.45 38.16 7.12
CA ILE A 109 25.14 39.58 7.27
C ILE A 109 25.70 40.03 8.61
N THR A 110 26.86 40.66 8.59
CA THR A 110 27.51 41.18 9.77
C THR A 110 27.59 42.69 9.71
N PRO A 111 27.43 43.39 10.84
CA PRO A 111 27.34 44.84 10.79
C PRO A 111 28.68 45.52 10.54
N LEU A 112 28.61 46.70 9.92
CA LEU A 112 29.78 47.57 9.87
C LEU A 112 30.10 48.04 11.28
N GLN A 113 31.35 47.83 11.70
CA GLN A 113 31.72 48.13 13.08
C GLN A 113 31.93 49.62 13.28
N VAL A 114 31.46 50.11 14.41
CA VAL A 114 31.61 51.52 14.77
C VAL A 114 32.79 51.63 15.75
N VAL A 115 33.62 52.64 15.54
CA VAL A 115 34.76 52.91 16.39
C VAL A 115 34.37 54.03 17.34
N LEU A 116 34.44 53.77 18.64
CA LEU A 116 34.05 54.76 19.62
C LEU A 116 35.10 55.87 19.69
N PRO A 117 34.72 57.05 20.19
CA PRO A 117 35.72 58.12 20.37
C PRO A 117 36.77 57.75 21.41
N ASN A 118 37.97 58.33 21.21
CA ASN A 118 39.18 58.03 21.99
C ASN A 118 39.51 56.54 21.97
N THR A 119 39.35 55.92 20.80
CA THR A 119 39.57 54.48 20.61
C THR A 119 39.96 54.29 19.15
N ALA A 120 40.82 53.31 18.88
CA ALA A 120 41.37 53.11 17.54
C ALA A 120 41.39 51.63 17.20
N LEU A 121 41.68 51.35 15.92
CA LEU A 121 41.80 49.99 15.41
C LEU A 121 43.23 49.70 14.97
N HIS A 122 43.74 48.53 15.34
CA HIS A 122 45.04 48.05 14.88
C HIS A 122 44.80 47.19 13.65
N LEU A 123 45.25 47.66 12.49
CA LEU A 123 44.99 47.00 11.22
C LEU A 123 46.32 46.60 10.58
N LYS A 124 46.39 45.34 10.14
CA LYS A 124 47.57 44.82 9.45
C LYS A 124 47.22 44.60 7.98
N ALA A 125 48.15 44.95 7.11
CA ALA A 125 47.99 44.67 5.68
C ALA A 125 48.44 43.24 5.41
N LEU A 126 47.50 42.37 5.02
CA LEU A 126 47.84 40.98 4.74
C LEU A 126 48.52 40.84 3.39
N LEU A 127 48.07 41.58 2.40
CA LEU A 127 48.60 41.50 1.05
C LEU A 127 48.97 42.89 0.56
N ASP A 128 50.00 42.94 -0.29
CA ASP A 128 50.45 44.20 -0.88
C ASP A 128 49.36 44.78 -1.77
N PHE A 129 48.93 46.00 -1.46
CA PHE A 129 47.92 46.66 -2.27
C PHE A 129 48.27 48.13 -2.35
N GLU A 130 47.35 48.91 -2.92
CA GLU A 130 47.49 50.35 -3.03
C GLU A 130 46.23 51.00 -2.46
N ASP A 131 46.41 51.80 -1.41
CA ASP A 131 45.29 52.42 -0.73
C ASP A 131 44.82 53.67 -1.49
N LYS A 132 43.63 54.15 -1.14
CA LYS A 132 43.03 55.30 -1.82
C LYS A 132 43.76 56.61 -1.53
N ASP A 133 44.65 56.64 -0.53
CA ASP A 133 45.49 57.81 -0.32
C ASP A 133 46.52 57.93 -1.43
N GLY A 134 47.19 56.84 -1.75
CA GLY A 134 48.17 56.87 -2.82
C GLY A 134 49.46 56.14 -2.51
N ASP A 135 49.51 55.46 -1.36
CA ASP A 135 50.71 54.77 -0.92
C ASP A 135 50.65 53.29 -1.25
N LYS A 136 51.77 52.74 -1.71
CA LYS A 136 51.88 51.31 -1.98
C LYS A 136 51.99 50.60 -0.63
N VAL A 137 50.86 50.12 -0.12
CA VAL A 137 50.79 49.52 1.21
C VAL A 137 51.36 48.12 1.10
N VAL A 138 52.64 47.97 1.50
CA VAL A 138 53.29 46.66 1.48
C VAL A 138 52.70 45.81 2.59
N ALA A 139 52.63 44.50 2.35
CA ALA A 139 52.11 43.56 3.34
C ALA A 139 53.00 43.52 4.57
N GLY A 140 52.37 43.33 5.73
CA GLY A 140 53.05 43.39 7.00
C GLY A 140 53.02 44.75 7.67
N ASP A 141 52.62 45.80 6.95
CA ASP A 141 52.50 47.12 7.53
C ASP A 141 51.39 47.17 8.57
N GLU A 142 51.47 48.18 9.45
CA GLU A 142 50.53 48.35 10.54
C GLU A 142 49.81 49.68 10.36
N TRP A 143 48.59 49.75 10.89
CA TRP A 143 47.73 50.91 10.71
C TRP A 143 47.18 51.38 12.04
N LEU A 144 46.86 52.66 12.09
CA LEU A 144 46.18 53.28 13.22
C LEU A 144 44.93 53.95 12.68
N PHE A 145 43.80 53.26 12.75
CA PHE A 145 42.51 53.81 12.32
C PHE A 145 41.75 54.21 13.57
N GLU A 146 41.75 55.50 13.88
CA GLU A 146 41.04 56.04 15.02
C GLU A 146 39.85 56.85 14.57
N GLY A 147 39.07 57.31 15.54
CA GLY A 147 38.01 58.26 15.28
C GLY A 147 36.72 57.87 15.95
N PRO A 148 35.72 58.74 15.85
CA PRO A 148 34.36 58.36 16.24
C PRO A 148 33.55 57.70 15.13
N GLY A 149 34.15 57.44 13.97
CA GLY A 149 33.44 56.92 12.82
C GLY A 149 33.33 55.42 12.80
N THR A 150 33.01 54.90 11.61
CA THR A 150 32.84 53.47 11.38
C THR A 150 33.87 52.99 10.36
N TYR A 151 34.15 51.68 10.41
CA TYR A 151 35.14 51.06 9.57
C TYR A 151 34.50 50.05 8.64
N ILE A 152 34.72 50.23 7.35
CA ILE A 152 34.33 49.26 6.33
C ILE A 152 35.49 48.27 6.13
N PRO A 153 35.22 46.97 6.12
CA PRO A 153 36.32 46.00 6.11
C PRO A 153 36.94 45.87 4.72
N ARG A 154 37.91 44.97 4.63
CA ARG A 154 38.64 44.71 3.39
C ARG A 154 39.23 43.32 3.49
N LYS A 155 39.44 42.69 2.32
CA LYS A 155 39.90 41.32 2.29
C LYS A 155 41.37 41.20 2.68
N GLU A 156 42.21 42.11 2.18
CA GLU A 156 43.65 42.01 2.39
C GLU A 156 44.11 42.82 3.59
N VAL A 157 43.18 43.30 4.42
CA VAL A 157 43.48 44.09 5.61
C VAL A 157 42.80 43.43 6.80
N GLU A 158 43.58 43.08 7.81
CA GLU A 158 43.08 42.29 8.93
C GLU A 158 43.15 43.12 10.21
N VAL A 159 42.02 43.27 10.87
CA VAL A 159 41.98 43.99 12.15
C VAL A 159 42.63 43.12 13.23
N VAL A 160 43.67 43.65 13.86
CA VAL A 160 44.46 42.88 14.81
C VAL A 160 43.84 42.98 16.19
N GLU A 161 43.65 44.21 16.66
CA GLU A 161 43.04 44.42 17.97
C GLU A 161 42.43 45.81 18.01
N ILE A 162 41.60 46.01 19.03
CA ILE A 162 40.92 47.28 19.28
C ILE A 162 41.62 47.95 20.45
N ILE A 163 42.53 48.88 20.16
CA ILE A 163 43.34 49.50 21.19
C ILE A 163 42.56 50.64 21.84
N GLN A 164 42.92 50.96 23.08
CA GLN A 164 42.25 52.01 23.83
C GLN A 164 43.24 53.07 24.27
N ALA A 165 42.79 54.33 24.26
CA ALA A 165 43.60 55.46 24.66
C ALA A 165 43.75 55.51 26.18
N THR A 166 44.61 56.41 26.64
CA THR A 166 44.88 56.63 28.05
C THR A 166 44.67 58.10 28.40
N ILE A 167 44.21 58.35 29.61
CA ILE A 167 43.80 59.68 30.05
C ILE A 167 44.89 60.22 30.95
N ILE A 168 45.51 61.32 30.55
CA ILE A 168 46.58 61.94 31.30
C ILE A 168 46.05 63.26 31.87
N ARG A 169 45.88 63.31 33.18
CA ARG A 169 45.40 64.52 33.85
C ARG A 169 46.56 65.48 34.06
N GLN A 170 46.35 66.49 34.90
CA GLN A 170 47.40 67.44 35.19
C GLN A 170 48.43 66.80 36.12
N ASN A 171 49.68 67.27 35.98
CA ASN A 171 50.83 66.83 36.78
C ASN A 171 51.05 65.32 36.68
N GLN A 172 50.87 64.77 35.48
CA GLN A 172 51.23 63.40 35.20
C GLN A 172 51.94 63.30 33.86
N ALA A 173 52.49 62.13 33.60
CA ALA A 173 53.09 61.79 32.32
C ALA A 173 52.98 60.29 32.14
N LEU A 174 53.25 59.84 30.92
CA LEU A 174 53.05 58.45 30.55
C LEU A 174 54.34 57.86 30.03
N ARG A 175 54.74 56.71 30.58
CA ARG A 175 55.96 56.05 30.17
C ARG A 175 55.65 54.97 29.15
N LEU A 176 56.30 55.04 28.00
CA LEU A 176 56.00 54.12 26.91
C LEU A 176 57.24 53.87 26.06
N ARG A 177 57.65 52.60 25.98
CA ARG A 177 58.81 52.22 25.21
C ARG A 177 58.43 52.03 23.74
N ALA A 178 59.43 51.99 22.88
CA ALA A 178 59.24 51.65 21.48
C ALA A 178 59.24 50.13 21.31
N ARG A 179 58.66 49.67 20.21
CA ARG A 179 58.72 48.27 19.84
C ARG A 179 59.58 48.02 18.62
N LYS A 180 60.06 49.07 17.97
CA LYS A 180 60.69 49.00 16.68
C LYS A 180 61.32 50.36 16.41
N GLU A 181 62.36 50.37 15.57
CA GLU A 181 62.94 51.61 15.07
C GLU A 181 61.87 52.43 14.37
N CYS A 182 61.69 53.67 14.83
CA CYS A 182 60.49 54.41 14.53
C CYS A 182 60.75 55.90 14.69
N TRP A 183 59.67 56.67 14.71
CA TRP A 183 59.68 58.07 15.10
C TRP A 183 58.47 58.30 15.98
N ASP A 184 58.64 59.08 17.05
CA ASP A 184 57.56 59.33 17.97
C ASP A 184 56.68 60.46 17.45
N ARG A 185 55.70 60.90 18.26
CA ARG A 185 54.83 61.99 17.85
C ARG A 185 55.53 63.34 17.84
N ASP A 186 56.63 63.48 18.57
CA ASP A 186 57.38 64.72 18.53
C ASP A 186 58.32 64.80 17.34
N GLY A 187 58.58 63.68 16.68
CA GLY A 187 59.43 63.67 15.50
C GLY A 187 60.87 63.33 15.80
N LYS A 188 61.10 62.34 16.65
CA LYS A 188 62.43 61.95 17.07
C LYS A 188 62.60 60.43 16.94
N GLU A 189 63.75 60.03 16.41
CA GLU A 189 64.02 58.62 16.17
C GLU A 189 64.24 57.89 17.49
N ARG A 190 63.62 56.71 17.61
CA ARG A 190 63.68 55.91 18.82
C ARG A 190 64.08 54.48 18.46
N VAL A 191 65.01 53.91 19.22
CA VAL A 191 65.45 52.54 19.01
C VAL A 191 64.55 51.60 19.80
N THR A 192 64.67 50.30 19.51
CA THR A 192 63.86 49.29 20.18
C THR A 192 64.21 49.21 21.66
N GLY A 193 63.19 49.10 22.51
CA GLY A 193 63.38 49.05 23.94
C GLY A 193 63.55 50.39 24.62
N GLU A 194 63.81 51.44 23.85
CA GLU A 194 64.02 52.77 24.42
C GLU A 194 62.73 53.32 24.99
N GLU A 195 62.75 53.69 26.27
CA GLU A 195 61.59 54.28 26.92
C GLU A 195 61.70 55.79 26.87
N TRP A 196 60.54 56.45 26.94
CA TRP A 196 60.49 57.90 27.06
C TRP A 196 59.18 58.27 27.73
N LEU A 197 58.92 59.58 27.79
CA LEU A 197 57.73 60.10 28.45
C LEU A 197 56.99 61.02 27.52
N VAL A 198 55.68 61.11 27.71
CA VAL A 198 54.83 62.08 27.01
C VAL A 198 54.03 62.84 28.06
N THR A 199 54.00 64.17 27.92
CA THR A 199 53.47 65.06 28.94
C THR A 199 52.31 65.91 28.43
N THR A 200 51.55 65.42 27.46
CA THR A 200 50.34 66.10 27.04
C THR A 200 49.18 65.73 27.94
N VAL A 201 48.28 66.68 28.17
CA VAL A 201 47.16 66.48 29.08
C VAL A 201 45.94 66.15 28.26
N GLY A 202 45.26 65.07 28.63
CA GLY A 202 44.04 64.67 27.96
C GLY A 202 44.02 63.21 27.59
N ALA A 203 43.29 62.87 26.55
CA ALA A 203 43.29 61.50 26.05
C ALA A 203 44.49 61.30 25.14
N TYR A 204 45.28 60.28 25.43
CA TYR A 204 46.47 59.99 24.63
C TYR A 204 46.32 58.60 24.02
N LEU A 205 46.43 58.53 22.73
CA LEU A 205 46.26 57.29 22.02
C LEU A 205 47.61 56.71 21.70
N PRO A 206 47.90 55.47 22.12
CA PRO A 206 49.19 54.86 21.79
C PRO A 206 49.30 54.58 20.31
N ALA A 207 50.53 54.54 19.82
CA ALA A 207 50.78 54.20 18.43
C ALA A 207 50.87 52.67 18.31
N VAL A 208 51.20 52.19 17.11
CA VAL A 208 51.24 50.74 16.90
C VAL A 208 52.53 50.14 17.45
N PHE A 209 53.57 50.95 17.59
CA PHE A 209 54.87 50.52 18.06
C PHE A 209 55.20 51.00 19.46
N GLU A 210 54.25 51.61 20.16
CA GLU A 210 54.52 52.20 21.46
C GLU A 210 53.78 51.43 22.55
N GLU A 211 54.47 50.52 23.22
CA GLU A 211 53.93 49.80 24.37
C GLU A 211 53.82 50.78 25.52
N VAL A 212 52.59 51.09 25.94
CA VAL A 212 52.38 51.90 27.12
C VAL A 212 52.74 51.07 28.36
N LEU A 213 53.62 51.62 29.18
CA LEU A 213 54.06 50.93 30.39
C LEU A 213 53.26 51.35 31.61
N ASP A 214 53.49 52.55 32.11
CA ASP A 214 52.76 53.03 33.28
C ASP A 214 52.70 54.54 33.37
N LEU A 215 51.77 55.04 34.17
CA LEU A 215 51.61 56.47 34.38
C LEU A 215 52.58 56.94 35.45
N VAL A 216 53.21 58.09 35.19
CA VAL A 216 54.17 58.68 36.11
C VAL A 216 53.58 59.99 36.61
N ASP A 217 53.43 60.12 37.92
CA ASP A 217 52.87 61.31 38.54
C ASP A 217 53.95 62.14 39.22
N ALA A 218 53.84 63.46 39.08
CA ALA A 218 54.87 64.38 39.51
C ALA A 218 54.91 64.51 41.02
N VAL A 219 56.00 65.09 41.52
CA VAL A 219 56.29 65.19 42.95
C VAL A 219 56.21 66.65 43.35
N ILE A 220 55.43 66.95 44.37
CA ILE A 220 55.13 68.34 44.72
C ILE A 220 56.18 68.82 45.72
N LEU A 221 56.84 69.91 45.39
CA LEU A 221 57.99 70.40 46.14
C LEU A 221 57.56 71.55 47.06
N THR A 222 57.30 71.23 48.32
CA THR A 222 57.10 72.26 49.33
C THR A 222 58.45 72.82 49.77
N GLU A 223 58.40 73.94 50.49
CA GLU A 223 59.61 74.63 50.95
C GLU A 223 60.41 73.84 51.98
N LYS A 224 59.84 72.79 52.58
CA LYS A 224 60.55 71.99 53.57
C LYS A 224 61.02 70.65 53.02
N THR A 225 60.91 70.42 51.70
CA THR A 225 61.30 69.16 51.09
C THR A 225 61.98 69.41 49.76
N ALA A 226 62.93 68.54 49.43
CA ALA A 226 63.62 68.56 48.16
C ALA A 226 63.76 67.12 47.67
N LEU A 227 64.16 66.98 46.41
CA LEU A 227 64.13 65.69 45.75
C LEU A 227 65.55 65.25 45.41
N HIS A 228 65.92 64.07 45.90
CA HIS A 228 67.23 63.50 45.63
C HIS A 228 67.16 62.58 44.43
N LEU A 229 68.00 62.83 43.41
CA LEU A 229 67.89 62.19 42.11
C LEU A 229 69.25 61.69 41.64
N ARG A 230 69.35 60.39 41.35
CA ARG A 230 70.52 59.84 40.67
C ARG A 230 70.27 59.81 39.17
N ALA A 231 71.26 60.23 38.40
CA ALA A 231 71.19 60.08 36.96
C ALA A 231 71.42 58.62 36.57
N ARG A 232 70.75 58.19 35.50
CA ARG A 232 70.93 56.85 34.98
C ARG A 232 71.81 56.79 33.75
N ARG A 233 71.93 57.88 33.00
CA ARG A 233 72.86 57.94 31.88
C ARG A 233 73.20 59.39 31.62
N ASN A 234 73.93 59.63 30.54
CA ASN A 234 74.26 60.99 30.12
C ASN A 234 73.05 61.62 29.46
N PHE A 235 72.57 62.74 30.02
CA PHE A 235 71.43 63.43 29.46
C PHE A 235 71.49 64.89 29.87
N ARG A 236 70.44 65.63 29.54
CA ARG A 236 70.24 66.99 30.00
C ARG A 236 68.83 67.10 30.56
N ASP A 237 68.72 67.52 31.81
CA ASP A 237 67.43 67.59 32.49
C ASP A 237 66.68 68.85 32.09
N PHE A 238 65.63 69.18 32.85
CA PHE A 238 64.72 70.26 32.48
C PHE A 238 65.37 71.63 32.57
N ARG A 239 66.29 71.84 33.52
CA ARG A 239 66.95 73.14 33.61
C ARG A 239 67.97 73.36 32.51
N GLY A 240 68.50 72.28 31.93
CA GLY A 240 69.48 72.42 30.88
C GLY A 240 70.91 72.41 31.38
N VAL A 241 71.22 71.48 32.27
CA VAL A 241 72.59 71.22 32.70
C VAL A 241 72.92 69.78 32.34
N SER A 242 74.17 69.53 31.96
CA SER A 242 74.58 68.20 31.56
C SER A 242 74.87 67.34 32.79
N ARG A 243 74.39 66.12 32.78
CA ARG A 243 74.58 65.18 33.87
C ARG A 243 75.45 64.02 33.39
N ARG A 244 76.08 63.35 34.35
CA ARG A 244 76.89 62.18 34.08
C ARG A 244 76.29 61.00 34.81
N THR A 245 76.69 59.79 34.41
CA THR A 245 76.04 58.58 34.91
C THR A 245 76.47 58.33 36.35
N GLY A 246 75.50 58.09 37.22
CA GLY A 246 75.76 57.88 38.62
C GLY A 246 75.74 59.15 39.45
N GLU A 247 75.65 60.31 38.81
CA GLU A 247 75.68 61.58 39.52
C GLU A 247 74.38 61.81 40.30
N GLU A 248 74.50 62.41 41.48
CA GLU A 248 73.36 62.72 42.32
C GLU A 248 73.26 64.23 42.53
N TRP A 249 72.04 64.72 42.72
CA TRP A 249 71.80 66.14 42.95
C TRP A 249 70.45 66.30 43.64
N LEU A 250 70.12 67.55 43.96
CA LEU A 250 68.86 67.90 44.59
C LEU A 250 68.06 68.87 43.73
N VAL A 251 66.74 68.75 43.80
CA VAL A 251 65.82 69.65 43.10
C VAL A 251 64.92 70.30 44.15
N THR A 252 64.84 71.61 44.13
CA THR A 252 64.12 72.37 45.15
C THR A 252 62.98 73.18 44.50
N VAL A 253 62.34 74.01 45.32
CA VAL A 253 61.20 74.80 44.88
C VAL A 253 61.64 75.91 43.95
N GLN A 254 62.89 76.38 44.11
CA GLN A 254 63.42 77.42 43.24
C GLN A 254 63.72 76.92 41.83
N ASP A 255 63.67 75.61 41.60
CA ASP A 255 63.70 75.08 40.24
C ASP A 255 62.28 74.99 39.68
N THR A 256 61.44 74.16 40.30
CA THR A 256 60.05 73.98 39.93
C THR A 256 59.23 73.73 41.18
N GLU A 257 57.95 74.04 41.11
CA GLU A 257 57.02 73.71 42.20
C GLU A 257 56.54 72.27 42.11
N ALA A 258 56.75 71.60 40.98
CA ALA A 258 56.41 70.20 40.83
C ALA A 258 57.36 69.60 39.80
N HIS A 259 57.79 68.37 40.04
CA HIS A 259 58.77 67.71 39.17
C HIS A 259 58.30 66.31 38.86
N VAL A 260 58.26 65.97 37.58
CA VAL A 260 57.89 64.64 37.13
C VAL A 260 59.17 63.84 36.87
N PRO A 261 59.37 62.70 37.54
CA PRO A 261 60.67 62.02 37.46
C PRO A 261 60.93 61.39 36.11
N ASP A 262 61.99 61.86 35.46
CA ASP A 262 62.36 61.40 34.13
C ASP A 262 62.82 59.95 34.16
N VAL A 263 62.78 59.30 32.99
CA VAL A 263 63.21 57.91 32.90
C VAL A 263 64.73 57.80 32.96
N HIS A 264 65.44 58.90 32.74
CA HIS A 264 66.89 58.95 32.87
C HIS A 264 67.32 59.29 34.29
N GLU A 265 66.40 59.31 35.24
CA GLU A 265 66.69 59.71 36.61
C GLU A 265 66.24 58.61 37.56
N GLU A 266 66.32 58.87 38.86
CA GLU A 266 65.93 57.87 39.85
C GLU A 266 65.55 58.58 41.13
N VAL A 267 64.36 58.29 41.66
CA VAL A 267 63.93 58.89 42.91
C VAL A 267 64.60 58.14 44.05
N LEU A 268 65.58 58.78 44.68
CA LEU A 268 66.28 58.20 45.81
C LEU A 268 65.62 58.49 47.14
N GLY A 269 64.86 59.57 47.22
CA GLY A 269 64.15 59.91 48.43
C GLY A 269 63.89 61.41 48.46
N VAL A 270 62.97 61.79 49.33
CA VAL A 270 62.59 63.19 49.49
C VAL A 270 63.25 63.69 50.76
N VAL A 271 64.11 64.70 50.62
CA VAL A 271 64.99 65.16 51.69
C VAL A 271 64.26 66.27 52.45
N PRO A 272 63.94 66.10 53.73
CA PRO A 272 63.40 67.22 54.51
C PRO A 272 64.48 68.24 54.84
N ILE A 273 64.03 69.47 55.07
CA ILE A 273 64.95 70.57 55.32
C ILE A 273 65.50 70.44 56.73
N THR A 274 66.77 70.81 56.88
CA THR A 274 67.41 70.94 58.18
C THR A 274 67.42 72.41 58.52
N THR A 275 66.66 72.79 59.56
CA THR A 275 66.61 74.16 60.00
C THR A 275 67.23 74.28 61.40
N LEU A 276 67.90 75.40 61.63
CA LEU A 276 68.59 75.65 62.88
C LEU A 276 68.01 76.90 63.52
N GLY A 277 67.67 76.80 64.80
CA GLY A 277 67.20 77.94 65.54
C GLY A 277 68.33 78.90 65.84
N PRO A 278 67.98 80.03 66.48
CA PRO A 278 69.02 80.97 66.91
C PRO A 278 69.91 80.42 68.01
N HIS A 279 69.45 79.41 68.74
CA HIS A 279 70.20 78.76 69.80
C HIS A 279 70.76 77.41 69.36
N ASN A 280 70.96 77.20 68.07
CA ASN A 280 71.37 75.91 67.56
C ASN A 280 72.57 76.03 66.65
N TYR A 281 73.36 74.95 66.59
CA TYR A 281 74.43 74.81 65.60
C TYR A 281 74.48 73.36 65.17
N CYS A 282 75.29 73.09 64.14
CA CYS A 282 75.48 71.71 63.68
C CYS A 282 76.81 71.59 62.94
N VAL A 283 77.32 70.36 62.91
CA VAL A 283 78.55 70.01 62.21
C VAL A 283 78.19 69.08 61.06
N ILE A 284 78.73 69.35 59.87
CA ILE A 284 78.38 68.63 58.67
C ILE A 284 79.55 67.71 58.29
N LEU A 285 79.33 66.40 58.37
CA LEU A 285 80.34 65.46 57.91
C LEU A 285 80.37 65.43 56.39
N ASP A 286 81.58 65.48 55.85
CA ASP A 286 81.85 65.46 54.41
C ASP A 286 81.10 66.54 53.62
N PRO A 287 81.45 67.81 53.79
CA PRO A 287 80.67 68.87 53.13
C PRO A 287 81.07 69.02 51.67
N VAL A 288 80.19 69.66 50.92
CA VAL A 288 80.40 69.90 49.49
C VAL A 288 81.10 71.23 49.32
N GLY A 289 82.22 71.22 48.59
CA GLY A 289 82.99 72.42 48.40
C GLY A 289 82.52 73.24 47.22
N PRO A 290 83.37 74.16 46.73
CA PRO A 290 82.99 74.96 45.57
C PRO A 290 82.96 74.16 44.27
N ASP A 291 83.68 73.04 44.20
CA ASP A 291 83.75 72.23 43.01
C ASP A 291 82.57 71.28 42.86
N GLY A 292 81.59 71.35 43.75
CA GLY A 292 80.47 70.44 43.70
C GLY A 292 80.74 69.05 44.23
N LYS A 293 81.95 68.79 44.73
CA LYS A 293 82.34 67.49 45.23
C LYS A 293 82.55 67.56 46.73
N ASN A 294 82.28 66.45 47.40
CA ASN A 294 82.51 66.34 48.82
C ASN A 294 83.99 66.41 49.14
N GLN A 295 84.32 67.11 50.23
CA GLN A 295 85.59 66.90 50.91
C GLN A 295 85.42 65.76 51.90
N LEU A 296 85.94 64.59 51.56
CA LEU A 296 85.79 63.43 52.42
C LEU A 296 86.71 63.57 53.62
N GLY A 297 86.22 63.22 54.79
CA GLY A 297 86.99 63.29 56.01
C GLY A 297 86.88 64.60 56.76
N GLN A 298 86.71 65.72 56.06
CA GLN A 298 86.66 67.01 56.72
C GLN A 298 85.28 67.24 57.34
N LYS A 299 85.12 68.40 57.98
CA LYS A 299 83.89 68.78 58.64
C LYS A 299 83.67 70.27 58.43
N ARG A 300 82.45 70.72 58.74
CA ARG A 300 82.11 72.13 58.62
C ARG A 300 81.05 72.45 59.67
N VAL A 301 81.25 73.55 60.38
CA VAL A 301 80.38 73.94 61.48
C VAL A 301 79.45 75.02 60.97
N VAL A 302 78.14 74.83 61.16
CA VAL A 302 77.13 75.79 60.77
C VAL A 302 76.41 76.25 62.02
N LYS A 303 76.33 77.56 62.22
CA LYS A 303 75.74 78.14 63.41
C LYS A 303 74.79 79.26 62.99
N GLY A 304 73.76 79.47 63.80
CA GLY A 304 72.88 80.60 63.66
C GLY A 304 71.52 80.15 63.20
N GLU A 305 70.71 81.14 62.79
CA GLU A 305 69.43 80.84 62.17
C GLU A 305 69.68 80.56 60.69
N LYS A 306 69.53 79.31 60.30
CA LYS A 306 69.80 78.91 58.93
C LYS A 306 69.02 77.64 58.65
N SER A 307 68.36 77.60 57.50
CA SER A 307 67.67 76.41 57.05
C SER A 307 68.26 75.96 55.72
N PHE A 308 68.64 74.70 55.64
CA PHE A 308 69.32 74.20 54.46
C PHE A 308 69.00 72.73 54.30
N PHE A 309 69.37 72.18 53.15
CA PHE A 309 69.20 70.76 52.86
C PHE A 309 70.56 70.08 52.93
N LEU A 310 70.58 68.87 53.47
CA LEU A 310 71.79 68.06 53.42
C LEU A 310 71.95 67.51 52.00
N GLN A 311 72.90 68.09 51.26
CA GLN A 311 73.20 67.69 49.89
C GLN A 311 73.70 66.23 49.84
N PRO A 312 73.63 65.56 48.68
CA PRO A 312 74.01 64.14 48.62
C PRO A 312 75.48 63.89 48.95
N GLY A 313 75.70 63.16 50.05
CA GLY A 313 77.00 62.95 50.63
C GLY A 313 77.14 63.52 52.02
N GLU A 314 76.54 64.67 52.28
CA GLU A 314 76.64 65.34 53.56
C GLU A 314 75.78 64.63 54.60
N GLN A 315 76.08 64.92 55.86
CA GLN A 315 75.53 64.20 57.00
C GLN A 315 75.83 65.02 58.24
N LEU A 316 74.95 64.95 59.23
CA LEU A 316 75.23 65.60 60.51
C LEU A 316 76.00 64.65 61.41
N GLU A 317 76.93 65.20 62.20
CA GLU A 317 77.78 64.38 63.03
C GLU A 317 77.01 63.76 64.19
N GLN A 318 76.19 64.57 64.86
CA GLN A 318 75.37 64.07 65.96
C GLN A 318 73.96 64.64 65.92
N GLY A 319 73.67 65.57 65.02
CA GLY A 319 72.33 66.11 64.91
C GLY A 319 72.31 67.61 65.07
N ILE A 320 71.14 68.17 65.32
CA ILE A 320 71.03 69.60 65.64
C ILE A 320 71.42 69.77 67.09
N GLN A 321 72.48 70.53 67.35
CA GLN A 321 73.04 70.73 68.67
C GLN A 321 72.80 72.16 69.13
N ASP A 322 72.60 72.30 70.43
CA ASP A 322 72.38 73.61 71.04
C ASP A 322 73.69 74.22 71.52
N VAL A 323 73.81 75.53 71.37
CA VAL A 323 75.04 76.25 71.62
C VAL A 323 75.25 76.37 73.14
N TYR A 324 76.52 76.36 73.56
CA TYR A 324 76.84 76.60 74.96
C TYR A 324 76.54 78.05 75.30
N VAL A 325 75.77 78.26 76.36
CA VAL A 325 75.50 79.59 76.87
C VAL A 325 75.95 79.62 78.33
N LEU A 326 76.67 80.67 78.69
CA LEU A 326 77.46 80.70 79.92
C LEU A 326 77.23 82.00 80.66
N SER A 327 77.05 81.89 81.97
CA SER A 327 77.04 83.06 82.85
C SER A 327 78.45 83.31 83.36
N GLU A 328 78.61 84.22 84.32
CA GLU A 328 79.93 84.46 84.87
C GLU A 328 80.32 83.44 85.93
N GLN A 329 79.36 82.65 86.42
CA GLN A 329 79.64 81.56 87.33
C GLN A 329 80.02 80.28 86.62
N GLN A 330 80.23 80.32 85.31
CA GLN A 330 80.39 79.12 84.52
C GLN A 330 81.52 79.29 83.54
N GLY A 331 82.29 78.21 83.34
CA GLY A 331 83.38 78.21 82.41
C GLY A 331 83.55 76.87 81.74
N LEU A 332 84.28 76.88 80.63
CA LEU A 332 84.52 75.68 79.82
C LEU A 332 86.01 75.43 79.68
N LEU A 333 86.42 74.18 79.91
CA LEU A 333 87.78 73.74 79.63
C LEU A 333 87.77 72.97 78.32
N LEU A 334 88.62 73.38 77.39
CA LEU A 334 88.56 72.85 76.03
C LEU A 334 89.93 72.90 75.38
N ARG A 335 90.34 71.77 74.82
CA ARG A 335 91.68 71.57 74.30
C ARG A 335 91.73 71.72 72.78
N ALA A 336 92.84 72.24 72.29
CA ALA A 336 93.06 72.31 70.86
C ALA A 336 93.49 70.95 70.33
N LEU A 337 93.33 70.78 69.03
CA LEU A 337 93.84 69.61 68.33
C LEU A 337 94.80 69.96 67.21
N GLN A 338 94.78 71.20 66.73
CA GLN A 338 95.66 71.71 65.69
C GLN A 338 96.02 73.14 66.05
N PRO A 339 97.11 73.67 65.50
CA PRO A 339 97.40 75.10 65.70
C PRO A 339 96.31 75.97 65.08
N LEU A 340 95.75 76.85 65.90
CA LEU A 340 94.56 77.59 65.50
C LEU A 340 94.67 79.03 65.96
N GLU A 341 93.82 79.87 65.38
CA GLU A 341 93.72 81.28 65.70
C GLU A 341 92.25 81.60 65.92
N GLU A 342 91.97 82.53 66.84
CA GLU A 342 90.60 82.97 67.05
C GLU A 342 90.60 84.41 67.59
N GLY A 343 90.19 85.34 66.72
CA GLY A 343 90.07 86.74 67.11
C GLY A 343 88.67 87.13 67.56
N GLU A 344 88.27 86.67 68.74
CA GLU A 344 86.97 87.08 69.29
C GLU A 344 86.96 88.56 69.64
N ASP A 345 87.92 88.99 70.45
CA ASP A 345 88.14 90.41 70.70
C ASP A 345 89.12 90.96 69.67
N GLU A 346 89.64 92.17 69.93
CA GLU A 346 90.58 92.79 69.00
C GLU A 346 91.90 92.03 68.94
N GLU A 347 92.40 91.57 70.08
CA GLU A 347 93.62 90.77 70.09
C GLU A 347 93.34 89.36 69.57
N LYS A 348 94.41 88.68 69.17
CA LYS A 348 94.35 87.35 68.59
C LYS A 348 95.04 86.39 69.55
N VAL A 349 94.32 85.36 70.00
CA VAL A 349 94.92 84.31 70.80
C VAL A 349 95.28 83.13 69.92
N SER A 350 96.50 82.65 70.07
CA SER A 350 97.01 81.49 69.36
C SER A 350 97.08 80.31 70.32
N HIS A 351 96.97 79.10 69.78
CA HIS A 351 97.02 77.91 70.60
C HIS A 351 97.71 76.80 69.83
N GLN A 352 98.68 76.14 70.45
CA GLN A 352 99.34 75.01 69.82
C GLN A 352 98.50 73.75 69.98
N ALA A 353 99.06 72.62 69.55
CA ALA A 353 98.29 71.43 69.25
C ALA A 353 97.75 70.72 70.47
N GLY A 354 98.29 70.94 71.66
CA GLY A 354 97.82 70.17 72.80
C GLY A 354 97.31 71.04 73.92
N ASP A 355 97.22 72.34 73.65
CA ASP A 355 96.94 73.32 74.68
C ASP A 355 95.51 73.26 75.16
N HIS A 356 95.33 73.09 76.47
CA HIS A 356 94.08 73.39 77.14
C HIS A 356 94.02 74.88 77.41
N TRP A 357 92.80 75.41 77.54
CA TRP A 357 92.59 76.75 78.06
C TRP A 357 91.17 76.86 78.58
N LEU A 358 90.89 77.97 79.26
CA LEU A 358 89.62 78.15 79.95
C LEU A 358 88.87 79.34 79.34
N ILE A 359 87.62 79.12 79.00
CA ILE A 359 86.69 80.15 78.56
C ILE A 359 85.80 80.50 79.73
N ARG A 360 85.46 81.77 79.90
CA ARG A 360 84.58 82.18 80.99
C ARG A 360 83.86 83.46 80.62
N GLY A 361 82.62 83.60 81.10
CA GLY A 361 81.97 84.88 81.17
C GLY A 361 80.56 84.83 80.66
N PRO A 362 79.88 85.96 80.66
CA PRO A 362 78.63 86.04 79.89
C PRO A 362 78.93 86.04 78.41
N LEU A 363 78.74 84.89 77.77
CA LEU A 363 79.01 84.70 76.36
C LEU A 363 78.33 83.43 75.88
N GLU A 364 78.17 83.32 74.58
CA GLU A 364 77.76 82.08 73.95
C GLU A 364 78.90 81.55 73.08
N TYR A 365 79.12 80.25 73.14
CA TYR A 365 80.29 79.65 72.50
C TYR A 365 79.88 78.43 71.71
N VAL A 366 80.27 78.40 70.44
CA VAL A 366 80.12 77.23 69.58
C VAL A 366 81.50 76.65 69.31
N PRO A 367 81.71 75.36 69.55
CA PRO A 367 83.06 74.79 69.37
C PRO A 367 83.47 74.74 67.92
N SER A 368 84.77 74.97 67.68
CA SER A 368 85.33 74.83 66.36
C SER A 368 85.59 73.35 66.05
N ALA A 369 85.92 73.08 64.78
CA ALA A 369 86.23 71.72 64.39
C ALA A 369 87.59 71.28 64.90
N LYS A 370 88.49 72.24 65.13
CA LYS A 370 89.81 72.00 65.67
C LYS A 370 89.83 71.97 67.19
N VAL A 371 88.72 72.24 67.85
CA VAL A 371 88.65 72.37 69.30
C VAL A 371 87.71 71.30 69.85
N GLU A 372 88.20 70.52 70.81
CA GLU A 372 87.40 69.57 71.56
C GLU A 372 87.11 70.13 72.94
N VAL A 373 85.89 69.92 73.44
CA VAL A 373 85.48 70.40 74.75
C VAL A 373 85.72 69.29 75.77
N VAL A 374 86.44 69.63 76.84
CA VAL A 374 86.86 68.63 77.82
C VAL A 374 85.92 68.58 79.01
N GLU A 375 85.60 69.74 79.59
CA GLU A 375 84.97 69.78 80.90
C GLU A 375 84.27 71.12 81.08
N GLU A 376 83.13 71.09 81.74
CA GLU A 376 82.42 72.29 82.15
C GLU A 376 82.79 72.62 83.59
N ARG A 377 83.18 73.88 83.83
CA ARG A 377 83.53 74.30 85.18
C ARG A 377 82.48 75.26 85.73
N GLN A 378 82.37 75.28 87.05
CA GLN A 378 81.59 76.28 87.76
C GLN A 378 82.48 77.00 88.77
N ALA A 379 82.14 78.25 89.07
CA ALA A 379 82.84 78.95 90.13
C ALA A 379 82.42 78.42 91.49
N ILE A 380 83.38 78.35 92.40
CA ILE A 380 83.13 77.89 93.77
C ILE A 380 82.80 79.12 94.62
N PRO A 381 81.62 79.20 95.22
CA PRO A 381 81.28 80.38 96.03
C PRO A 381 81.99 80.32 97.38
N LEU A 382 83.02 81.14 97.52
CA LEU A 382 83.84 81.15 98.72
C LEU A 382 83.48 82.37 99.55
N ASP A 383 82.98 82.12 100.75
CA ASP A 383 82.84 83.17 101.76
C ASP A 383 84.22 83.72 102.12
N GLU A 384 84.23 84.97 102.54
CA GLU A 384 85.42 85.52 103.18
C GLU A 384 85.75 84.73 104.43
N ASN A 385 87.06 84.54 104.69
CA ASN A 385 87.61 83.61 105.67
C ASN A 385 87.22 82.16 105.40
N GLU A 386 86.96 81.80 104.15
CA GLU A 386 86.85 80.41 103.73
C GLU A 386 87.71 80.20 102.50
N GLY A 387 88.25 78.98 102.37
CA GLY A 387 89.14 78.77 101.25
C GLY A 387 89.24 77.32 100.84
N ILE A 388 89.85 77.12 99.67
CA ILE A 388 90.13 75.80 99.13
C ILE A 388 91.63 75.69 98.89
N TYR A 389 92.09 74.47 98.63
CA TYR A 389 93.48 74.19 98.31
C TYR A 389 93.60 73.77 96.85
N VAL A 390 94.09 74.66 96.01
CA VAL A 390 94.32 74.36 94.61
C VAL A 390 95.79 74.00 94.40
N GLN A 391 96.05 73.16 93.40
CA GLN A 391 97.39 72.76 93.04
C GLN A 391 97.62 73.01 91.57
N ASP A 392 98.51 73.94 91.25
CA ASP A 392 98.92 74.20 89.87
C ASP A 392 99.79 73.04 89.39
N VAL A 393 99.24 72.14 88.58
CA VAL A 393 99.94 70.90 88.27
C VAL A 393 101.03 71.09 87.22
N LYS A 394 101.17 72.28 86.65
CA LYS A 394 102.29 72.52 85.77
C LYS A 394 103.58 72.69 86.56
N THR A 395 103.52 73.45 87.64
CA THR A 395 104.66 73.64 88.52
C THR A 395 104.63 72.72 89.73
N GLY A 396 103.45 72.44 90.28
CA GLY A 396 103.31 71.57 91.43
C GLY A 396 102.90 72.30 92.68
N LYS A 397 102.94 73.64 92.67
CA LYS A 397 102.80 74.41 93.89
C LYS A 397 101.37 74.44 94.41
N VAL A 398 101.07 73.58 95.39
CA VAL A 398 99.80 73.70 96.11
C VAL A 398 99.85 74.94 96.99
N ARG A 399 98.73 75.65 97.07
CA ARG A 399 98.60 76.82 97.93
C ARG A 399 97.19 76.83 98.50
N ALA A 400 96.84 77.90 99.20
CA ALA A 400 95.50 78.11 99.72
C ALA A 400 94.97 79.41 99.15
N VAL A 401 93.81 79.34 98.49
CA VAL A 401 93.14 80.53 98.00
C VAL A 401 91.90 80.76 98.85
N ILE A 402 91.92 81.87 99.60
CA ILE A 402 90.93 82.18 100.63
C ILE A 402 90.35 83.54 100.29
N GLY A 403 89.06 83.73 100.57
CA GLY A 403 88.45 85.03 100.37
C GLY A 403 87.33 85.04 99.36
N SER A 404 87.57 85.65 98.21
CA SER A 404 86.55 85.79 97.18
C SER A 404 86.27 84.45 96.50
N THR A 405 85.23 84.44 95.67
CA THR A 405 84.87 83.24 94.94
C THR A 405 85.92 82.95 93.88
N TYR A 406 86.08 81.67 93.56
CA TYR A 406 87.20 81.25 92.74
C TYR A 406 86.74 80.19 91.77
N MET A 407 87.08 80.39 90.50
CA MET A 407 87.03 79.34 89.50
C MET A 407 88.45 78.87 89.23
N LEU A 408 88.66 77.57 89.29
CA LEU A 408 89.95 76.98 88.97
C LEU A 408 90.30 77.25 87.51
N THR A 409 91.49 77.80 87.28
CA THR A 409 91.91 78.15 85.92
C THR A 409 92.37 76.90 85.19
N GLN A 410 93.04 77.09 84.06
CA GLN A 410 93.72 75.99 83.42
C GLN A 410 94.86 75.49 84.32
N ASP A 411 95.14 74.19 84.22
CA ASP A 411 96.25 73.52 84.93
C ASP A 411 96.12 73.61 86.45
N GLU A 412 94.92 73.82 86.97
CA GLU A 412 94.73 73.80 88.41
C GLU A 412 93.71 72.73 88.77
N VAL A 413 93.95 72.07 89.89
CA VAL A 413 93.16 70.95 90.35
C VAL A 413 92.94 71.19 91.85
N LEU A 414 92.05 70.41 92.46
CA LEU A 414 91.86 70.51 93.90
C LEU A 414 92.82 69.56 94.61
N TRP A 415 93.46 70.05 95.67
CA TRP A 415 94.32 69.24 96.51
C TRP A 415 93.59 68.87 97.79
N GLU A 416 93.89 67.70 98.33
CA GLU A 416 93.26 67.20 99.54
C GLU A 416 94.24 67.30 100.69
N LYS A 417 93.82 67.95 101.79
CA LYS A 417 94.65 68.07 102.98
C LYS A 417 94.20 67.05 104.00
N GLU A 418 95.00 66.01 104.17
CA GLU A 418 94.79 65.04 105.23
C GLU A 418 95.48 65.51 106.50
N LEU A 419 94.99 65.02 107.63
CA LEU A 419 95.46 65.42 108.95
C LEU A 419 95.92 64.19 109.73
N PRO A 420 96.78 64.37 110.74
CA PRO A 420 97.18 63.21 111.55
C PRO A 420 96.01 62.68 112.34
N PRO A 421 96.03 61.38 112.69
CA PRO A 421 94.85 60.76 113.29
C PRO A 421 94.56 61.28 114.69
N GLY A 422 93.27 61.45 114.97
CA GLY A 422 92.84 62.03 116.22
C GLY A 422 92.66 63.54 116.17
N VAL A 423 93.29 64.21 115.21
CA VAL A 423 93.14 65.66 115.09
C VAL A 423 91.76 66.00 114.52
N GLU A 424 91.25 65.18 113.60
CA GLU A 424 89.90 65.37 113.08
C GLU A 424 88.86 65.16 114.17
N GLU A 425 89.11 64.21 115.07
CA GLU A 425 88.24 64.01 116.23
C GLU A 425 88.25 65.23 117.13
N LEU A 426 89.38 65.94 117.20
CA LEU A 426 89.40 67.17 117.98
C LEU A 426 88.73 68.32 117.25
N LEU A 427 88.73 68.29 115.92
CA LEU A 427 88.11 69.38 115.19
C LEU A 427 86.59 69.28 115.18
N ASN A 428 86.04 68.10 114.95
CA ASN A 428 84.58 68.03 114.82
C ASN A 428 83.87 67.94 116.17
N LYS A 429 84.41 67.18 117.12
CA LYS A 429 83.76 66.98 118.40
C LYS A 429 83.90 68.19 119.32
N GLY A 430 85.14 68.54 119.67
CA GLY A 430 85.34 69.62 120.61
C GLY A 430 85.26 70.97 119.94
N GLN A 431 84.12 71.64 120.11
CA GLN A 431 83.91 72.92 119.46
C GLN A 431 84.51 74.06 120.27
N ASP A 432 84.00 74.26 121.48
CA ASP A 432 84.41 75.37 122.34
C ASP A 432 85.00 74.81 123.62
N PRO A 433 86.33 74.72 123.74
CA PRO A 433 86.94 74.20 124.98
C PRO A 433 86.71 75.05 126.22
N LEU A 434 86.23 76.29 126.10
CA LEU A 434 85.71 76.95 127.29
C LEU A 434 84.33 76.43 127.66
N ALA A 435 83.57 75.99 126.66
CA ALA A 435 82.25 75.48 126.92
C ALA A 435 82.39 74.06 127.44
N ASP A 436 82.51 73.13 126.50
CA ASP A 436 82.62 71.71 126.82
C ASP A 436 84.03 71.22 127.17
N ARG A 437 84.64 71.81 128.18
CA ARG A 437 85.96 71.39 128.61
C ARG A 437 85.79 70.40 129.75
N GLY A 438 84.56 70.24 130.22
CA GLY A 438 84.25 69.36 131.32
C GLY A 438 84.65 67.92 131.07
N GLU A 439 84.45 67.46 129.84
CA GLU A 439 84.81 66.09 129.49
C GLU A 439 85.88 66.08 128.41
N LEU A 449 81.31 61.54 112.52
CA LEU A 449 80.11 62.12 111.95
C LEU A 449 80.17 62.08 110.42
N ALA A 450 79.64 63.13 109.78
CA ALA A 450 79.79 63.27 108.35
C ALA A 450 81.25 63.58 108.01
N PRO A 451 81.73 63.11 106.85
CA PRO A 451 83.12 63.39 106.48
C PRO A 451 83.31 64.85 106.12
N ARG A 452 84.54 65.32 106.32
CA ARG A 452 84.87 66.70 105.99
C ARG A 452 85.37 66.77 104.57
N ASN A 453 85.26 67.96 103.97
CA ASN A 453 85.74 68.16 102.62
C ASN A 453 87.24 68.39 102.71
N LYS A 454 88.02 67.44 102.17
CA LYS A 454 89.48 67.49 102.26
C LYS A 454 90.06 68.65 101.48
N THR A 455 89.31 69.21 100.54
CA THR A 455 89.81 70.28 99.70
C THR A 455 89.62 71.66 100.32
N ARG A 456 88.86 71.78 101.41
CA ARG A 456 88.63 73.07 102.03
C ARG A 456 89.73 73.39 103.03
N VAL A 457 89.96 74.69 103.22
CA VAL A 457 90.92 75.20 104.20
C VAL A 457 90.51 74.73 105.59
N VAL A 458 91.38 73.97 106.23
CA VAL A 458 91.12 73.41 107.55
C VAL A 458 91.33 74.51 108.57
N SER A 459 90.32 74.76 109.40
CA SER A 459 90.36 75.90 110.30
C SER A 459 89.72 75.57 111.64
N TYR A 460 90.03 76.41 112.62
CA TYR A 460 89.66 76.18 114.01
C TYR A 460 89.50 77.51 114.72
N ARG A 461 88.53 77.58 115.63
CA ARG A 461 88.17 78.81 116.32
C ARG A 461 88.71 78.74 117.74
N VAL A 462 89.78 79.49 118.01
CA VAL A 462 90.43 79.51 119.32
C VAL A 462 89.56 80.32 120.27
N PRO A 463 89.28 79.80 121.47
CA PRO A 463 88.39 80.51 122.40
C PRO A 463 89.03 81.73 123.04
N HIS A 464 88.28 82.41 123.90
CA HIS A 464 88.83 83.50 124.69
C HIS A 464 89.72 82.93 125.78
N ASN A 465 90.83 83.63 126.05
CA ASN A 465 91.89 83.20 126.98
C ASN A 465 92.41 81.82 126.60
N ALA A 466 92.99 81.73 125.41
CA ALA A 466 93.54 80.47 124.92
C ALA A 466 94.59 80.77 123.88
N ALA A 467 95.38 79.75 123.57
CA ALA A 467 96.36 79.87 122.50
C ALA A 467 96.58 78.52 121.83
N VAL A 468 97.04 78.57 120.58
CA VAL A 468 97.46 77.41 119.81
C VAL A 468 98.86 77.67 119.28
N GLN A 469 99.60 76.59 119.07
CA GLN A 469 100.89 76.64 118.39
C GLN A 469 100.73 75.93 117.06
N VAL A 470 101.35 76.47 116.02
CA VAL A 470 101.24 75.93 114.68
C VAL A 470 102.52 76.26 113.92
N TYR A 471 103.17 75.23 113.37
CA TYR A 471 104.43 75.40 112.67
C TYR A 471 104.24 75.09 111.19
N ASP A 472 104.69 76.01 110.35
CA ASP A 472 104.67 75.81 108.91
C ASP A 472 105.90 75.01 108.52
N TYR A 473 105.71 73.71 108.29
CA TYR A 473 106.81 72.81 107.96
C TYR A 473 107.46 73.14 106.62
N ARG A 474 106.73 73.80 105.72
CA ARG A 474 107.30 74.18 104.43
C ARG A 474 108.08 75.48 104.52
N GLU A 475 107.41 76.58 104.87
CA GLU A 475 108.04 77.89 104.89
C GLU A 475 108.96 78.11 106.08
N LYS A 476 109.02 77.15 107.01
CA LYS A 476 109.90 77.13 108.18
C LYS A 476 109.66 78.35 109.08
N ARG A 477 108.46 78.38 109.65
CA ARG A 477 108.04 79.52 110.45
C ARG A 477 106.96 79.09 111.44
N ALA A 478 107.22 79.29 112.73
CA ALA A 478 106.26 79.00 113.79
C ALA A 478 105.46 80.24 114.16
N ARG A 479 104.28 80.01 114.71
CA ARG A 479 103.47 81.11 115.22
C ARG A 479 102.54 80.59 116.32
N VAL A 480 102.39 81.41 117.35
CA VAL A 480 101.49 81.16 118.46
C VAL A 480 100.37 82.18 118.38
N VAL A 481 99.14 81.71 118.24
CA VAL A 481 97.98 82.57 118.02
C VAL A 481 97.22 82.69 119.32
N PHE A 482 97.06 83.91 119.80
CA PHE A 482 96.36 84.15 121.05
C PHE A 482 94.93 84.61 120.82
N GLY A 483 94.23 84.77 121.94
CA GLY A 483 92.95 85.42 121.96
C GLY A 483 91.87 84.61 121.30
N PRO A 484 90.74 85.27 121.02
CA PRO A 484 89.63 84.58 120.35
C PRO A 484 89.70 84.54 118.84
N GLU A 485 90.88 84.72 118.24
CA GLU A 485 91.07 84.69 116.80
C GLU A 485 90.72 83.32 116.21
N LEU A 486 90.35 83.32 114.93
CA LEU A 486 90.12 82.11 114.14
C LEU A 486 91.39 81.75 113.39
N VAL A 487 91.87 80.53 113.59
CA VAL A 487 93.13 80.06 112.99
C VAL A 487 92.80 79.24 111.76
N SER A 488 93.46 79.55 110.65
CA SER A 488 93.31 78.79 109.41
C SER A 488 94.68 78.28 108.98
N LEU A 489 94.76 76.99 108.68
CA LEU A 489 96.05 76.39 108.35
C LEU A 489 96.43 76.68 106.90
N GLY A 490 97.72 76.88 106.69
CA GLY A 490 98.26 76.81 105.36
C GLY A 490 98.30 75.39 104.85
N PRO A 491 98.83 75.23 103.64
CA PRO A 491 98.83 73.88 103.01
C PRO A 491 99.74 72.87 103.72
N GLU A 492 100.75 73.31 104.47
CA GLU A 492 101.66 72.41 105.15
C GLU A 492 101.74 72.64 106.66
N GLU A 493 100.93 73.51 107.22
CA GLU A 493 100.98 73.76 108.64
C GLU A 493 100.25 72.66 109.39
N GLN A 494 100.59 72.48 110.67
CA GLN A 494 99.98 71.47 111.51
C GLN A 494 99.71 72.03 112.90
N PHE A 495 98.85 71.36 113.65
CA PHE A 495 98.59 71.74 115.02
C PHE A 495 99.52 71.00 115.96
N THR A 496 99.74 71.58 117.15
CA THR A 496 100.43 70.90 118.24
C THR A 496 99.37 70.38 119.21
N VAL A 497 99.12 69.08 119.19
CA VAL A 497 98.12 68.46 120.03
C VAL A 497 98.71 68.24 121.41
N LEU A 498 98.03 68.73 122.43
CA LEU A 498 98.49 68.62 123.81
C LEU A 498 97.85 67.43 124.49
N SER A 499 98.67 66.50 124.95
CA SER A 499 98.22 65.37 125.76
C SER A 499 98.34 65.78 127.22
N LEU A 500 97.20 65.91 127.90
CA LEU A 500 97.18 66.45 129.25
C LEU A 500 96.81 65.38 130.26
N SER A 501 96.72 65.78 131.52
CA SER A 501 96.33 64.90 132.61
C SER A 501 94.97 65.33 133.14
N ALA A 502 94.20 64.35 133.62
CA ALA A 502 92.86 64.59 134.12
C ALA A 502 92.49 63.44 135.05
N GLY A 503 91.24 63.43 135.49
CA GLY A 503 90.76 62.39 136.38
C GLY A 503 90.75 62.83 137.83
N ARG A 504 90.24 61.95 138.66
CA ARG A 504 90.12 62.26 140.09
C ARG A 504 91.44 62.05 140.84
N PRO A 505 92.25 60.96 140.62
CA PRO A 505 93.59 60.98 141.20
C PRO A 505 94.64 61.59 140.27
N LYS A 506 94.19 62.30 139.22
CA LYS A 506 95.04 62.94 138.21
C LYS A 506 95.96 61.93 137.51
N ARG A 507 95.36 61.01 136.76
CA ARG A 507 96.13 60.12 135.92
C ARG A 507 96.69 60.88 134.72
N PRO A 508 97.77 60.42 134.11
CA PRO A 508 98.28 61.08 132.90
C PRO A 508 97.61 60.51 131.66
N HIS A 509 97.71 61.29 130.57
CA HIS A 509 97.18 60.96 129.24
C HIS A 509 95.67 60.70 129.28
N ALA A 510 94.92 61.64 129.83
CA ALA A 510 93.49 61.46 130.01
C ALA A 510 92.64 62.50 129.29
N ARG A 511 93.25 63.52 128.71
CA ARG A 511 92.47 64.54 128.00
C ARG A 511 93.36 65.15 126.93
N ARG A 512 93.19 64.72 125.69
CA ARG A 512 93.90 65.31 124.57
C ARG A 512 93.15 66.56 124.12
N ALA A 513 93.88 67.62 123.86
CA ALA A 513 93.28 68.88 123.48
C ALA A 513 94.09 69.50 122.38
N LEU A 514 93.59 70.60 121.85
CA LEU A 514 94.19 71.23 120.68
C LEU A 514 94.64 72.65 120.96
N CYS A 515 93.89 73.38 121.76
CA CYS A 515 94.29 74.74 122.09
C CYS A 515 94.69 74.76 123.56
N LEU A 516 95.42 75.79 123.95
CA LEU A 516 95.85 75.92 125.33
C LEU A 516 95.05 77.04 125.98
N LEU A 517 94.37 76.74 127.07
CA LEU A 517 93.58 77.73 127.78
C LEU A 517 94.48 78.30 128.86
N LEU A 518 94.70 79.60 128.88
CA LEU A 518 95.59 80.10 129.90
C LEU A 518 94.85 81.03 130.83
N GLY A 519 93.69 80.60 131.31
CA GLY A 519 92.95 81.51 132.15
C GLY A 519 93.04 81.13 133.61
N PRO A 520 92.48 81.96 134.48
CA PRO A 520 92.45 81.62 135.90
C PRO A 520 91.49 80.50 136.22
N ASP A 521 91.88 79.27 135.92
CA ASP A 521 91.08 78.10 136.22
C ASP A 521 91.55 77.49 137.54
N PHE A 522 91.05 76.30 137.86
CA PHE A 522 91.66 75.49 138.90
C PHE A 522 91.50 74.02 138.55
N PHE A 523 92.38 73.21 139.12
CA PHE A 523 92.24 71.76 139.04
C PHE A 523 92.45 71.19 140.43
N THR A 524 91.78 70.07 140.68
CA THR A 524 91.71 69.50 142.01
C THR A 524 92.29 68.09 142.01
N ASP A 525 93.07 67.79 143.05
CA ASP A 525 93.83 66.55 143.12
C ASP A 525 93.59 65.91 144.48
N VAL A 526 93.81 64.60 144.55
CA VAL A 526 93.63 63.80 145.76
C VAL A 526 94.97 63.24 146.17
N ILE A 527 95.44 63.62 147.36
CA ILE A 527 96.81 63.34 147.80
C ILE A 527 96.73 62.49 149.06
N THR A 528 97.29 61.28 149.02
CA THR A 528 97.41 60.42 150.19
C THR A 528 98.78 60.63 150.81
N ILE A 529 98.79 61.08 152.07
CA ILE A 529 100.02 61.38 152.79
C ILE A 529 100.04 60.61 154.10
N GLU A 530 101.13 60.75 154.84
CA GLU A 530 101.32 60.07 156.11
C GLU A 530 102.20 60.93 157.00
N THR A 531 101.83 61.03 158.27
CA THR A 531 102.45 61.97 159.19
C THR A 531 103.55 61.30 160.00
N ALA A 532 104.17 62.08 160.90
CA ALA A 532 105.24 61.57 161.74
C ALA A 532 104.73 60.59 162.80
N ASP A 533 103.44 60.58 163.07
CA ASP A 533 102.82 59.57 163.92
C ASP A 533 102.36 58.36 163.13
N HIS A 534 102.71 58.30 161.84
CA HIS A 534 102.29 57.26 160.89
C HIS A 534 100.78 57.20 160.75
N ALA A 535 100.14 58.36 160.61
CA ALA A 535 98.72 58.45 160.34
C ALA A 535 98.51 58.62 158.84
N ARG A 536 98.06 57.56 158.19
CA ARG A 536 97.74 57.65 156.77
C ARG A 536 96.38 58.30 156.59
N LEU A 537 96.34 59.34 155.76
CA LEU A 537 95.15 60.14 155.58
C LEU A 537 95.23 60.82 154.22
N GLN A 538 94.10 60.96 153.56
CA GLN A 538 94.09 61.52 152.21
C GLN A 538 93.41 62.87 152.16
N LEU A 539 93.82 63.67 151.18
CA LEU A 539 93.44 65.06 151.07
C LEU A 539 92.68 65.29 149.77
N GLN A 540 92.04 66.46 149.71
CA GLN A 540 91.46 66.99 148.48
C GLN A 540 91.83 68.46 148.41
N LEU A 541 92.60 68.82 147.39
CA LEU A 541 93.17 70.15 147.29
C LEU A 541 92.61 70.81 146.04
N ALA A 542 92.85 72.12 145.90
CA ALA A 542 92.33 72.87 144.77
C ALA A 542 93.34 73.96 144.43
N TYR A 543 93.70 74.09 143.17
CA TYR A 543 94.92 74.78 142.75
C TYR A 543 94.56 75.90 141.77
N ASN A 544 94.46 77.14 142.26
CA ASN A 544 94.22 78.26 141.37
C ASN A 544 95.49 78.57 140.59
N TRP A 545 95.43 78.44 139.27
CA TRP A 545 96.57 78.71 138.40
C TRP A 545 96.18 79.63 137.25
N HIS A 546 97.18 80.31 136.70
CA HIS A 546 97.06 80.94 135.39
C HIS A 546 98.46 81.06 134.79
N PHE A 547 98.51 81.42 133.52
CA PHE A 547 99.75 81.67 132.82
C PHE A 547 100.07 83.15 132.76
N GLU A 548 101.29 83.50 133.09
CA GLU A 548 101.76 84.88 133.02
C GLU A 548 102.49 85.05 131.70
N VAL A 549 101.80 85.59 130.71
CA VAL A 549 102.37 85.89 129.40
C VAL A 549 102.63 87.39 129.41
N ASN A 550 103.90 87.77 129.53
CA ASN A 550 104.25 89.19 129.66
C ASN A 550 104.05 89.92 128.35
N ASP A 551 104.54 89.34 127.25
CA ASP A 551 104.34 89.90 125.92
C ASP A 551 103.81 88.79 125.03
N ARG A 552 102.68 89.04 124.39
CA ARG A 552 102.13 88.09 123.43
C ARG A 552 102.75 88.24 122.05
N LYS A 553 103.58 89.26 121.84
CA LYS A 553 104.29 89.44 120.58
C LYS A 553 105.68 88.84 120.58
N ASP A 554 106.15 88.35 121.72
CA ASP A 554 107.49 87.79 121.83
C ASP A 554 107.50 86.36 121.29
N PRO A 555 108.29 86.05 120.26
CA PRO A 555 108.32 84.67 119.77
C PRO A 555 109.00 83.68 120.71
N GLN A 556 109.84 84.17 121.63
CA GLN A 556 110.56 83.26 122.51
C GLN A 556 109.84 83.01 123.82
N GLU A 557 109.17 84.03 124.37
CA GLU A 557 108.40 83.82 125.58
C GLU A 557 107.17 82.96 125.33
N THR A 558 106.42 83.28 124.29
CA THR A 558 105.19 82.58 123.98
C THR A 558 105.42 81.16 123.48
N ALA A 559 106.63 80.85 123.03
CA ALA A 559 106.96 79.47 122.72
C ALA A 559 107.08 78.61 123.97
N LYS A 560 107.33 79.22 125.13
CA LYS A 560 107.58 78.45 126.34
C LYS A 560 106.31 77.93 126.98
N LEU A 561 105.13 78.35 126.52
CA LEU A 561 103.89 77.78 127.05
C LEU A 561 103.73 76.33 126.63
N PHE A 562 104.36 75.95 125.52
CA PHE A 562 104.31 74.60 124.99
C PHE A 562 105.62 73.85 125.23
N SER A 563 106.47 74.44 126.07
CA SER A 563 107.76 73.87 126.42
C SER A 563 107.54 72.71 127.37
N VAL A 564 106.44 72.74 128.07
CA VAL A 564 106.06 71.73 129.03
C VAL A 564 104.73 71.19 128.54
N PRO A 565 104.76 70.06 127.82
CA PRO A 565 103.51 69.47 127.29
C PRO A 565 102.54 68.72 128.22
N ASP A 566 102.56 68.98 129.52
CA ASP A 566 101.62 68.36 130.45
C ASP A 566 101.71 69.19 131.70
N PHE A 567 101.17 70.39 131.63
CA PHE A 567 101.31 71.38 132.67
C PHE A 567 100.48 71.06 133.91
N VAL A 568 99.56 70.11 133.83
CA VAL A 568 98.70 69.75 134.93
C VAL A 568 99.31 68.63 135.76
N GLY A 569 99.81 67.57 135.11
CA GLY A 569 100.42 66.48 135.85
C GLY A 569 101.71 66.89 136.53
N ASP A 570 102.45 67.80 135.90
CA ASP A 570 103.69 68.32 136.46
C ASP A 570 103.45 69.07 137.76
N ALA A 571 102.59 70.08 137.72
CA ALA A 571 102.28 70.88 138.90
C ALA A 571 101.62 70.07 140.00
N CYS A 572 100.77 69.11 139.62
CA CYS A 572 100.08 68.36 140.67
C CYS A 572 101.02 67.39 141.36
N LYS A 573 101.95 66.73 140.62
CA LYS A 573 102.91 65.88 141.32
C LYS A 573 103.93 66.72 142.10
N ALA A 574 104.19 67.96 141.66
CA ALA A 574 105.16 68.79 142.36
C ALA A 574 104.62 69.25 143.70
N ILE A 575 103.36 69.73 143.70
CA ILE A 575 102.72 70.11 144.94
C ILE A 575 102.44 68.88 145.82
N ALA A 576 102.20 67.72 145.21
CA ALA A 576 102.03 66.49 145.98
C ALA A 576 103.32 66.12 146.72
N SER A 577 104.47 66.22 146.04
CA SER A 577 105.75 65.94 146.66
C SER A 577 106.05 66.94 147.78
N ARG A 578 105.76 68.22 147.56
CA ARG A 578 106.04 69.24 148.56
C ARG A 578 105.21 69.04 149.82
N VAL A 579 103.89 68.90 149.66
CA VAL A 579 102.99 68.71 150.80
C VAL A 579 103.31 67.40 151.51
N ARG A 580 103.51 66.34 150.75
CA ARG A 580 103.83 65.05 151.33
C ARG A 580 105.12 65.10 152.13
N GLY A 581 106.10 65.85 151.63
CA GLY A 581 107.37 65.94 152.32
C GLY A 581 107.30 66.76 153.58
N ALA A 582 106.56 67.87 153.55
CA ALA A 582 106.51 68.71 154.74
C ALA A 582 105.63 68.15 155.84
N VAL A 583 104.58 67.40 155.51
CA VAL A 583 103.70 66.93 156.56
C VAL A 583 104.29 65.70 157.26
N ALA A 584 105.19 64.98 156.59
CA ALA A 584 105.79 63.75 157.11
C ALA A 584 106.61 63.95 158.37
N SER A 585 107.02 65.18 158.68
CA SER A 585 107.74 65.49 159.90
C SER A 585 106.88 66.25 160.90
N VAL A 586 105.55 66.24 160.72
CA VAL A 586 104.62 66.95 161.60
C VAL A 586 103.68 65.92 162.20
N THR A 587 103.49 65.98 163.51
CA THR A 587 102.61 65.06 164.22
C THR A 587 101.15 65.27 163.83
N PHE A 588 100.31 64.32 164.25
CA PHE A 588 98.92 64.29 163.80
C PHE A 588 98.08 65.39 164.43
N ASP A 589 98.30 65.69 165.71
CA ASP A 589 97.49 66.71 166.38
C ASP A 589 97.80 68.09 165.85
N ASP A 590 99.08 68.41 165.65
CA ASP A 590 99.47 69.70 165.10
C ASP A 590 98.94 69.88 163.70
N PHE A 591 98.96 68.80 162.90
CA PHE A 591 98.45 68.87 161.55
C PHE A 591 96.95 69.07 161.53
N HIS A 592 96.22 68.34 162.38
CA HIS A 592 94.77 68.48 162.45
C HIS A 592 94.35 69.87 162.90
N LYS A 593 95.07 70.46 163.84
CA LYS A 593 94.69 71.78 164.30
C LYS A 593 95.22 72.91 163.44
N ASN A 594 96.22 72.67 162.58
CA ASN A 594 96.86 73.78 161.86
C ASN A 594 97.06 73.49 160.39
N SER A 595 96.24 72.62 159.79
CA SER A 595 96.54 72.08 158.46
C SER A 595 96.42 73.12 157.35
N ALA A 596 95.86 74.29 157.63
CA ALA A 596 95.85 75.35 156.61
C ALA A 596 97.24 75.94 156.44
N ARG A 597 97.87 76.28 157.57
CA ARG A 597 99.17 76.95 157.54
C ARG A 597 100.27 75.99 157.10
N ILE A 598 100.16 74.72 157.49
CA ILE A 598 101.13 73.70 157.12
C ILE A 598 101.20 73.56 155.60
N ILE A 599 100.04 73.42 154.96
CA ILE A 599 100.01 73.19 153.53
C ILE A 599 100.29 74.48 152.77
N ARG A 600 99.84 75.62 153.28
CA ARG A 600 100.14 76.88 152.62
C ARG A 600 101.62 77.22 152.70
N THR A 601 102.32 76.74 153.74
CA THR A 601 103.76 76.93 153.81
C THR A 601 104.48 75.87 152.98
N ALA A 602 103.92 74.66 152.88
CA ALA A 602 104.53 73.60 152.10
C ALA A 602 104.52 73.91 150.61
N VAL A 603 103.43 74.50 150.11
CA VAL A 603 103.32 74.77 148.68
C VAL A 603 104.19 75.95 148.29
N PHE A 604 104.02 77.06 148.98
CA PHE A 604 104.74 78.28 148.65
C PHE A 604 106.09 78.26 149.36
N GLY A 605 106.78 79.39 149.36
CA GLY A 605 108.07 79.45 150.02
C GLY A 605 108.26 80.74 150.79
N PHE A 606 109.46 81.31 150.71
CA PHE A 606 109.79 82.52 151.45
C PHE A 606 110.56 83.52 150.60
N ARG A 623 106.03 83.59 150.45
CA ARG A 623 105.63 83.95 149.10
C ARG A 623 104.14 83.72 148.86
N ASP A 624 103.52 84.62 148.09
CA ASP A 624 102.09 84.53 147.79
C ASP A 624 101.78 83.58 146.65
N GLN A 625 102.70 83.38 145.72
CA GLN A 625 102.45 82.63 144.51
C GLN A 625 103.57 81.64 144.29
N ALA A 626 103.25 80.53 143.62
CA ALA A 626 104.21 79.49 143.28
C ALA A 626 104.39 79.50 141.76
N VAL A 627 105.32 80.30 141.28
CA VAL A 627 105.58 80.41 139.85
C VAL A 627 106.43 79.21 139.40
N PHE A 628 106.14 78.72 138.20
CA PHE A 628 106.88 77.62 137.57
C PHE A 628 107.54 78.14 136.30
N PRO A 629 108.83 78.49 136.33
CA PRO A 629 109.39 79.34 135.26
C PRO A 629 109.72 78.62 133.97
N GLN A 630 109.54 77.29 133.90
CA GLN A 630 109.72 76.58 132.63
C GLN A 630 108.67 77.00 131.61
N ASN A 631 107.44 77.28 132.07
CA ASN A 631 106.37 77.67 131.17
C ASN A 631 105.60 78.91 131.60
N GLY A 632 105.87 79.48 132.76
CA GLY A 632 105.19 80.67 133.21
C GLY A 632 103.94 80.43 134.02
N LEU A 633 103.78 79.23 134.56
CA LEU A 633 102.55 78.86 135.25
C LEU A 633 102.66 79.24 136.72
N VAL A 634 101.92 80.26 137.14
CA VAL A 634 101.88 80.59 138.54
C VAL A 634 100.77 79.78 139.17
N VAL A 635 100.91 79.51 140.46
CA VAL A 635 99.84 78.94 141.27
C VAL A 635 99.60 79.93 142.40
N SER A 636 98.42 80.53 142.43
CA SER A 636 98.14 81.65 143.31
C SER A 636 97.43 81.24 144.59
N SER A 637 96.92 80.01 144.67
CA SER A 637 96.19 79.62 145.86
C SER A 637 96.16 78.11 145.98
N VAL A 638 95.99 77.65 147.21
CA VAL A 638 95.69 76.25 147.49
C VAL A 638 94.50 76.24 148.46
N ASP A 639 93.59 75.30 148.25
CA ASP A 639 92.33 75.25 148.98
C ASP A 639 92.10 73.80 149.42
N VAL A 640 92.33 73.51 150.68
CA VAL A 640 92.14 72.16 151.18
C VAL A 640 90.65 71.96 151.47
N GLN A 641 90.14 70.79 151.10
CA GLN A 641 88.71 70.53 151.11
C GLN A 641 88.33 69.46 152.12
N SER A 642 88.92 68.28 152.04
CA SER A 642 88.59 67.17 152.93
C SER A 642 89.85 66.47 153.37
N VAL A 643 90.06 66.40 154.69
CA VAL A 643 91.16 65.66 155.28
C VAL A 643 90.53 64.60 156.18
N GLU A 644 90.65 63.35 155.78
CA GLU A 644 90.11 62.26 156.59
C GLU A 644 91.11 61.11 156.60
N PRO A 645 91.14 60.33 157.67
CA PRO A 645 92.03 59.17 157.71
C PRO A 645 91.58 58.08 156.77
N VAL A 646 92.56 57.40 156.18
CA VAL A 646 92.29 56.23 155.35
C VAL A 646 91.80 55.08 156.22
N ASP A 647 92.35 54.95 157.41
CA ASP A 647 92.03 53.83 158.28
C ASP A 647 90.76 54.12 159.07
N GLN A 648 89.86 53.14 159.10
CA GLN A 648 88.59 53.29 159.79
C GLN A 648 88.75 53.26 161.31
N ARG A 649 89.73 52.50 161.79
CA ARG A 649 90.00 52.41 163.22
C ARG A 649 90.38 53.77 163.78
N THR A 650 91.11 54.54 163.00
CA THR A 650 91.52 55.89 163.40
C THR A 650 90.30 56.79 163.63
N ARG A 651 89.36 56.78 162.69
CA ARG A 651 88.14 57.58 162.82
C ARG A 651 87.29 57.11 164.00
N ASP A 652 87.25 55.79 164.20
CA ASP A 652 86.53 55.23 165.35
C ASP A 652 87.19 55.62 166.67
N ALA A 653 88.51 55.74 166.70
CA ALA A 653 89.19 56.21 167.88
C ALA A 653 88.93 57.69 168.14
N LEU A 654 88.75 58.48 167.08
CA LEU A 654 88.47 59.91 167.27
C LEU A 654 87.03 60.16 167.73
N GLN A 655 86.11 59.25 167.40
CA GLN A 655 84.74 59.37 167.90
C GLN A 655 84.68 59.26 169.42
N ARG A 656 85.54 58.45 170.02
CA ARG A 656 85.59 58.38 171.48
C ARG A 656 86.14 59.67 172.07
N SER A 657 87.04 60.34 171.35
CA SER A 657 87.53 61.64 171.79
C SER A 657 86.45 62.70 171.80
N VAL A 658 85.60 62.71 170.76
CA VAL A 658 84.56 63.75 170.75
C VAL A 658 83.47 63.45 171.79
N GLN A 659 83.16 62.17 172.05
CA GLN A 659 82.16 61.89 173.07
C GLN A 659 82.70 62.16 174.47
N LEU A 660 84.02 62.00 174.66
CA LEU A 660 84.59 62.41 175.93
C LEU A 660 84.57 63.93 176.10
N ALA A 661 84.76 64.70 175.02
CA ALA A 661 84.64 66.16 175.12
C ALA A 661 83.24 66.60 175.52
N ILE A 662 82.22 65.92 174.98
CA ILE A 662 80.84 66.25 175.33
C ILE A 662 80.54 65.92 176.78
N GLU A 663 81.03 64.76 177.26
CA GLU A 663 80.84 64.39 178.66
C GLU A 663 81.54 65.36 179.60
N ILE A 664 82.70 65.89 179.19
CA ILE A 664 83.39 66.90 179.98
C ILE A 664 82.57 68.17 180.07
N THR A 665 81.93 68.57 178.98
CA THR A 665 81.15 69.81 179.00
C THR A 665 79.91 69.68 179.89
N THR A 666 79.24 68.52 179.87
CA THR A 666 78.08 68.32 180.73
C THR A 666 78.48 68.25 182.20
N ASN A 667 79.62 67.62 182.51
CA ASN A 667 80.10 67.59 183.88
C ASN A 667 80.44 69.01 184.38
N SER A 668 80.97 69.85 183.50
CA SER A 668 81.28 71.22 183.88
C SER A 668 80.03 72.03 184.20
N GLN A 669 78.97 71.88 183.39
CA GLN A 669 77.75 72.64 183.69
C GLN A 669 77.07 72.11 184.96
N GLU A 670 77.17 70.80 185.23
CA GLU A 670 76.57 70.27 186.45
C GLU A 670 77.31 70.73 187.69
N ALA A 671 78.64 70.85 187.60
CA ALA A 671 79.40 71.37 188.72
C ALA A 671 79.12 72.84 188.98
N ALA A 672 78.97 73.63 187.91
CA ALA A 672 78.62 75.04 188.09
C ALA A 672 77.24 75.21 188.73
N ALA A 673 76.29 74.36 188.33
CA ALA A 673 74.95 74.41 188.93
C ALA A 673 74.99 74.00 190.39
N LYS A 674 75.81 73.00 190.73
CA LYS A 674 75.91 72.56 192.12
C LYS A 674 76.50 73.65 193.00
N HIS A 675 77.49 74.38 192.49
CA HIS A 675 78.10 75.41 193.31
C HIS A 675 77.18 76.62 193.48
N GLU A 676 76.35 76.92 192.46
CA GLU A 676 75.38 78.00 192.64
C GLU A 676 74.29 77.62 193.62
N ALA A 677 73.86 76.35 193.58
CA ALA A 677 72.89 75.84 194.55
C ALA A 677 73.42 75.93 195.97
N GLN A 678 74.69 75.59 196.17
CA GLN A 678 75.27 75.65 197.52
C GLN A 678 75.42 77.09 198.00
N ARG A 679 75.71 78.03 197.09
CA ARG A 679 75.79 79.42 197.52
C ARG A 679 74.44 79.97 197.97
N LEU A 680 73.38 79.69 197.20
CA LEU A 680 72.05 80.17 197.58
C LEU A 680 71.57 79.50 198.87
N GLU A 681 71.87 78.21 199.04
CA GLU A 681 71.51 77.49 200.25
C GLU A 681 72.16 78.10 201.48
N GLN A 682 73.46 78.42 201.40
CA GLN A 682 74.13 79.01 202.56
C GLN A 682 73.64 80.42 202.85
N GLU A 683 73.30 81.20 201.81
CA GLU A 683 72.80 82.55 202.04
C GLU A 683 71.45 82.54 202.75
N ALA A 684 70.56 81.63 202.33
CA ALA A 684 69.27 81.49 202.99
C ALA A 684 69.42 81.01 204.43
N ARG A 685 70.35 80.07 204.67
CA ARG A 685 70.59 79.58 206.02
C ARG A 685 71.08 80.69 206.95
N GLY A 686 71.95 81.56 206.44
CA GLY A 686 72.47 82.65 207.25
C GLY A 686 71.41 83.68 207.61
N ARG A 687 70.55 84.02 206.64
CA ARG A 687 69.44 84.92 206.95
C ARG A 687 68.46 84.30 207.95
N LEU A 688 68.22 82.99 207.83
CA LEU A 688 67.33 82.31 208.76
C LEU A 688 67.88 82.32 210.19
N GLU A 689 69.19 82.14 210.34
CA GLU A 689 69.76 82.15 211.69
C GLU A 689 69.71 83.53 212.32
N ARG A 690 70.02 84.58 211.53
CA ARG A 690 69.92 85.93 212.06
C ARG A 690 68.48 86.29 212.44
N GLN A 691 67.50 85.79 211.68
CA GLN A 691 66.12 86.07 212.02
C GLN A 691 65.67 85.31 213.28
N LYS A 692 66.15 84.08 213.49
CA LYS A 692 65.81 83.36 214.72
C LYS A 692 66.36 84.07 215.95
N ILE A 693 67.57 84.61 215.86
CA ILE A 693 68.12 85.37 216.99
C ILE A 693 67.33 86.67 217.22
N LEU A 694 66.85 87.30 216.16
CA LEU A 694 66.04 88.51 216.34
C LEU A 694 64.67 88.20 216.98
N ASP A 695 64.07 87.07 216.62
CA ASP A 695 62.82 86.65 217.25
C ASP A 695 63.01 86.33 218.72
N GLN A 696 64.13 85.68 219.07
CA GLN A 696 64.44 85.44 220.47
C GLN A 696 64.68 86.73 221.23
N SER A 697 65.19 87.76 220.56
CA SER A 697 65.35 89.07 221.18
C SER A 697 64.02 89.70 221.54
N GLU A 698 63.04 89.63 220.62
CA GLU A 698 61.71 90.18 220.92
C GLU A 698 61.02 89.40 222.04
N ALA A 699 61.16 88.07 222.03
CA ALA A 699 60.59 87.24 223.07
C ALA A 699 61.20 87.56 224.43
N GLU A 700 62.50 87.86 224.49
CA GLU A 700 63.09 88.25 225.77
C GLU A 700 62.64 89.63 226.21
N LYS A 701 62.38 90.54 225.25
CA LYS A 701 61.85 91.87 225.59
C LYS A 701 60.50 91.78 226.28
N ALA A 702 59.65 90.83 225.89
CA ALA A 702 58.38 90.69 226.61
C ALA A 702 58.52 89.83 227.87
N ARG A 703 59.44 88.86 227.84
CA ARG A 703 59.65 87.95 228.97
C ARG A 703 60.17 88.68 230.20
N LYS A 704 60.86 89.81 230.01
CA LYS A 704 61.28 90.64 231.14
C LYS A 704 60.09 91.15 231.95
N GLU A 705 59.05 91.63 231.27
CA GLU A 705 57.86 92.13 231.97
C GLU A 705 57.07 91.00 232.61
N LEU A 706 57.01 89.84 231.94
CA LEU A 706 56.41 88.66 232.56
C LEU A 706 57.12 88.29 233.87
N LEU A 707 58.45 88.34 233.90
CA LEU A 707 59.18 88.01 235.11
C LEU A 707 58.99 89.06 236.21
N GLU A 708 58.80 90.32 235.83
CA GLU A 708 58.49 91.35 236.83
C GLU A 708 57.15 91.08 237.52
N LEU A 709 56.13 90.73 236.72
CA LEU A 709 54.82 90.45 237.31
C LEU A 709 54.84 89.18 238.17
N GLU A 710 55.61 88.18 237.75
CA GLU A 710 55.72 86.98 238.57
C GLU A 710 56.46 87.25 239.88
N ALA A 711 57.41 88.19 239.85
CA ALA A 711 58.08 88.60 241.08
C ALA A 711 57.12 89.26 242.05
N LEU A 712 56.25 90.14 241.54
CA LEU A 712 55.23 90.77 242.39
C LEU A 712 54.27 89.74 242.99
N SER A 713 53.86 88.75 242.19
CA SER A 713 52.91 87.75 242.69
C SER A 713 53.56 86.87 243.75
N MET A 714 54.83 86.51 243.57
CA MET A 714 55.53 85.71 244.58
C MET A 714 55.70 86.50 245.87
N ALA A 715 55.95 87.81 245.75
CA ALA A 715 56.05 88.67 246.93
C ALA A 715 54.75 88.70 247.72
N VAL A 716 53.63 88.86 247.00
CA VAL A 716 52.31 88.92 247.63
C VAL A 716 51.98 87.62 248.35
N GLU A 717 52.21 86.48 247.67
CA GLU A 717 51.89 85.17 248.26
C GLU A 717 52.74 84.87 249.49
N SER A 718 54.05 85.17 249.44
CA SER A 718 54.93 84.85 250.55
C SER A 718 54.63 85.71 251.77
N THR A 719 54.45 87.03 251.57
CA THR A 719 54.19 87.86 252.73
C THR A 719 52.80 87.62 253.31
N GLY A 720 51.82 87.20 252.49
CA GLY A 720 50.51 86.89 253.03
C GLY A 720 50.54 85.63 253.89
N THR A 721 51.25 84.59 253.43
CA THR A 721 51.35 83.36 254.20
C THR A 721 52.04 83.59 255.54
N ALA A 722 53.18 84.30 255.53
CA ALA A 722 53.94 84.52 256.75
C ALA A 722 53.17 85.40 257.73
N LYS A 723 52.53 86.46 257.23
CA LYS A 723 51.73 87.35 258.08
C LYS A 723 50.57 86.62 258.74
N ALA A 724 49.88 85.77 257.97
CA ALA A 724 48.71 85.05 258.51
C ALA A 724 49.12 84.10 259.62
N GLU A 725 50.18 83.30 259.40
CA GLU A 725 50.61 82.34 260.42
C GLU A 725 51.10 83.05 261.67
N ALA A 726 51.86 84.14 261.50
CA ALA A 726 52.41 84.85 262.66
C ALA A 726 51.32 85.54 263.47
N GLU A 727 50.32 86.12 262.80
CA GLU A 727 49.25 86.78 263.54
C GLU A 727 48.33 85.79 264.24
N SER A 728 48.12 84.60 263.67
CA SER A 728 47.35 83.59 264.38
C SER A 728 48.06 83.13 265.65
N ARG A 729 49.38 82.93 265.56
CA ARG A 729 50.14 82.55 266.76
C ARG A 729 50.14 83.66 267.80
N ALA A 730 50.21 84.92 267.38
CA ALA A 730 50.19 86.03 268.34
C ALA A 730 48.83 86.18 269.01
N GLU A 731 47.75 85.93 268.28
CA GLU A 731 46.42 86.01 268.88
C GLU A 731 46.20 84.92 269.91
N ALA A 732 46.60 83.68 269.58
CA ALA A 732 46.52 82.58 270.54
C ALA A 732 47.36 82.88 271.78
N ALA A 733 48.55 83.46 271.59
CA ALA A 733 49.41 83.80 272.73
C ALA A 733 48.81 84.89 273.61
N ARG A 734 48.13 85.88 273.01
CA ARG A 734 47.51 86.95 273.81
C ARG A 734 46.35 86.41 274.64
N ILE A 735 45.52 85.54 274.05
CA ILE A 735 44.42 84.94 274.80
C ILE A 735 44.94 84.08 275.95
N GLU A 736 46.01 83.31 275.69
CA GLU A 736 46.63 82.51 276.75
C GLU A 736 47.22 83.38 277.85
N GLY A 737 47.76 84.55 277.49
CA GLY A 737 48.34 85.41 278.50
C GLY A 737 47.30 86.03 279.43
N GLU A 738 46.19 86.50 278.86
CA GLU A 738 45.13 87.05 279.71
C GLU A 738 44.48 85.96 280.56
N GLY A 739 44.35 84.75 280.00
CA GLY A 739 43.88 83.63 280.79
C GLY A 739 44.83 83.28 281.92
N SER A 740 46.14 83.40 281.69
CA SER A 740 47.11 83.11 282.74
C SER A 740 47.04 84.15 283.86
N VAL A 741 46.75 85.40 283.52
CA VAL A 741 46.53 86.44 284.53
C VAL A 741 45.34 86.08 285.42
N LEU A 742 44.23 85.67 284.78
CA LEU A 742 43.03 85.35 285.56
C LEU A 742 43.23 84.10 286.41
N GLN A 743 43.91 83.08 285.86
CA GLN A 743 44.29 81.90 286.63
C GLN A 743 45.15 82.25 287.84
N ALA A 744 46.08 83.19 287.66
CA ALA A 744 46.97 83.58 288.76
C ALA A 744 46.19 84.26 289.88
N LYS A 745 45.23 85.11 289.53
CA LYS A 745 44.42 85.78 290.55
C LYS A 745 43.55 84.79 291.31
N LEU A 746 42.92 83.84 290.61
CA LEU A 746 42.05 82.89 291.29
C LEU A 746 42.84 81.91 292.15
N LYS A 747 44.01 81.49 291.66
CA LYS A 747 44.91 80.66 292.45
C LYS A 747 45.36 81.38 293.71
N ALA A 748 45.58 82.70 293.61
CA ALA A 748 45.93 83.50 294.78
C ALA A 748 44.81 83.53 295.81
N GLN A 749 43.55 83.63 295.35
CA GLN A 749 42.43 83.66 296.31
C GLN A 749 42.27 82.32 297.04
N ALA A 750 42.38 81.21 296.30
CA ALA A 750 42.25 79.90 296.94
C ALA A 750 43.42 79.63 297.89
N LEU A 751 44.62 80.11 297.53
CA LEU A 751 45.76 80.00 298.42
C LEU A 751 45.56 80.79 299.69
N ALA A 752 44.93 81.97 299.59
CA ALA A 752 44.64 82.78 300.77
C ALA A 752 43.69 82.07 301.72
N ILE A 753 42.63 81.45 301.19
CA ILE A 753 41.66 80.74 302.02
C ILE A 753 42.32 79.56 302.75
N GLU A 754 43.04 78.71 301.99
CA GLU A 754 43.63 77.53 302.62
C GLU A 754 44.76 77.89 303.58
N THR A 755 45.47 79.01 303.31
CA THR A 755 46.51 79.46 304.22
C THR A 755 45.94 79.96 305.52
N GLU A 756 44.84 80.73 305.47
CA GLU A 756 44.23 81.23 306.70
C GLU A 756 43.70 80.10 307.58
N ALA A 757 43.06 79.10 306.96
CA ALA A 757 42.59 77.94 307.72
C ALA A 757 43.73 77.15 308.35
N GLU A 758 44.79 76.90 307.58
CA GLU A 758 45.94 76.16 308.09
C GLU A 758 46.64 76.89 309.22
N LEU A 759 46.73 78.21 309.14
CA LEU A 759 47.44 78.95 310.17
C LEU A 759 46.64 79.04 311.46
N GLN A 760 45.30 79.13 311.36
CA GLN A 760 44.48 79.05 312.57
C GLN A 760 44.62 77.68 313.26
N ARG A 761 44.65 76.61 312.46
CA ARG A 761 44.85 75.28 313.03
C ARG A 761 46.20 75.15 313.73
N VAL A 762 47.27 75.55 313.06
CA VAL A 762 48.62 75.41 313.61
C VAL A 762 48.79 76.27 314.85
N GLN A 763 48.15 77.45 314.89
CA GLN A 763 48.19 78.30 316.07
C GLN A 763 47.56 77.62 317.28
N LYS A 764 46.35 77.05 317.10
CA LYS A 764 45.67 76.39 318.22
C LYS A 764 46.43 75.17 318.71
N VAL A 765 46.94 74.36 317.78
CA VAL A 765 47.70 73.15 318.12
C VAL A 765 48.94 73.50 318.91
N ARG A 766 49.72 74.48 318.45
CA ARG A 766 50.96 74.83 319.12
C ARG A 766 50.71 75.51 320.46
N GLU A 767 49.58 76.22 320.61
CA GLU A 767 49.27 76.84 321.89
C GLU A 767 48.98 75.79 322.96
N LEU A 768 48.14 74.80 322.63
CA LEU A 768 47.86 73.76 323.62
C LEU A 768 49.07 72.86 323.87
N GLU A 769 49.91 72.65 322.84
CA GLU A 769 51.14 71.90 323.04
C GLU A 769 52.09 72.62 323.98
N LEU A 770 52.13 73.95 323.89
CA LEU A 770 52.96 74.75 324.79
C LEU A 770 52.48 74.63 326.24
N VAL A 771 51.16 74.68 326.44
CA VAL A 771 50.61 74.56 327.80
C VAL A 771 50.92 73.20 328.40
N TYR A 772 50.77 72.13 327.62
CA TYR A 772 51.04 70.81 328.15
C TYR A 772 52.52 70.56 328.39
N ALA A 773 53.40 71.15 327.56
CA ALA A 773 54.83 71.03 327.82
C ALA A 773 55.25 71.80 329.06
N ARG A 774 54.58 72.92 329.34
CA ARG A 774 54.82 73.65 330.59
C ARG A 774 54.42 72.82 331.80
N ALA A 775 53.29 72.11 331.72
CA ALA A 775 52.86 71.27 332.83
C ALA A 775 53.79 70.08 333.05
N GLN A 776 54.29 69.49 331.95
CA GLN A 776 55.31 68.45 332.06
C GLN A 776 56.59 68.98 332.71
N LEU A 777 56.97 70.22 332.38
CA LEU A 777 58.14 70.84 333.01
C LEU A 777 57.96 70.98 334.52
N GLU A 778 56.77 71.41 334.95
CA GLU A 778 56.51 71.58 336.37
C GLU A 778 56.59 70.25 337.11
N LEU A 779 56.01 69.19 336.51
CA LEU A 779 56.06 67.88 337.16
C LEU A 779 57.48 67.33 337.20
N GLU A 780 58.26 67.60 336.15
CA GLU A 780 59.65 67.14 336.10
C GLU A 780 60.51 67.81 337.16
N VAL A 781 60.36 69.13 337.33
CA VAL A 781 61.20 69.81 338.30
C VAL A 781 60.78 69.46 339.72
N SER A 782 59.49 69.16 339.94
CA SER A 782 59.06 68.69 341.25
C SER A 782 59.67 67.34 341.58
N LYS A 783 59.69 66.43 340.60
CA LYS A 783 60.34 65.13 340.77
C LYS A 783 61.82 65.28 341.09
N ALA A 784 62.52 66.13 340.34
CA ALA A 784 63.96 66.30 340.50
C ALA A 784 64.30 66.86 341.88
N GLN A 785 63.53 67.86 342.34
CA GLN A 785 63.87 68.46 343.61
C GLN A 785 63.50 67.56 344.79
N GLN A 786 62.42 66.77 344.68
CA GLN A 786 62.08 65.89 345.80
C GLN A 786 63.06 64.71 345.91
N LEU A 787 63.46 64.12 344.77
CA LEU A 787 64.46 63.06 344.84
C LEU A 787 65.82 63.59 345.27
N ALA A 788 66.17 64.82 344.87
CA ALA A 788 67.42 65.42 345.33
C ALA A 788 67.39 65.68 346.83
N GLU A 789 66.23 66.09 347.36
CA GLU A 789 66.13 66.37 348.79
C GLU A 789 66.22 65.09 349.61
N VAL A 790 65.60 64.00 349.16
CA VAL A 790 65.69 62.78 349.94
C VAL A 790 67.09 62.17 349.84
N GLU A 791 67.78 62.38 348.71
CA GLU A 791 69.17 61.96 348.60
C GLU A 791 70.07 62.75 349.55
N VAL A 792 69.87 64.06 349.64
CA VAL A 792 70.66 64.91 350.53
C VAL A 792 70.42 64.55 351.98
N LYS A 793 69.16 64.26 352.35
CA LYS A 793 68.86 63.90 353.73
C LYS A 793 69.46 62.55 354.10
N LYS A 794 69.43 61.59 353.16
CA LYS A 794 70.07 60.28 353.40
C LYS A 794 71.57 60.42 353.59
N PHE A 795 72.23 61.18 352.70
CA PHE A 795 73.68 61.37 352.82
C PHE A 795 74.04 62.11 354.10
N LYS A 796 73.24 63.10 354.49
CA LYS A 796 73.55 63.91 355.66
C LYS A 796 73.41 63.10 356.94
N GLN A 797 72.33 62.32 357.05
CA GLN A 797 72.15 61.50 358.25
C GLN A 797 73.17 60.37 358.31
N MET A 798 73.57 59.83 357.16
CA MET A 798 74.57 58.76 357.16
C MET A 798 75.97 59.29 357.52
N THR A 799 76.38 60.42 356.94
CA THR A 799 77.69 60.97 357.29
C THR A 799 77.67 61.64 358.66
N GLU A 800 76.49 61.91 359.23
CA GLU A 800 76.43 62.29 360.63
C GLU A 800 76.60 61.09 361.54
N ALA A 801 75.96 59.97 361.18
CA ALA A 801 76.06 58.75 361.97
C ALA A 801 77.44 58.13 361.94
N ILE A 802 78.22 58.31 360.88
CA ILE A 802 79.56 57.73 360.83
C ILE A 802 80.64 58.70 361.29
N GLY A 803 80.42 60.01 361.18
CA GLY A 803 81.40 60.99 361.59
C GLY A 803 82.41 61.29 360.51
N PRO A 804 82.76 62.58 360.36
CA PRO A 804 83.70 62.95 359.28
C PRO A 804 85.13 62.48 359.52
N SER A 805 85.53 62.30 360.79
CA SER A 805 86.88 61.84 361.07
C SER A 805 87.11 60.40 360.66
N THR A 806 86.05 59.59 360.62
CA THR A 806 86.18 58.20 360.17
C THR A 806 86.28 58.13 358.66
N ILE A 807 85.47 58.92 357.94
CA ILE A 807 85.53 58.93 356.49
C ILE A 807 86.74 59.72 355.98
N ARG A 808 87.40 60.48 356.87
CA ARG A 808 88.61 61.21 356.48
C ARG A 808 89.75 60.25 356.15
N ASP A 809 89.80 59.09 356.81
CA ASP A 809 90.82 58.10 356.53
C ASP A 809 90.27 56.72 356.17
N LEU A 810 88.95 56.60 356.00
CA LEU A 810 88.38 55.33 355.57
C LEU A 810 88.41 55.15 354.06
N ALA A 811 88.39 56.25 353.29
CA ALA A 811 88.44 56.13 351.84
C ALA A 811 89.84 55.84 351.33
N VAL A 812 90.87 56.16 352.11
CA VAL A 812 92.25 55.94 351.70
C VAL A 812 92.92 54.91 352.61
N ALA B 1570 21.31 34.44 52.15
CA ALA B 1570 22.25 34.20 53.24
C ALA B 1570 23.63 33.84 52.71
N VAL B 1571 24.25 34.80 51.99
CA VAL B 1571 25.58 34.64 51.42
C VAL B 1571 26.60 34.54 52.55
N PRO B 1572 27.73 33.86 52.35
CA PRO B 1572 28.78 33.85 53.39
C PRO B 1572 29.45 35.20 53.56
N TRP B 1573 29.21 35.86 54.69
CA TRP B 1573 29.68 37.23 54.91
C TRP B 1573 31.10 37.28 55.48
N THR B 1574 31.43 36.37 56.41
CA THR B 1574 32.78 36.34 56.96
C THR B 1574 33.79 35.90 55.90
N GLU B 1575 33.37 35.03 54.97
CA GLU B 1575 34.20 34.69 53.83
C GLU B 1575 34.33 35.84 52.85
N LEU B 1576 33.38 36.78 52.83
CA LEU B 1576 33.59 38.02 52.09
C LEU B 1576 34.59 38.92 52.81
N LEU B 1577 34.56 38.92 54.15
CA LEU B 1577 35.58 39.64 54.91
C LEU B 1577 36.96 39.02 54.77
N SER B 1578 37.04 37.74 54.44
CA SER B 1578 38.34 37.10 54.23
C SER B 1578 38.97 37.56 52.92
N LEU B 1579 38.16 37.95 51.94
CA LEU B 1579 38.65 38.35 50.64
C LEU B 1579 38.90 39.86 50.52
N GLN B 1580 39.12 40.56 51.63
CA GLN B 1580 39.52 41.95 51.56
C GLN B 1580 41.02 42.03 51.31
N THR B 1581 41.40 42.78 50.28
CA THR B 1581 42.80 42.86 49.89
C THR B 1581 43.59 43.76 50.84
N GLU B 1582 44.92 43.67 50.73
CA GLU B 1582 45.82 44.41 51.61
C GLU B 1582 45.99 45.86 51.22
N ASP B 1583 45.39 46.31 50.12
CA ASP B 1583 45.43 47.71 49.74
C ASP B 1583 44.08 48.40 49.90
N GLY B 1584 42.98 47.66 49.86
CA GLY B 1584 41.66 48.24 50.06
C GLY B 1584 40.72 48.07 48.89
N PHE B 1585 41.03 47.16 47.98
CA PHE B 1585 40.17 46.89 46.83
C PHE B 1585 39.68 45.46 46.90
N TRP B 1586 39.00 45.03 45.84
CA TRP B 1586 38.60 43.63 45.70
C TRP B 1586 39.41 42.98 44.57
N LEU B 1594 34.03 32.67 43.95
CA LEU B 1594 32.99 31.73 43.59
C LEU B 1594 31.69 32.12 44.32
N ILE B 1595 31.85 32.92 45.38
CA ILE B 1595 30.69 33.43 46.11
C ILE B 1595 29.94 34.47 45.28
N LEU B 1596 30.66 35.18 44.41
CA LEU B 1596 30.06 36.23 43.58
C LEU B 1596 29.12 35.67 42.52
N ASN B 1597 29.29 34.40 42.13
CA ASN B 1597 28.45 33.67 41.18
C ASN B 1597 28.41 34.38 39.81
N LEU B 1598 29.58 34.42 39.18
CA LEU B 1598 29.72 35.06 37.88
C LEU B 1598 30.79 34.35 37.08
N ASN B 1599 30.57 34.23 35.78
CA ASN B 1599 31.55 33.62 34.86
C ASN B 1599 32.73 34.57 34.73
N THR B 1600 33.82 34.24 35.43
CA THR B 1600 34.98 35.12 35.45
C THR B 1600 35.87 34.92 34.22
N ASN B 1601 35.99 33.67 33.76
CA ASN B 1601 36.85 33.39 32.61
C ASN B 1601 36.25 33.92 31.32
N GLY B 1602 34.94 33.79 31.15
CA GLY B 1602 34.27 34.42 30.03
C GLY B 1602 34.31 35.93 30.09
N LEU B 1603 34.30 36.50 31.30
CA LEU B 1603 34.42 37.94 31.46
C LEU B 1603 35.82 38.41 31.07
N HIS B 1604 36.85 37.64 31.44
CA HIS B 1604 38.21 37.94 31.02
C HIS B 1604 38.36 37.83 29.51
N SER B 1605 37.70 36.84 28.90
CA SER B 1605 37.73 36.71 27.44
C SER B 1605 37.03 37.87 26.75
N PHE B 1606 35.91 38.33 27.33
CA PHE B 1606 35.18 39.46 26.78
C PHE B 1606 36.01 40.74 26.86
N LEU B 1607 36.60 41.00 28.03
CA LEU B 1607 37.45 42.19 28.20
C LEU B 1607 38.74 42.11 27.41
N LYS B 1608 39.25 40.92 27.14
CA LYS B 1608 40.40 40.79 26.24
C LYS B 1608 40.00 41.06 24.80
N GLN B 1609 38.81 40.59 24.38
CA GLN B 1609 38.33 40.84 23.03
C GLN B 1609 38.05 42.33 22.82
N LYS B 1610 37.63 43.03 23.86
CA LYS B 1610 37.45 44.47 23.75
C LYS B 1610 38.76 45.26 23.81
N GLY B 1611 39.89 44.59 24.01
CA GLY B 1611 41.18 45.24 23.83
C GLY B 1611 41.70 45.99 25.04
N ILE B 1612 41.88 45.27 26.14
CA ILE B 1612 42.32 45.89 27.39
C ILE B 1612 43.82 45.83 27.56
N GLN B 1613 44.54 45.20 26.63
CA GLN B 1613 46.00 45.11 26.71
C GLN B 1613 46.69 46.39 26.27
N SER B 1614 45.95 47.37 25.74
CA SER B 1614 46.52 48.62 25.29
C SER B 1614 46.64 49.66 26.39
N LEU B 1615 46.63 49.22 27.65
CA LEU B 1615 46.71 50.12 28.80
C LEU B 1615 47.91 49.83 29.67
N GLY B 1616 48.80 48.93 29.25
CA GLY B 1616 49.83 48.40 30.09
C GLY B 1616 49.33 47.29 30.99
N VAL B 1617 50.28 46.55 31.58
CA VAL B 1617 49.92 45.51 32.53
C VAL B 1617 49.42 46.14 33.82
N LYS B 1618 50.05 47.24 34.23
CA LYS B 1618 49.63 47.98 35.42
C LYS B 1618 48.25 48.60 35.23
N GLY B 1619 48.00 49.18 34.06
CA GLY B 1619 46.69 49.77 33.81
C GLY B 1619 45.61 48.72 33.66
N ARG B 1620 45.96 47.55 33.11
CA ARG B 1620 45.01 46.46 32.99
C ARG B 1620 44.63 45.92 34.36
N GLU B 1621 45.61 45.72 35.24
CA GLU B 1621 45.28 45.23 36.58
C GLU B 1621 44.54 46.28 37.41
N CYS B 1622 44.91 47.56 37.25
CA CYS B 1622 44.20 48.65 37.91
C CYS B 1622 42.76 48.79 37.42
N LEU B 1623 42.47 48.47 36.17
CA LEU B 1623 41.10 48.48 35.69
C LEU B 1623 40.31 47.24 36.08
N LEU B 1624 40.94 46.05 36.08
CA LEU B 1624 40.26 44.85 36.55
C LEU B 1624 39.92 44.93 38.04
N ASP B 1625 40.80 45.54 38.83
CA ASP B 1625 40.50 45.69 40.26
C ASP B 1625 39.34 46.66 40.49
N LEU B 1626 39.27 47.71 39.68
CA LEU B 1626 38.14 48.65 39.75
C LEU B 1626 36.83 47.98 39.35
N ILE B 1627 36.87 47.16 38.29
CA ILE B 1627 35.66 46.49 37.81
C ILE B 1627 35.18 45.45 38.82
N ALA B 1628 36.12 44.69 39.39
CA ALA B 1628 35.77 43.72 40.42
C ALA B 1628 35.26 44.38 41.70
N THR B 1629 35.86 45.50 42.11
CA THR B 1629 35.41 46.21 43.30
C THR B 1629 34.01 46.78 43.11
N MET B 1630 33.74 47.39 41.95
CA MET B 1630 32.40 47.90 41.67
C MET B 1630 31.38 46.79 41.48
N LEU B 1631 31.80 45.61 41.01
CA LEU B 1631 30.89 44.48 40.91
C LEU B 1631 30.49 43.97 42.29
N VAL B 1632 31.46 43.90 43.21
CA VAL B 1632 31.15 43.49 44.58
C VAL B 1632 30.27 44.54 45.27
N LEU B 1633 30.52 45.83 45.00
CA LEU B 1633 29.69 46.89 45.56
C LEU B 1633 28.27 46.84 45.03
N GLN B 1634 28.08 46.55 43.74
CA GLN B 1634 26.73 46.44 43.19
C GLN B 1634 26.03 45.18 43.70
N PHE B 1635 26.76 44.09 43.93
CA PHE B 1635 26.20 42.89 44.52
C PHE B 1635 25.69 43.15 45.94
N ILE B 1636 26.52 43.80 46.76
CA ILE B 1636 26.12 44.10 48.14
C ILE B 1636 25.01 45.14 48.16
N ARG B 1637 24.98 46.07 47.20
CA ARG B 1637 23.91 47.06 47.19
C ARG B 1637 22.59 46.47 46.74
N THR B 1638 22.63 45.50 45.82
CA THR B 1638 21.41 44.77 45.45
C THR B 1638 20.91 43.93 46.63
N ARG B 1639 21.84 43.35 47.39
CA ARG B 1639 21.48 42.62 48.61
C ARG B 1639 20.83 43.55 49.65
N LEU B 1640 21.34 44.78 49.78
CA LEU B 1640 20.79 45.70 50.77
C LEU B 1640 19.48 46.33 50.31
N GLU B 1641 19.30 46.52 49.01
CA GLU B 1641 18.04 47.03 48.49
C GLU B 1641 16.94 45.97 48.54
N LYS B 1642 17.32 44.69 48.37
CA LYS B 1642 16.34 43.62 48.52
C LYS B 1642 15.87 43.50 49.98
N GLU B 1643 16.75 43.84 50.92
CA GLU B 1643 16.33 44.02 52.30
C GLU B 1643 15.57 45.33 52.51
N GLY B 1644 15.75 46.32 51.63
CA GLY B 1644 15.01 47.55 51.74
C GLY B 1644 15.84 48.83 51.80
N ILE B 1645 17.10 48.73 52.21
CA ILE B 1645 17.90 49.93 52.44
C ILE B 1645 18.79 50.30 51.26
N MET B 1651 29.25 55.54 45.12
CA MET B 1651 30.07 56.64 45.59
C MET B 1651 29.42 57.31 46.79
N LYS B 1652 28.49 56.58 47.41
CA LYS B 1652 27.86 56.99 48.65
C LYS B 1652 27.72 55.81 49.60
N MET B 1653 28.57 54.79 49.47
CA MET B 1653 28.48 53.62 50.33
C MET B 1653 28.97 53.91 51.74
N ASP B 1654 29.76 54.96 51.91
CA ASP B 1654 30.30 55.34 53.21
C ASP B 1654 29.29 56.09 54.08
N ILE B 1662 25.20 48.46 59.17
CA ILE B 1662 25.89 47.30 59.71
C ILE B 1662 27.28 47.66 60.25
N PRO B 1663 27.60 47.17 61.45
CA PRO B 1663 28.91 47.48 62.04
C PRO B 1663 30.02 46.52 61.65
N TRP B 1664 29.69 45.34 61.12
CA TRP B 1664 30.68 44.30 60.91
C TRP B 1664 31.55 44.52 59.68
N ALA B 1665 31.16 45.45 58.79
CA ALA B 1665 31.96 45.73 57.59
C ALA B 1665 32.03 47.20 57.23
N PHE B 1666 31.88 48.11 58.20
CA PHE B 1666 31.88 49.53 57.87
C PHE B 1666 33.28 50.00 57.44
N GLU B 1667 34.32 49.40 58.01
CA GLU B 1667 35.69 49.77 57.66
C GLU B 1667 36.04 49.35 56.24
N ALA B 1668 35.63 48.14 55.84
CA ALA B 1668 35.93 47.66 54.50
C ALA B 1668 35.17 48.45 53.44
N ILE B 1669 33.90 48.75 53.71
CA ILE B 1669 33.10 49.57 52.80
C ILE B 1669 33.66 50.99 52.72
N LYS B 1670 34.16 51.51 53.86
CA LYS B 1670 34.73 52.86 53.89
C LYS B 1670 36.02 52.94 53.08
N GLN B 1671 36.93 51.98 53.28
CA GLN B 1671 38.19 52.00 52.52
C GLN B 1671 37.96 51.65 51.05
N ALA B 1672 36.91 50.86 50.75
CA ALA B 1672 36.58 50.60 49.36
C ALA B 1672 36.04 51.84 48.66
N SER B 1673 35.21 52.62 49.36
CA SER B 1673 34.71 53.87 48.79
C SER B 1673 35.84 54.89 48.62
N GLU B 1674 36.75 54.94 49.59
CA GLU B 1674 37.90 55.84 49.48
C GLU B 1674 38.87 55.40 48.38
N TRP B 1675 38.92 54.11 48.07
CA TRP B 1675 39.73 53.67 46.94
C TRP B 1675 39.06 54.00 45.61
N VAL B 1676 37.76 53.70 45.51
CA VAL B 1676 37.02 53.85 44.25
C VAL B 1676 36.91 55.31 43.85
N ARG B 1677 36.57 56.19 44.81
CA ARG B 1677 36.41 57.61 44.47
C ARG B 1677 37.73 58.30 44.16
N ARG B 1678 38.87 57.64 44.35
CA ARG B 1678 40.15 58.14 43.87
C ARG B 1678 40.54 57.51 42.53
N THR B 1679 40.28 56.22 42.34
CA THR B 1679 40.75 55.53 41.15
C THR B 1679 39.80 55.63 39.95
N GLU B 1680 38.58 56.13 40.14
CA GLU B 1680 37.65 56.23 39.02
C GLU B 1680 38.00 57.37 38.08
N GLY B 1681 38.65 58.42 38.60
CA GLY B 1681 38.92 59.59 37.79
C GLY B 1681 39.99 59.40 36.75
N GLN B 1682 40.81 58.37 36.90
CA GLN B 1682 41.82 58.07 35.89
C GLN B 1682 41.20 57.50 34.62
N TYR B 1683 40.06 56.82 34.76
CA TYR B 1683 39.38 56.15 33.65
C TYR B 1683 37.97 56.73 33.47
N PRO B 1684 37.84 57.87 32.78
CA PRO B 1684 36.49 58.33 32.42
C PRO B 1684 35.98 57.60 31.18
N SER B 1685 34.68 57.28 31.23
CA SER B 1685 33.96 56.61 30.14
C SER B 1685 34.58 55.28 29.75
N ILE B 1686 35.08 54.54 30.75
CA ILE B 1686 35.67 53.24 30.47
C ILE B 1686 34.60 52.16 30.37
N CYS B 1687 33.39 52.44 30.83
CA CYS B 1687 32.28 51.49 30.68
C CYS B 1687 31.65 51.49 29.28
N PRO B 1688 31.46 52.63 28.59
CA PRO B 1688 31.05 52.49 27.17
C PRO B 1688 32.15 51.96 26.27
N ARG B 1689 33.39 52.38 26.48
CA ARG B 1689 34.47 52.03 25.57
C ARG B 1689 34.91 50.58 25.71
N LEU B 1690 34.62 49.94 26.82
CA LEU B 1690 34.78 48.51 26.99
C LEU B 1690 33.48 47.77 26.73
N GLU B 1691 32.40 48.52 26.45
CA GLU B 1691 31.06 48.03 26.13
C GLU B 1691 30.49 47.18 27.26
N LEU B 1692 30.29 47.85 28.40
CA LEU B 1692 29.61 47.26 29.54
C LEU B 1692 28.36 48.01 29.96
N GLY B 1693 28.30 49.31 29.72
CA GLY B 1693 27.14 50.11 30.09
C GLY B 1693 27.45 51.58 29.93
N ASN B 1694 26.42 52.39 30.20
CA ASN B 1694 26.59 53.83 30.13
C ASN B 1694 27.45 54.34 31.28
N ASP B 1695 27.00 54.12 32.51
CA ASP B 1695 27.75 54.45 33.71
C ASP B 1695 27.95 53.18 34.54
N TRP B 1696 28.47 53.35 35.75
CA TRP B 1696 28.85 52.21 36.58
C TRP B 1696 27.63 51.46 37.10
N ASP B 1697 26.49 52.15 37.27
CA ASP B 1697 25.25 51.49 37.64
C ASP B 1697 24.81 50.53 36.53
N SER B 1698 24.74 51.04 35.30
CA SER B 1698 24.34 50.24 34.15
C SER B 1698 25.30 49.08 33.90
N ALA B 1699 26.61 49.37 33.95
CA ALA B 1699 27.62 48.36 33.66
C ALA B 1699 27.63 47.26 34.71
N THR B 1700 27.70 47.63 36.00
CA THR B 1700 27.77 46.61 37.04
C THR B 1700 26.44 45.90 37.24
N LYS B 1701 25.31 46.54 36.90
CA LYS B 1701 24.05 45.85 37.07
C LYS B 1701 23.76 44.91 35.91
N GLN B 1702 24.20 45.25 34.69
CA GLN B 1702 24.05 44.33 33.58
C GLN B 1702 25.07 43.21 33.61
N LEU B 1703 26.23 43.44 34.24
CA LEU B 1703 27.16 42.32 34.46
C LEU B 1703 26.76 41.48 35.66
N LEU B 1704 26.03 42.05 36.61
CA LEU B 1704 25.61 41.30 37.79
C LEU B 1704 24.57 40.24 37.43
N GLY B 1705 23.83 40.45 36.35
CA GLY B 1705 22.89 39.47 35.86
C GLY B 1705 21.50 39.53 36.46
N LEU B 1706 21.17 40.60 37.18
CA LEU B 1706 19.84 40.74 37.76
C LEU B 1706 18.89 41.53 36.88
N GLN B 1707 19.34 42.02 35.73
CA GLN B 1707 18.45 42.71 34.81
C GLN B 1707 18.65 42.17 33.39
N PRO B 1708 17.58 42.07 32.62
CA PRO B 1708 17.73 41.61 31.23
C PRO B 1708 18.41 42.65 30.35
N ILE B 1709 19.15 42.15 29.37
CA ILE B 1709 19.92 42.97 28.44
C ILE B 1709 19.31 42.83 27.05
N SER B 1710 19.21 43.94 26.31
CA SER B 1710 18.66 43.95 24.97
C SER B 1710 19.52 43.14 24.00
N THR B 1711 18.92 42.76 22.88
CA THR B 1711 19.54 41.83 21.94
C THR B 1711 20.59 42.49 21.04
N VAL B 1712 20.52 43.80 20.83
CA VAL B 1712 21.49 44.47 19.97
C VAL B 1712 22.83 44.67 20.64
N SER B 1713 22.92 44.48 21.95
CA SER B 1713 24.15 44.64 22.70
C SER B 1713 24.98 43.34 22.66
N PRO B 1714 26.32 43.45 22.67
CA PRO B 1714 27.15 42.24 22.64
C PRO B 1714 27.36 41.59 24.00
N LEU B 1715 26.52 41.92 24.98
CA LEU B 1715 26.64 41.43 26.34
C LEU B 1715 25.94 40.09 26.56
N HIS B 1716 25.75 39.29 25.52
CA HIS B 1716 25.03 38.03 25.65
C HIS B 1716 25.96 36.86 25.98
N ARG B 1717 27.23 36.94 25.59
CA ARG B 1717 28.17 35.84 25.80
C ARG B 1717 28.91 35.96 27.13
N VAL B 1718 28.39 36.74 28.07
CA VAL B 1718 28.93 36.80 29.42
C VAL B 1718 27.96 36.25 30.45
N LEU B 1719 26.66 36.27 30.19
CA LEU B 1719 25.67 35.72 31.10
C LEU B 1719 25.08 34.40 30.64
N HIS B 1720 25.27 34.04 29.37
CA HIS B 1720 24.72 32.80 28.83
C HIS B 1720 25.78 31.79 28.44
N TYR B 1721 27.06 32.14 28.55
CA TYR B 1721 28.13 31.17 28.31
C TYR B 1721 28.33 30.28 29.53
N SER B 1722 27.97 30.76 30.72
CA SER B 1722 28.07 29.97 31.95
C SER B 1722 26.90 29.02 32.14
N GLN B 1723 25.91 29.05 31.26
CA GLN B 1723 24.73 28.18 31.35
C GLN B 1723 24.88 26.91 30.52
N GLY B 1724 26.10 26.42 30.36
CA GLY B 1724 26.33 25.18 29.63
C GLY B 1724 26.88 24.07 30.52
N GLU C 5 0.82 15.23 -15.13
CA GLU C 5 -0.40 15.75 -15.73
C GLU C 5 -0.10 17.00 -16.52
N PHE C 6 0.76 17.85 -15.97
CA PHE C 6 1.03 19.17 -16.55
C PHE C 6 1.81 19.08 -17.86
N ILE C 7 2.66 18.07 -17.99
CA ILE C 7 3.49 17.92 -19.18
C ILE C 7 2.68 17.25 -20.29
N ILE C 8 2.66 17.90 -21.46
CA ILE C 8 1.89 17.42 -22.61
C ILE C 8 2.84 17.35 -23.80
N ARG C 9 3.06 16.15 -24.33
CA ARG C 9 3.93 16.00 -25.49
C ARG C 9 3.11 15.59 -26.72
N ILE C 10 2.92 16.52 -27.64
CA ILE C 10 2.14 16.28 -28.85
C ILE C 10 3.07 15.65 -29.88
N PRO C 11 2.79 14.42 -30.32
CA PRO C 11 3.59 13.80 -31.39
C PRO C 11 3.40 14.52 -32.72
N PRO C 12 4.26 14.28 -33.71
CA PRO C 12 4.04 14.93 -35.01
C PRO C 12 2.79 14.43 -35.70
N TYR C 13 2.03 15.38 -36.26
CA TYR C 13 0.70 15.18 -36.81
C TYR C 13 -0.25 14.56 -35.78
N HIS C 14 -0.45 15.31 -34.69
CA HIS C 14 -1.41 14.98 -33.65
C HIS C 14 -1.96 16.28 -33.10
N TYR C 15 -3.04 16.18 -32.34
CA TYR C 15 -3.65 17.37 -31.77
C TYR C 15 -4.35 17.01 -30.47
N ILE C 16 -4.74 18.05 -29.72
CA ILE C 16 -5.56 17.94 -28.53
C ILE C 16 -6.52 19.11 -28.47
N HIS C 17 -7.42 19.05 -27.50
CA HIS C 17 -8.28 20.17 -27.14
C HIS C 17 -8.11 20.47 -25.67
N VAL C 18 -7.93 21.75 -25.33
CA VAL C 18 -7.70 22.19 -23.97
C VAL C 18 -8.71 23.29 -23.63
N LEU C 19 -9.24 23.25 -22.41
CA LEU C 19 -10.36 24.10 -22.02
C LEU C 19 -9.88 25.26 -21.15
N ASP C 20 -10.06 26.48 -21.64
CA ASP C 20 -9.82 27.69 -20.86
C ASP C 20 -10.96 27.86 -19.87
N GLN C 21 -10.76 27.44 -18.61
CA GLN C 21 -11.83 27.51 -17.63
C GLN C 21 -12.08 28.92 -17.09
N ASN C 22 -11.30 29.92 -17.50
CA ASN C 22 -11.65 31.31 -17.24
C ASN C 22 -12.54 31.88 -18.33
N SER C 23 -12.73 31.17 -19.44
CA SER C 23 -13.57 31.64 -20.53
C SER C 23 -14.57 30.61 -21.03
N ASN C 24 -14.48 29.35 -20.57
CA ASN C 24 -15.26 28.21 -21.07
C ASN C 24 -15.11 28.06 -22.58
N VAL C 25 -13.87 28.18 -23.04
CA VAL C 25 -13.54 28.19 -24.46
C VAL C 25 -12.45 27.15 -24.70
N SER C 26 -12.71 26.24 -25.64
CA SER C 26 -11.73 25.22 -26.00
C SER C 26 -11.09 25.57 -27.33
N ARG C 27 -9.93 24.95 -27.59
CA ARG C 27 -9.05 25.35 -28.68
C ARG C 27 -8.17 24.15 -29.03
N VAL C 28 -7.62 24.16 -30.24
CA VAL C 28 -6.76 23.08 -30.71
C VAL C 28 -5.31 23.57 -30.70
N GLU C 29 -4.39 22.64 -30.42
CA GLU C 29 -2.97 22.85 -30.65
C GLU C 29 -2.45 21.68 -31.46
N VAL C 30 -1.79 21.99 -32.57
CA VAL C 30 -1.32 20.99 -33.51
C VAL C 30 0.21 21.09 -33.62
N GLY C 31 0.78 20.22 -34.44
CA GLY C 31 2.18 20.28 -34.75
C GLY C 31 3.01 19.32 -33.93
N PRO C 32 4.26 19.11 -34.34
CA PRO C 32 5.22 18.34 -33.51
C PRO C 32 5.81 19.20 -32.40
N LYS C 33 4.99 19.57 -31.43
CA LYS C 33 5.39 20.49 -30.38
C LYS C 33 5.15 19.88 -29.02
N THR C 34 5.75 20.50 -28.00
CA THR C 34 5.50 20.15 -26.62
C THR C 34 4.62 21.23 -25.99
N TYR C 35 3.78 20.81 -25.06
CA TYR C 35 2.77 21.71 -24.53
C TYR C 35 2.81 21.70 -23.00
N ILE C 36 2.64 22.89 -22.42
CA ILE C 36 2.54 23.07 -20.98
C ILE C 36 1.25 23.86 -20.73
N ARG C 37 0.37 23.31 -19.92
CA ARG C 37 -0.86 24.02 -19.60
C ARG C 37 -0.71 24.80 -18.30
N GLN C 38 -1.77 25.56 -18.02
CA GLN C 38 -1.90 26.39 -16.86
C GLN C 38 -2.70 25.63 -15.80
N ASP C 39 -2.98 26.29 -14.69
CA ASP C 39 -3.80 25.71 -13.64
C ASP C 39 -5.27 25.72 -14.07
N ASN C 40 -5.69 26.81 -14.68
CA ASN C 40 -7.07 26.92 -15.14
C ASN C 40 -7.35 25.97 -16.29
N GLU C 41 -6.39 25.79 -17.18
CA GLU C 41 -6.60 25.01 -18.38
C GLU C 41 -6.64 23.52 -18.07
N ARG C 42 -7.31 22.77 -18.96
CA ARG C 42 -7.45 21.32 -18.81
C ARG C 42 -7.52 20.69 -20.19
N VAL C 43 -6.54 19.85 -20.51
CA VAL C 43 -6.54 19.13 -21.77
C VAL C 43 -7.64 18.06 -21.73
N LEU C 44 -8.46 18.02 -22.78
CA LEU C 44 -9.66 17.18 -22.77
C LEU C 44 -9.32 15.70 -22.95
N PHE C 45 -8.40 15.36 -23.83
CA PHE C 45 -8.13 13.96 -24.14
C PHE C 45 -6.70 13.79 -24.64
N ALA C 46 -6.33 12.51 -24.84
CA ALA C 46 -4.97 12.16 -25.24
C ALA C 46 -4.72 12.53 -26.70
N PRO C 47 -3.44 12.82 -27.09
CA PRO C 47 -3.18 13.31 -28.45
C PRO C 47 -3.52 12.35 -29.58
N MET C 48 -4.55 12.72 -30.35
CA MET C 48 -5.06 11.91 -31.44
C MET C 48 -4.60 12.48 -32.78
N ARG C 49 -4.52 11.60 -33.77
CA ARG C 49 -3.92 11.94 -35.05
C ARG C 49 -4.81 12.90 -35.84
N MET C 50 -4.18 13.91 -36.44
CA MET C 50 -4.87 14.73 -37.43
C MET C 50 -5.28 13.85 -38.60
N VAL C 51 -6.58 13.78 -38.87
CA VAL C 51 -7.12 12.78 -39.79
C VAL C 51 -6.69 13.10 -41.22
N THR C 52 -6.09 12.11 -41.88
CA THR C 52 -5.63 12.26 -43.24
C THR C 52 -6.56 11.53 -44.18
N VAL C 53 -6.61 11.99 -45.43
CA VAL C 53 -7.48 11.42 -46.44
C VAL C 53 -6.69 11.17 -47.72
N PRO C 54 -6.60 9.93 -48.18
CA PRO C 54 -5.80 9.62 -49.38
C PRO C 54 -6.47 10.14 -50.64
N PRO C 55 -5.82 10.01 -51.81
CA PRO C 55 -6.56 10.14 -53.07
C PRO C 55 -7.62 9.07 -53.23
N ARG C 56 -8.50 9.30 -54.22
CA ARG C 56 -9.76 8.60 -54.52
C ARG C 56 -10.58 8.29 -53.27
N HIS C 57 -10.59 9.19 -52.29
CA HIS C 57 -11.32 9.00 -51.04
C HIS C 57 -11.89 10.33 -50.60
N TYR C 58 -12.82 10.27 -49.64
CA TYR C 58 -13.41 11.49 -49.09
C TYR C 58 -13.88 11.21 -47.66
N CYS C 59 -14.37 12.25 -47.02
CA CYS C 59 -15.03 12.16 -45.72
C CYS C 59 -15.93 13.36 -45.57
N THR C 60 -16.92 13.25 -44.68
CA THR C 60 -17.76 14.38 -44.33
C THR C 60 -17.65 14.65 -42.84
N VAL C 61 -17.55 15.92 -42.48
CA VAL C 61 -17.46 16.33 -41.08
C VAL C 61 -18.64 17.23 -40.78
N ALA C 62 -19.40 16.88 -39.74
CA ALA C 62 -20.48 17.73 -39.27
C ALA C 62 -19.94 19.02 -38.68
N ASN C 63 -20.71 20.09 -38.85
CA ASN C 63 -20.47 21.45 -38.36
C ASN C 63 -19.14 22.00 -38.89
N PRO C 64 -19.05 22.33 -40.18
CA PRO C 64 -17.74 22.67 -40.77
C PRO C 64 -17.21 24.02 -40.28
N VAL C 65 -15.94 24.26 -40.63
CA VAL C 65 -15.25 25.48 -40.26
C VAL C 65 -15.74 26.63 -41.12
N SER C 66 -16.14 27.72 -40.48
CA SER C 66 -16.41 28.94 -41.24
C SER C 66 -15.09 29.60 -41.61
N ARG C 67 -14.94 29.95 -42.88
CA ARG C 67 -13.70 30.48 -43.39
C ARG C 67 -13.96 31.77 -44.16
N ASP C 68 -12.87 32.47 -44.46
CA ASP C 68 -12.91 33.74 -45.18
C ASP C 68 -12.76 33.47 -46.69
N ALA C 69 -12.47 34.52 -47.46
CA ALA C 69 -12.22 34.37 -48.89
C ALA C 69 -10.92 33.65 -49.20
N GLN C 70 -10.00 33.57 -48.23
CA GLN C 70 -8.72 32.90 -48.43
C GLN C 70 -8.64 31.54 -47.77
N GLY C 71 -9.63 31.16 -46.96
CA GLY C 71 -9.61 29.90 -46.27
C GLY C 71 -9.06 29.94 -44.86
N LEU C 72 -8.84 31.13 -44.30
CA LEU C 72 -8.40 31.24 -42.92
C LEU C 72 -9.57 30.95 -41.99
N VAL C 73 -9.27 30.23 -40.89
CA VAL C 73 -10.29 29.87 -39.93
C VAL C 73 -10.76 31.12 -39.19
N LEU C 74 -12.05 31.42 -39.30
CA LEU C 74 -12.60 32.58 -38.61
C LEU C 74 -12.87 32.23 -37.15
N PHE C 75 -12.63 33.21 -36.28
CA PHE C 75 -12.77 33.05 -34.84
C PHE C 75 -13.83 34.00 -34.31
N ASP C 76 -14.28 33.71 -33.08
CA ASP C 76 -15.23 34.55 -32.37
C ASP C 76 -14.46 35.61 -31.59
N VAL C 77 -15.19 36.64 -31.16
CA VAL C 77 -14.62 37.67 -30.29
C VAL C 77 -14.23 37.08 -28.96
N THR C 78 -14.97 36.07 -28.49
CA THR C 78 -14.67 35.38 -27.24
C THR C 78 -13.70 34.21 -27.41
N GLY C 79 -12.89 34.22 -28.46
CA GLY C 79 -11.89 33.19 -28.62
C GLY C 79 -12.40 31.85 -29.12
N GLN C 80 -13.68 31.75 -29.47
CA GLN C 80 -14.28 30.52 -29.94
C GLN C 80 -14.11 30.43 -31.46
N VAL C 81 -14.23 29.22 -32.00
CA VAL C 81 -14.13 28.97 -33.43
C VAL C 81 -15.51 29.16 -34.06
N ARG C 82 -15.53 29.64 -35.30
CA ARG C 82 -16.77 29.90 -36.03
C ARG C 82 -17.18 28.65 -36.79
N LEU C 83 -18.32 28.07 -36.43
CA LEU C 83 -18.83 26.90 -37.12
C LEU C 83 -20.00 27.28 -38.02
N ARG C 84 -20.46 26.30 -38.78
CA ARG C 84 -21.70 26.39 -39.56
C ARG C 84 -22.56 25.22 -39.10
N HIS C 85 -23.68 25.52 -38.46
CA HIS C 85 -24.31 24.55 -37.58
C HIS C 85 -25.16 23.55 -38.36
N ALA C 86 -24.99 22.28 -38.00
CA ALA C 86 -25.67 21.12 -38.57
C ALA C 86 -25.47 20.98 -40.08
N ASP C 87 -24.38 21.52 -40.61
CA ASP C 87 -24.03 21.32 -42.01
C ASP C 87 -23.03 20.19 -42.15
N LEU C 88 -22.80 19.79 -43.38
CA LEU C 88 -21.80 18.79 -43.72
C LEU C 88 -20.94 19.33 -44.85
N GLU C 89 -19.63 19.19 -44.73
CA GLU C 89 -18.70 19.54 -45.80
C GLU C 89 -17.92 18.29 -46.18
N ILE C 90 -17.77 18.10 -47.49
CA ILE C 90 -17.08 16.94 -48.05
C ILE C 90 -15.67 17.38 -48.42
N ARG C 91 -14.69 16.68 -47.89
CA ARG C 91 -13.29 17.04 -48.09
C ARG C 91 -12.60 15.98 -48.93
N LEU C 92 -11.88 16.44 -49.96
CA LEU C 92 -11.16 15.57 -50.87
C LEU C 92 -9.74 15.36 -50.36
N ALA C 93 -8.88 14.82 -51.22
CA ALA C 93 -7.51 14.47 -50.83
C ALA C 93 -6.69 15.72 -50.55
N GLN C 94 -6.17 15.81 -49.32
CA GLN C 94 -5.42 16.98 -48.88
C GLN C 94 -4.54 16.58 -47.70
N ASP C 95 -3.89 17.58 -47.10
CA ASP C 95 -3.00 17.39 -45.97
C ASP C 95 -3.78 16.97 -44.72
N PRO C 96 -3.10 16.37 -43.73
CA PRO C 96 -3.81 15.96 -42.50
C PRO C 96 -4.30 17.12 -41.65
N PHE C 97 -5.47 17.65 -42.03
CA PHE C 97 -6.13 18.71 -41.28
C PHE C 97 -6.55 18.23 -39.89
N PRO C 98 -6.66 19.15 -38.92
CA PRO C 98 -7.20 18.79 -37.61
C PRO C 98 -8.71 19.02 -37.57
N LEU C 99 -9.32 18.52 -36.49
CA LEU C 99 -10.73 18.76 -36.20
C LEU C 99 -10.84 19.78 -35.08
N TYR C 100 -11.31 20.98 -35.42
CA TYR C 100 -11.59 22.04 -34.45
C TYR C 100 -12.72 21.60 -33.51
N PRO C 101 -12.81 22.17 -32.30
CA PRO C 101 -13.79 21.66 -31.34
C PRO C 101 -15.23 21.96 -31.73
N GLY C 102 -16.13 21.09 -31.28
CA GLY C 102 -17.51 21.17 -31.69
C GLY C 102 -17.81 20.51 -33.01
N GLU C 103 -16.97 19.57 -33.45
CA GLU C 103 -17.11 18.92 -34.74
C GLU C 103 -17.08 17.42 -34.58
N VAL C 104 -17.87 16.72 -35.38
CA VAL C 104 -17.98 15.27 -35.33
C VAL C 104 -17.59 14.72 -36.69
N LEU C 105 -16.78 13.66 -36.69
CA LEU C 105 -16.39 12.97 -37.92
C LEU C 105 -17.46 11.91 -38.19
N GLU C 106 -18.38 12.22 -39.09
CA GLU C 106 -19.52 11.34 -39.35
C GLU C 106 -19.21 10.28 -40.41
N LYS C 107 -18.84 10.71 -41.61
CA LYS C 107 -18.39 9.76 -42.61
C LYS C 107 -16.89 9.59 -42.53
N ASP C 108 -16.44 8.33 -42.55
CA ASP C 108 -15.05 7.97 -42.44
C ASP C 108 -14.33 8.17 -43.76
N ILE C 109 -13.13 7.60 -43.87
CA ILE C 109 -12.44 7.60 -45.15
C ILE C 109 -13.14 6.59 -46.07
N THR C 110 -14.01 7.08 -46.94
CA THR C 110 -14.74 6.26 -47.88
C THR C 110 -14.32 6.59 -49.30
N PRO C 111 -14.25 5.61 -50.19
CA PRO C 111 -13.68 5.86 -51.52
C PRO C 111 -14.64 6.63 -52.42
N LEU C 112 -14.05 7.37 -53.35
CA LEU C 112 -14.84 7.93 -54.45
C LEU C 112 -15.34 6.79 -55.32
N GLN C 113 -16.65 6.75 -55.54
CA GLN C 113 -17.24 5.63 -56.26
C GLN C 113 -17.02 5.75 -57.76
N VAL C 114 -16.72 4.63 -58.38
CA VAL C 114 -16.51 4.57 -59.82
C VAL C 114 -17.79 4.04 -60.46
N VAL C 115 -18.19 4.67 -61.57
CA VAL C 115 -19.37 4.27 -62.32
C VAL C 115 -18.89 3.45 -63.51
N LEU C 116 -19.37 2.22 -63.61
CA LEU C 116 -18.96 1.33 -64.67
C LEU C 116 -19.57 1.78 -65.99
N PRO C 117 -18.98 1.39 -67.13
CA PRO C 117 -19.61 1.71 -68.42
C PRO C 117 -20.95 1.00 -68.60
N ASN C 118 -21.82 1.66 -69.39
CA ASN C 118 -23.22 1.26 -69.61
C ASN C 118 -23.98 1.14 -68.30
N THR C 119 -23.74 2.08 -67.38
CA THR C 119 -24.34 2.09 -66.05
C THR C 119 -24.38 3.55 -65.60
N ALA C 120 -25.42 3.91 -64.83
CA ALA C 120 -25.64 5.29 -64.46
C ALA C 120 -26.04 5.39 -62.99
N LEU C 121 -26.08 6.62 -62.48
CA LEU C 121 -26.48 6.91 -61.11
C LEU C 121 -27.76 7.73 -61.10
N HIS C 122 -28.69 7.34 -60.23
CA HIS C 122 -29.91 8.11 -59.99
C HIS C 122 -29.67 9.05 -58.82
N LEU C 123 -29.63 10.35 -59.08
CA LEU C 123 -29.29 11.34 -58.08
C LEU C 123 -30.45 12.29 -57.88
N LYS C 124 -30.81 12.52 -56.62
CA LYS C 124 -31.87 13.44 -56.26
C LYS C 124 -31.26 14.68 -55.60
N ALA C 125 -31.78 15.85 -55.94
CA ALA C 125 -31.37 17.08 -55.28
C ALA C 125 -32.16 17.23 -53.98
N LEU C 126 -31.47 17.17 -52.84
CA LEU C 126 -32.15 17.30 -51.56
C LEU C 126 -32.47 18.76 -51.26
N LEU C 127 -31.57 19.67 -51.60
CA LEU C 127 -31.76 21.08 -51.31
C LEU C 127 -31.52 21.88 -52.58
N ASP C 128 -32.23 23.00 -52.69
CA ASP C 128 -32.11 23.91 -53.82
C ASP C 128 -30.71 24.50 -53.88
N PHE C 129 -30.02 24.27 -54.98
CA PHE C 129 -28.68 24.82 -55.15
C PHE C 129 -28.51 25.25 -56.59
N GLU C 130 -27.28 25.62 -56.95
CA GLU C 130 -26.93 26.01 -58.30
C GLU C 130 -25.72 25.19 -58.73
N ASP C 131 -25.88 24.40 -59.78
CA ASP C 131 -24.84 23.51 -60.26
C ASP C 131 -23.84 24.27 -61.11
N LYS C 132 -22.68 23.66 -61.35
CA LYS C 132 -21.61 24.29 -62.11
C LYS C 132 -21.93 24.46 -63.59
N ASP C 133 -22.99 23.80 -64.09
CA ASP C 133 -23.44 24.06 -65.45
C ASP C 133 -24.06 25.45 -65.54
N GLY C 134 -24.95 25.78 -64.61
CA GLY C 134 -25.56 27.10 -64.62
C GLY C 134 -27.06 27.09 -64.34
N ASP C 135 -27.59 25.92 -64.01
CA ASP C 135 -29.03 25.77 -63.77
C ASP C 135 -29.35 25.81 -62.29
N LYS C 136 -30.44 26.50 -61.94
CA LYS C 136 -30.92 26.55 -60.56
C LYS C 136 -31.58 25.22 -60.26
N VAL C 137 -30.82 24.31 -59.66
CA VAL C 137 -31.28 22.94 -59.41
C VAL C 137 -32.22 23.00 -58.22
N VAL C 138 -33.53 23.00 -58.50
CA VAL C 138 -34.53 23.00 -57.44
C VAL C 138 -34.54 21.63 -56.76
N ALA C 139 -34.83 21.62 -55.46
CA ALA C 139 -34.89 20.38 -54.70
C ALA C 139 -36.04 19.50 -55.19
N GLY C 140 -35.81 18.19 -55.15
CA GLY C 140 -36.73 17.22 -55.69
C GLY C 140 -36.45 16.81 -57.12
N ASP C 141 -35.57 17.53 -57.82
CA ASP C 141 -35.18 17.17 -59.17
C ASP C 141 -34.41 15.85 -59.20
N GLU C 142 -34.41 15.23 -60.37
CA GLU C 142 -33.76 13.94 -60.58
C GLU C 142 -32.63 14.09 -61.59
N TRP C 143 -31.63 13.23 -61.48
CA TRP C 143 -30.43 13.32 -62.30
C TRP C 143 -30.11 11.98 -62.93
N LEU C 144 -29.44 12.06 -64.07
CA LEU C 144 -28.91 10.88 -64.75
C LEU C 144 -27.41 11.10 -64.93
N PHE C 145 -26.62 10.57 -64.01
CA PHE C 145 -25.16 10.66 -64.10
C PHE C 145 -24.65 9.31 -64.59
N GLU C 146 -24.31 9.24 -65.88
CA GLU C 146 -23.79 8.03 -66.49
C GLU C 146 -22.33 8.22 -66.84
N GLY C 147 -21.71 7.15 -67.31
CA GLY C 147 -20.39 7.21 -67.86
C GLY C 147 -19.49 6.11 -67.34
N PRO C 148 -18.28 6.03 -67.88
CA PRO C 148 -17.24 5.18 -67.28
C PRO C 148 -16.44 5.85 -66.18
N GLY C 149 -16.78 7.09 -65.80
CA GLY C 149 -15.99 7.86 -64.85
C GLY C 149 -16.37 7.59 -63.41
N THR C 150 -15.93 8.53 -62.55
CA THR C 150 -16.17 8.45 -61.11
C THR C 150 -17.01 9.64 -60.67
N TYR C 151 -17.67 9.46 -59.53
CA TYR C 151 -18.58 10.46 -58.99
C TYR C 151 -18.08 10.97 -57.65
N ILE C 152 -17.90 12.28 -57.55
CA ILE C 152 -17.58 12.94 -56.29
C ILE C 152 -18.90 13.33 -55.61
N PRO C 153 -19.06 13.05 -54.33
CA PRO C 153 -20.37 13.25 -53.70
C PRO C 153 -20.62 14.72 -53.37
N ARG C 154 -21.78 14.96 -52.76
CA ARG C 154 -22.21 16.30 -52.40
C ARG C 154 -23.22 16.17 -51.26
N LYS C 155 -23.31 17.23 -50.45
CA LYS C 155 -24.16 17.16 -49.26
C LYS C 155 -25.63 17.24 -49.62
N GLU C 156 -26.00 18.12 -50.55
CA GLU C 156 -27.39 18.36 -50.88
C GLU C 156 -27.87 17.51 -52.06
N VAL C 157 -27.06 16.53 -52.48
CA VAL C 157 -27.41 15.64 -53.59
C VAL C 157 -27.28 14.21 -53.09
N GLU C 158 -28.35 13.44 -53.21
CA GLU C 158 -28.43 12.12 -52.63
C GLU C 158 -28.56 11.08 -53.74
N VAL C 159 -27.64 10.12 -53.76
CA VAL C 159 -27.70 9.03 -54.74
C VAL C 159 -28.84 8.08 -54.36
N VAL C 160 -29.79 7.91 -55.27
CA VAL C 160 -30.99 7.15 -54.99
C VAL C 160 -30.73 5.68 -55.26
N GLU C 161 -30.30 5.37 -56.48
CA GLU C 161 -30.00 4.00 -56.86
C GLU C 161 -29.02 3.99 -58.02
N ILE C 162 -28.45 2.82 -58.25
CA ILE C 162 -27.50 2.58 -59.32
C ILE C 162 -28.22 1.81 -60.42
N ILE C 163 -28.68 2.51 -61.45
CA ILE C 163 -29.50 1.91 -62.49
C ILE C 163 -28.59 1.24 -63.51
N GLN C 164 -29.13 0.25 -64.22
CA GLN C 164 -28.37 -0.49 -65.21
C GLN C 164 -29.06 -0.42 -66.57
N ALA C 165 -28.26 -0.34 -67.62
CA ALA C 165 -28.74 -0.28 -68.99
C ALA C 165 -29.25 -1.64 -69.45
N THR C 166 -29.87 -1.65 -70.62
CA THR C 166 -30.40 -2.85 -71.25
C THR C 166 -29.83 -3.00 -72.66
N ILE C 167 -29.64 -4.24 -73.08
CA ILE C 167 -28.95 -4.55 -74.32
C ILE C 167 -30.01 -4.97 -75.33
N ILE C 168 -30.13 -4.22 -76.42
CA ILE C 168 -31.11 -4.49 -77.46
C ILE C 168 -30.36 -4.96 -78.69
N ARG C 169 -30.51 -6.25 -79.02
CA ARG C 169 -29.86 -6.82 -80.20
C ARG C 169 -30.67 -6.49 -81.45
N GLN C 170 -30.37 -7.17 -82.55
CA GLN C 170 -31.12 -6.95 -83.77
C GLN C 170 -32.49 -7.61 -83.67
N ASN C 171 -33.45 -7.01 -84.38
CA ASN C 171 -34.85 -7.47 -84.45
C ASN C 171 -35.50 -7.56 -83.08
N GLN C 172 -35.20 -6.57 -82.22
CA GLN C 172 -35.90 -6.43 -80.96
C GLN C 172 -36.23 -4.97 -80.71
N ALA C 173 -37.03 -4.75 -79.68
CA ALA C 173 -37.38 -3.42 -79.21
C ALA C 173 -37.69 -3.53 -77.72
N LEU C 174 -37.78 -2.38 -77.07
CA LEU C 174 -37.93 -2.33 -75.63
C LEU C 174 -39.18 -1.54 -75.27
N ARG C 175 -40.03 -2.11 -74.44
CA ARG C 175 -41.26 -1.46 -74.02
C ARG C 175 -41.05 -0.77 -72.68
N LEU C 176 -41.34 0.52 -72.63
CA LEU C 176 -41.08 1.29 -71.42
C LEU C 176 -42.08 2.43 -71.28
N ARG C 177 -42.83 2.43 -70.18
CA ARG C 177 -43.82 3.45 -69.93
C ARG C 177 -43.16 4.67 -69.30
N ALA C 178 -43.88 5.79 -69.29
CA ALA C 178 -43.45 6.98 -68.58
C ALA C 178 -43.88 6.89 -67.12
N ARG C 179 -43.22 7.65 -66.26
CA ARG C 179 -43.62 7.79 -64.87
C ARG C 179 -44.18 9.17 -64.56
N LYS C 180 -44.13 10.09 -65.50
CA LYS C 180 -44.41 11.49 -65.26
C LYS C 180 -44.49 12.16 -66.63
N GLU C 181 -45.22 13.28 -66.69
CA GLU C 181 -45.24 14.13 -67.87
C GLU C 181 -43.83 14.59 -68.20
N CYS C 182 -43.39 14.29 -69.43
CA CYS C 182 -41.98 14.32 -69.74
C CYS C 182 -41.80 14.50 -71.25
N TRP C 183 -40.57 14.27 -71.70
CA TRP C 183 -40.24 14.14 -73.10
C TRP C 183 -39.28 12.97 -73.23
N ASP C 184 -39.46 12.16 -74.27
CA ASP C 184 -38.62 10.99 -74.46
C ASP C 184 -37.32 11.39 -75.17
N ARG C 185 -36.51 10.40 -75.53
CA ARG C 185 -35.26 10.69 -76.23
C ARG C 185 -35.48 11.15 -77.66
N ASP C 186 -36.62 10.83 -78.25
CA ASP C 186 -36.91 11.29 -79.59
C ASP C 186 -37.44 12.72 -79.61
N GLY C 187 -37.87 13.24 -78.47
CA GLY C 187 -38.35 14.61 -78.37
C GLY C 187 -39.86 14.72 -78.49
N LYS C 188 -40.59 13.84 -77.83
CA LYS C 188 -42.04 13.80 -77.90
C LYS C 188 -42.64 13.73 -76.51
N GLU C 189 -43.69 14.52 -76.28
CA GLU C 189 -44.31 14.59 -74.98
C GLU C 189 -45.07 13.31 -74.67
N ARG C 190 -44.91 12.80 -73.45
CA ARG C 190 -45.52 11.56 -73.01
C ARG C 190 -46.24 11.79 -71.69
N VAL C 191 -47.46 11.28 -71.59
CA VAL C 191 -48.23 11.38 -70.36
C VAL C 191 -47.92 10.21 -69.44
N THR C 192 -48.35 10.29 -68.19
CA THR C 192 -48.10 9.25 -67.20
C THR C 192 -48.82 7.97 -67.59
N GLY C 193 -48.13 6.84 -67.44
CA GLY C 193 -48.68 5.55 -67.79
C GLY C 193 -48.59 5.19 -69.26
N GLU C 194 -48.30 6.16 -70.12
CA GLU C 194 -48.22 5.91 -71.56
C GLU C 194 -47.01 5.06 -71.89
N GLU C 195 -47.23 3.94 -72.55
CA GLU C 195 -46.15 3.06 -72.98
C GLU C 195 -45.77 3.39 -74.42
N TRP C 196 -44.52 3.08 -74.75
CA TRP C 196 -44.05 3.18 -76.12
C TRP C 196 -42.90 2.21 -76.31
N LEU C 197 -42.26 2.28 -77.47
CA LEU C 197 -41.18 1.38 -77.84
C LEU C 197 -39.97 2.17 -78.27
N VAL C 198 -38.79 1.58 -78.08
CA VAL C 198 -37.54 2.14 -78.59
C VAL C 198 -36.83 1.03 -79.37
N THR C 199 -36.36 1.37 -80.56
CA THR C 199 -35.84 0.40 -81.52
C THR C 199 -34.39 0.64 -81.89
N THR C 200 -33.60 1.23 -81.00
CA THR C 200 -32.17 1.36 -81.24
C THR C 200 -31.46 0.09 -80.81
N VAL C 201 -30.40 -0.25 -81.53
CA VAL C 201 -29.66 -1.48 -81.30
C VAL C 201 -28.43 -1.15 -80.47
N GLY C 202 -28.25 -1.88 -79.38
CA GLY C 202 -27.08 -1.71 -78.54
C GLY C 202 -27.44 -1.61 -77.07
N ALA C 203 -26.61 -0.92 -76.31
CA ALA C 203 -26.91 -0.67 -74.91
C ALA C 203 -27.84 0.52 -74.80
N TYR C 204 -28.96 0.33 -74.11
CA TYR C 204 -29.93 1.39 -73.94
C TYR C 204 -30.08 1.69 -72.46
N LEU C 205 -29.88 2.92 -72.10
CA LEU C 205 -29.93 3.33 -70.71
C LEU C 205 -31.28 3.96 -70.43
N PRO C 206 -32.04 3.45 -69.45
CA PRO C 206 -33.33 4.06 -69.12
C PRO C 206 -33.14 5.44 -68.52
N ALA C 207 -34.15 6.28 -68.68
CA ALA C 207 -34.14 7.60 -68.07
C ALA C 207 -34.67 7.49 -66.64
N VAL C 208 -34.83 8.63 -65.96
CA VAL C 208 -35.26 8.61 -64.57
C VAL C 208 -36.76 8.40 -64.47
N PHE C 209 -37.50 8.72 -65.53
CA PHE C 209 -38.95 8.62 -65.56
C PHE C 209 -39.45 7.50 -66.45
N GLU C 210 -38.57 6.64 -66.94
CA GLU C 210 -38.96 5.61 -67.89
C GLU C 210 -38.79 4.23 -67.26
N GLU C 211 -39.88 3.68 -66.75
CA GLU C 211 -39.90 2.31 -66.23
C GLU C 211 -39.78 1.36 -67.40
N VAL C 212 -38.67 0.64 -67.49
CA VAL C 212 -38.52 -0.41 -68.48
C VAL C 212 -39.42 -1.58 -68.11
N LEU C 213 -40.26 -1.99 -69.04
CA LEU C 213 -41.18 -3.09 -68.81
C LEU C 213 -40.62 -4.42 -69.30
N ASP C 214 -40.59 -4.61 -70.61
CA ASP C 214 -40.07 -5.86 -71.16
C ASP C 214 -39.56 -5.72 -72.59
N LEU C 215 -38.75 -6.67 -73.02
CA LEU C 215 -38.21 -6.69 -74.37
C LEU C 215 -39.22 -7.31 -75.32
N VAL C 216 -39.37 -6.68 -76.48
CA VAL C 216 -40.29 -7.15 -77.51
C VAL C 216 -39.46 -7.58 -78.70
N ASP C 217 -39.62 -8.83 -79.12
CA ASP C 217 -38.88 -9.39 -80.25
C ASP C 217 -39.79 -9.55 -81.46
N ALA C 218 -39.23 -9.24 -82.64
CA ALA C 218 -40.00 -9.15 -83.87
C ALA C 218 -40.38 -10.55 -84.37
N VAL C 219 -41.32 -10.57 -85.31
CA VAL C 219 -41.91 -11.80 -85.82
C VAL C 219 -41.48 -11.95 -87.27
N ILE C 220 -40.93 -13.11 -87.61
CA ILE C 220 -40.31 -13.31 -88.92
C ILE C 220 -41.36 -13.83 -89.89
N LEU C 221 -41.55 -13.13 -91.00
CA LEU C 221 -42.64 -13.39 -91.94
C LEU C 221 -42.12 -14.20 -93.12
N THR C 222 -42.31 -15.51 -93.07
CA THR C 222 -42.05 -16.35 -94.23
C THR C 222 -43.21 -16.26 -95.20
N GLU C 223 -43.00 -16.75 -96.42
CA GLU C 223 -44.01 -16.70 -97.48
C GLU C 223 -45.25 -17.53 -97.20
N LYS C 224 -45.21 -18.44 -96.24
CA LYS C 224 -46.35 -19.27 -95.91
C LYS C 224 -47.07 -18.83 -94.64
N THR C 225 -46.71 -17.68 -94.07
CA THR C 225 -47.31 -17.20 -92.83
C THR C 225 -47.52 -15.69 -92.90
N ALA C 226 -48.57 -15.23 -92.25
CA ALA C 226 -48.87 -13.81 -92.13
C ALA C 226 -49.33 -13.55 -90.70
N LEU C 227 -49.43 -12.28 -90.35
CA LEU C 227 -49.64 -11.87 -88.97
C LEU C 227 -50.99 -11.19 -88.83
N HIS C 228 -51.83 -11.72 -87.95
CA HIS C 228 -53.14 -11.16 -87.68
C HIS C 228 -53.05 -10.20 -86.50
N LEU C 229 -53.49 -8.95 -86.69
CA LEU C 229 -53.27 -7.87 -85.74
C LEU C 229 -54.55 -7.09 -85.49
N ARG C 230 -54.98 -7.00 -84.23
CA ARG C 230 -56.05 -6.09 -83.84
C ARG C 230 -55.45 -4.76 -83.38
N ALA C 231 -56.03 -3.66 -83.84
CA ALA C 231 -55.65 -2.37 -83.31
C ALA C 231 -56.22 -2.17 -81.91
N ARG C 232 -55.47 -1.45 -81.08
CA ARG C 232 -55.94 -1.13 -79.73
C ARG C 232 -56.45 0.28 -79.59
N ARG C 233 -56.02 1.21 -80.46
CA ARG C 233 -56.57 2.56 -80.47
C ARG C 233 -56.36 3.15 -81.86
N ASN C 234 -56.69 4.43 -81.99
CA ASN C 234 -56.45 5.14 -83.24
C ASN C 234 -54.98 5.48 -83.37
N PHE C 235 -54.34 5.00 -84.43
CA PHE C 235 -52.93 5.27 -84.65
C PHE C 235 -52.63 5.15 -86.13
N ARG C 236 -51.35 5.26 -86.47
CA ARG C 236 -50.86 4.98 -87.81
C ARG C 236 -49.68 4.04 -87.70
N ASP C 237 -49.76 2.90 -88.37
CA ASP C 237 -48.73 1.87 -88.28
C ASP C 237 -47.54 2.21 -89.18
N PHE C 238 -46.67 1.23 -89.40
CA PHE C 238 -45.41 1.48 -90.09
C PHE C 238 -45.60 1.82 -91.56
N ARG C 239 -46.60 1.25 -92.23
CA ARG C 239 -46.83 1.58 -93.62
C ARG C 239 -47.42 2.97 -93.82
N GLY C 240 -48.10 3.51 -92.81
CA GLY C 240 -48.68 4.82 -92.92
C GLY C 240 -50.12 4.79 -93.39
N VAL C 241 -50.92 3.90 -92.82
CA VAL C 241 -52.37 3.90 -93.02
C VAL C 241 -53.04 4.08 -91.67
N SER C 242 -54.16 4.80 -91.66
CA SER C 242 -54.85 5.08 -90.42
C SER C 242 -55.70 3.88 -90.00
N ARG C 243 -55.62 3.54 -88.73
CA ARG C 243 -56.37 2.43 -88.18
C ARG C 243 -57.41 2.96 -87.19
N ARG C 244 -58.45 2.15 -86.96
CA ARG C 244 -59.49 2.47 -86.00
C ARG C 244 -59.49 1.40 -84.93
N THR C 245 -60.13 1.69 -83.80
CA THR C 245 -60.05 0.83 -82.63
C THR C 245 -60.87 -0.43 -82.87
N GLY C 246 -60.29 -1.59 -82.60
CA GLY C 246 -60.94 -2.85 -82.83
C GLY C 246 -60.74 -3.42 -84.21
N GLU C 247 -60.12 -2.66 -85.12
CA GLU C 247 -59.94 -3.11 -86.49
C GLU C 247 -58.87 -4.20 -86.57
N GLU C 248 -59.09 -5.18 -87.45
CA GLU C 248 -58.16 -6.27 -87.67
C GLU C 248 -57.65 -6.24 -89.11
N TRP C 249 -56.42 -6.72 -89.31
CA TRP C 249 -55.81 -6.78 -90.63
C TRP C 249 -54.70 -7.82 -90.62
N LEU C 250 -54.09 -8.02 -91.77
CA LEU C 250 -52.98 -8.95 -91.94
C LEU C 250 -51.74 -8.23 -92.43
N VAL C 251 -50.57 -8.74 -92.01
CA VAL C 251 -49.28 -8.22 -92.44
C VAL C 251 -48.52 -9.38 -93.08
N THR C 252 -48.03 -9.16 -94.30
CA THR C 252 -47.39 -10.21 -95.08
C THR C 252 -45.93 -9.84 -95.37
N VAL C 253 -45.28 -10.67 -96.20
CA VAL C 253 -43.87 -10.48 -96.54
C VAL C 253 -43.70 -9.29 -97.46
N GLN C 254 -44.73 -8.97 -98.24
CA GLN C 254 -44.67 -7.83 -99.14
C GLN C 254 -44.76 -6.50 -98.40
N ASP C 255 -45.06 -6.51 -97.10
CA ASP C 255 -44.91 -5.32 -96.27
C ASP C 255 -43.50 -5.25 -95.70
N THR C 256 -43.14 -6.23 -94.87
CA THR C 256 -41.84 -6.36 -94.25
C THR C 256 -41.48 -7.82 -94.12
N GLU C 257 -40.19 -8.11 -94.07
CA GLU C 257 -39.73 -9.46 -93.79
C GLU C 257 -39.71 -9.77 -92.31
N ALA C 258 -39.82 -8.76 -91.45
CA ALA C 258 -39.93 -8.95 -90.02
C ALA C 258 -40.71 -7.79 -89.45
N HIS C 259 -41.55 -8.08 -88.46
CA HIS C 259 -42.43 -7.08 -87.88
C HIS C 259 -42.38 -7.17 -86.36
N VAL C 260 -42.11 -6.03 -85.73
CA VAL C 260 -42.08 -5.94 -84.27
C VAL C 260 -43.44 -5.43 -83.79
N PRO C 261 -44.16 -6.18 -82.94
CA PRO C 261 -45.53 -5.81 -82.59
C PRO C 261 -45.63 -4.56 -81.75
N ASP C 262 -46.29 -3.55 -82.29
CA ASP C 262 -46.43 -2.27 -81.63
C ASP C 262 -47.32 -2.40 -80.39
N VAL C 263 -47.20 -1.42 -79.49
CA VAL C 263 -48.01 -1.43 -78.27
C VAL C 263 -49.44 -1.03 -78.56
N HIS C 264 -49.70 -0.42 -79.71
CA HIS C 264 -51.03 -0.08 -80.16
C HIS C 264 -51.68 -1.21 -80.94
N GLU C 265 -51.07 -2.39 -80.97
CA GLU C 265 -51.56 -3.51 -81.75
C GLU C 265 -51.73 -4.73 -80.85
N GLU C 266 -52.06 -5.87 -81.42
CA GLU C 266 -52.26 -7.08 -80.65
C GLU C 266 -52.00 -8.29 -81.53
N VAL C 267 -51.15 -9.20 -81.08
CA VAL C 267 -50.87 -10.40 -81.86
C VAL C 267 -52.01 -11.39 -81.61
N LEU C 268 -52.86 -11.57 -82.61
CA LEU C 268 -53.97 -12.49 -82.52
C LEU C 268 -53.61 -13.89 -82.96
N GLY C 269 -52.60 -14.03 -83.80
CA GLY C 269 -52.14 -15.32 -84.25
C GLY C 269 -51.45 -15.20 -85.58
N VAL C 270 -50.71 -16.23 -85.92
CA VAL C 270 -49.96 -16.27 -87.18
C VAL C 270 -50.72 -17.17 -88.14
N VAL C 271 -51.16 -16.60 -89.25
CA VAL C 271 -52.09 -17.26 -90.17
C VAL C 271 -51.27 -18.01 -91.22
N PRO C 272 -51.36 -19.33 -91.29
CA PRO C 272 -50.71 -20.06 -92.39
C PRO C 272 -51.44 -19.86 -93.71
N ILE C 273 -50.70 -20.00 -94.80
CA ILE C 273 -51.27 -19.77 -96.12
C ILE C 273 -52.17 -20.94 -96.49
N THR C 274 -53.26 -20.62 -97.19
CA THR C 274 -54.14 -21.62 -97.80
C THR C 274 -53.76 -21.70 -99.27
N THR C 275 -53.21 -22.83 -99.68
CA THR C 275 -52.84 -23.04 -101.07
C THR C 275 -53.72 -24.13 -101.67
N LEU C 276 -54.05 -23.95 -102.94
CA LEU C 276 -54.91 -24.87 -103.67
C LEU C 276 -54.15 -25.44 -104.86
N GLY C 277 -54.20 -26.76 -104.99
CA GLY C 277 -53.60 -27.41 -106.13
C GLY C 277 -54.40 -27.18 -107.39
N PRO C 278 -53.89 -27.71 -108.51
CA PRO C 278 -54.66 -27.63 -109.76
C PRO C 278 -55.92 -28.47 -109.74
N HIS C 279 -56.00 -29.46 -108.86
CA HIS C 279 -57.16 -30.32 -108.71
C HIS C 279 -57.99 -29.95 -107.48
N ASN C 280 -57.90 -28.72 -107.02
CA ASN C 280 -58.56 -28.32 -105.78
C ASN C 280 -59.39 -27.08 -105.97
N TYR C 281 -60.44 -26.95 -105.15
CA TYR C 281 -61.21 -25.72 -105.04
C TYR C 281 -61.61 -25.53 -103.58
N CYS C 282 -62.17 -24.36 -103.28
CA CYS C 282 -62.65 -24.09 -101.92
C CYS C 282 -63.73 -23.02 -101.95
N VAL C 283 -64.57 -23.03 -100.93
CA VAL C 283 -65.64 -22.04 -100.74
C VAL C 283 -65.31 -21.23 -99.49
N ILE C 284 -65.42 -19.91 -99.59
CA ILE C 284 -65.03 -19.01 -98.52
C ILE C 284 -66.29 -18.45 -97.87
N LEU C 285 -66.51 -18.81 -96.60
CA LEU C 285 -67.62 -18.21 -95.86
C LEU C 285 -67.28 -16.79 -95.47
N ASP C 286 -68.23 -15.88 -95.68
CA ASP C 286 -68.11 -14.46 -95.37
C ASP C 286 -66.90 -13.78 -96.00
N PRO C 287 -66.85 -13.62 -97.32
CA PRO C 287 -65.65 -13.07 -97.95
C PRO C 287 -65.61 -11.56 -97.82
N VAL C 288 -64.40 -11.02 -98.01
CA VAL C 288 -64.15 -9.58 -97.94
C VAL C 288 -64.34 -8.99 -99.32
N GLY C 289 -65.18 -7.95 -99.42
CA GLY C 289 -65.47 -7.33 -100.68
C GLY C 289 -64.49 -6.24 -101.03
N PRO C 290 -64.85 -5.38 -101.98
CA PRO C 290 -63.96 -4.27 -102.34
C PRO C 290 -63.85 -3.20 -101.27
N ASP C 291 -64.85 -3.09 -100.39
CA ASP C 291 -64.86 -2.09 -99.35
C ASP C 291 -64.05 -2.47 -98.12
N GLY C 292 -63.35 -3.61 -98.16
CA GLY C 292 -62.60 -4.06 -97.02
C GLY C 292 -63.42 -4.69 -95.92
N LYS C 293 -64.72 -4.82 -96.11
CA LYS C 293 -65.61 -5.39 -95.11
C LYS C 293 -66.16 -6.71 -95.61
N ASN C 294 -66.43 -7.61 -94.67
CA ASN C 294 -67.03 -8.89 -94.97
C ASN C 294 -68.45 -8.70 -95.49
N GLN C 295 -68.81 -9.51 -96.49
CA GLN C 295 -70.21 -9.77 -96.79
C GLN C 295 -70.65 -10.94 -95.93
N LEU C 296 -71.41 -10.66 -94.88
CA LEU C 296 -71.85 -11.70 -93.97
C LEU C 296 -72.96 -12.50 -94.63
N GLY C 297 -72.91 -13.82 -94.47
CA GLY C 297 -73.91 -14.70 -95.04
C GLY C 297 -73.58 -15.23 -96.42
N GLN C 298 -72.90 -14.44 -97.25
CA GLN C 298 -72.62 -14.85 -98.62
C GLN C 298 -71.45 -15.83 -98.64
N LYS C 299 -71.09 -16.29 -99.84
CA LYS C 299 -70.00 -17.22 -100.05
C LYS C 299 -69.28 -16.86 -101.34
N ARG C 300 -68.11 -17.45 -101.53
CA ARG C 300 -67.32 -17.22 -102.72
C ARG C 300 -66.52 -18.48 -103.02
N VAL C 301 -66.54 -18.90 -104.27
CA VAL C 301 -65.89 -20.15 -104.69
C VAL C 301 -64.57 -19.78 -105.35
N VAL C 302 -63.48 -20.40 -104.89
CA VAL C 302 -62.16 -20.19 -105.43
C VAL C 302 -61.67 -21.52 -105.99
N LYS C 303 -61.24 -21.50 -107.25
CA LYS C 303 -60.81 -22.70 -107.94
C LYS C 303 -59.48 -22.43 -108.65
N GLY C 304 -58.68 -23.47 -108.78
CA GLY C 304 -57.48 -23.44 -109.58
C GLY C 304 -56.26 -23.51 -108.70
N GLU C 305 -55.12 -23.21 -109.31
CA GLU C 305 -53.88 -23.08 -108.56
C GLU C 305 -53.82 -21.66 -107.99
N LYS C 306 -53.98 -21.55 -106.68
CA LYS C 306 -54.00 -20.26 -106.04
C LYS C 306 -53.62 -20.45 -104.59
N SER C 307 -52.74 -19.58 -104.10
CA SER C 307 -52.35 -19.58 -102.69
C SER C 307 -52.71 -18.22 -102.11
N PHE C 308 -53.43 -18.23 -101.00
CA PHE C 308 -53.92 -16.99 -100.41
C PHE C 308 -54.04 -17.19 -98.90
N PHE C 309 -54.27 -16.09 -98.21
CA PHE C 309 -54.48 -16.09 -96.77
C PHE C 309 -55.96 -15.85 -96.49
N LEU C 310 -56.49 -16.55 -95.49
CA LEU C 310 -57.84 -16.26 -95.02
C LEU C 310 -57.80 -14.98 -94.20
N GLN C 311 -58.31 -13.89 -94.80
CA GLN C 311 -58.36 -12.58 -94.15
C GLN C 311 -59.26 -12.61 -92.91
N PRO C 312 -59.12 -11.66 -91.98
CA PRO C 312 -59.89 -11.72 -90.73
C PRO C 312 -61.39 -11.61 -90.95
N GLY C 313 -62.11 -12.69 -90.59
CA GLY C 313 -63.51 -12.85 -90.87
C GLY C 313 -63.81 -14.03 -91.78
N GLU C 314 -62.97 -14.26 -92.78
CA GLU C 314 -63.18 -15.32 -93.74
C GLU C 314 -62.87 -16.67 -93.12
N GLN C 315 -63.37 -17.72 -93.78
CA GLN C 315 -63.38 -19.07 -93.25
C GLN C 315 -63.71 -20.00 -94.40
N LEU C 316 -63.18 -21.22 -94.36
CA LEU C 316 -63.56 -22.21 -95.35
C LEU C 316 -64.78 -22.97 -94.88
N GLU C 317 -65.65 -23.33 -95.83
CA GLU C 317 -66.91 -23.98 -95.49
C GLU C 317 -66.68 -25.40 -95.00
N GLN C 318 -65.84 -26.15 -95.72
CA GLN C 318 -65.53 -27.51 -95.30
C GLN C 318 -64.05 -27.84 -95.49
N GLY C 319 -63.26 -26.93 -96.06
CA GLY C 319 -61.84 -27.15 -96.20
C GLY C 319 -61.40 -27.07 -97.64
N ILE C 320 -60.21 -27.58 -97.93
CA ILE C 320 -59.75 -27.68 -99.31
C ILE C 320 -60.42 -28.89 -99.94
N GLN C 321 -61.20 -28.66 -100.98
CA GLN C 321 -61.99 -29.69 -101.63
C GLN C 321 -61.43 -29.96 -103.02
N ASP C 322 -61.53 -31.22 -103.43
CA ASP C 322 -61.09 -31.64 -104.75
C ASP C 322 -62.22 -31.57 -105.77
N VAL C 323 -61.87 -31.19 -106.98
CA VAL C 323 -62.84 -30.92 -108.03
C VAL C 323 -63.37 -32.24 -108.57
N TYR C 324 -64.63 -32.25 -109.00
CA TYR C 324 -65.21 -33.41 -109.65
C TYR C 324 -64.57 -33.59 -111.01
N VAL C 325 -64.08 -34.79 -111.27
CA VAL C 325 -63.53 -35.14 -112.58
C VAL C 325 -64.30 -36.35 -113.09
N LEU C 326 -64.72 -36.29 -114.34
CA LEU C 326 -65.74 -37.18 -114.87
C LEU C 326 -65.31 -37.75 -116.22
N SER C 327 -65.51 -39.04 -116.40
CA SER C 327 -65.36 -39.67 -117.70
C SER C 327 -66.70 -39.67 -118.42
N GLU C 328 -66.79 -40.37 -119.55
CA GLU C 328 -68.07 -40.43 -120.24
C GLU C 328 -69.02 -41.46 -119.65
N GLN C 329 -68.51 -42.36 -118.79
CA GLN C 329 -69.33 -43.30 -118.06
C GLN C 329 -69.91 -42.73 -116.79
N GLN C 330 -69.75 -41.43 -116.55
CA GLN C 330 -70.08 -40.83 -115.27
C GLN C 330 -70.82 -39.52 -115.47
N GLY C 331 -71.80 -39.29 -114.61
CA GLY C 331 -72.57 -38.07 -114.66
C GLY C 331 -72.97 -37.61 -113.27
N LEU C 332 -73.36 -36.34 -113.19
CA LEU C 332 -73.76 -35.71 -111.93
C LEU C 332 -75.16 -35.15 -112.03
N LEU C 333 -75.99 -35.44 -111.03
CA LEU C 333 -77.30 -34.83 -110.88
C LEU C 333 -77.20 -33.73 -109.84
N LEU C 334 -77.62 -32.52 -110.21
CA LEU C 334 -77.39 -31.36 -109.36
C LEU C 334 -78.46 -30.31 -109.59
N ARG C 335 -79.06 -29.85 -108.49
CA ARG C 335 -80.21 -28.97 -108.51
C ARG C 335 -79.82 -27.52 -108.28
N ALA C 336 -80.55 -26.63 -108.93
CA ALA C 336 -80.37 -25.20 -108.69
C ALA C 336 -81.06 -24.80 -107.40
N LEU C 337 -80.63 -23.66 -106.88
CA LEU C 337 -81.29 -23.03 -105.75
C LEU C 337 -81.78 -21.62 -106.03
N GLN C 338 -81.26 -20.99 -107.07
CA GLN C 338 -81.64 -19.66 -107.50
C GLN C 338 -81.61 -19.64 -109.02
N PRO C 339 -82.30 -18.70 -109.67
CA PRO C 339 -82.16 -18.56 -111.12
C PRO C 339 -80.75 -18.18 -111.50
N LEU C 340 -80.16 -18.98 -112.39
CA LEU C 340 -78.75 -18.85 -112.68
C LEU C 340 -78.50 -19.01 -114.18
N GLU C 341 -77.32 -18.60 -114.59
CA GLU C 341 -76.87 -18.70 -115.97
C GLU C 341 -75.48 -19.31 -115.95
N GLU C 342 -75.16 -20.10 -116.98
CA GLU C 342 -73.82 -20.66 -117.11
C GLU C 342 -73.51 -20.92 -118.58
N GLY C 343 -72.61 -20.10 -119.13
CA GLY C 343 -72.17 -20.26 -120.50
C GLY C 343 -70.88 -21.06 -120.63
N GLU C 344 -70.95 -22.37 -120.39
CA GLU C 344 -69.77 -23.22 -120.58
C GLU C 344 -69.39 -23.30 -122.06
N ASP C 345 -70.34 -23.69 -122.90
CA ASP C 345 -70.15 -23.62 -124.35
C ASP C 345 -70.63 -22.26 -124.85
N GLU C 346 -70.79 -22.14 -126.19
CA GLU C 346 -71.22 -20.88 -126.77
C GLU C 346 -72.65 -20.53 -126.37
N GLU C 347 -73.54 -21.52 -126.35
CA GLU C 347 -74.90 -21.28 -125.92
C GLU C 347 -74.95 -21.11 -124.39
N LYS C 348 -76.05 -20.50 -123.93
CA LYS C 348 -76.27 -20.20 -122.52
C LYS C 348 -77.45 -21.04 -122.04
N VAL C 349 -77.22 -21.86 -121.01
CA VAL C 349 -78.30 -22.59 -120.38
C VAL C 349 -78.77 -21.85 -119.14
N SER C 350 -80.09 -21.69 -119.03
CA SER C 350 -80.74 -21.05 -117.90
C SER C 350 -81.41 -22.12 -117.06
N HIS C 351 -81.55 -21.85 -115.76
CA HIS C 351 -82.19 -22.80 -114.86
C HIS C 351 -82.96 -22.05 -113.81
N GLN C 352 -84.21 -22.44 -113.59
CA GLN C 352 -85.02 -21.81 -112.55
C GLN C 352 -84.70 -22.43 -111.19
N ALA C 353 -85.45 -22.04 -110.18
CA ALA C 353 -85.04 -22.20 -108.79
C ALA C 353 -85.07 -23.63 -108.30
N GLY C 354 -85.80 -24.55 -108.92
CA GLY C 354 -85.89 -25.88 -108.37
C GLY C 354 -85.44 -26.95 -109.34
N ASP C 355 -84.88 -26.50 -110.46
CA ASP C 355 -84.58 -27.40 -111.57
C ASP C 355 -83.40 -28.30 -111.27
N HIS C 356 -83.62 -29.61 -111.39
CA HIS C 356 -82.56 -30.58 -111.53
C HIS C 356 -82.10 -30.61 -112.97
N TRP C 357 -80.85 -31.02 -113.19
CA TRP C 357 -80.37 -31.35 -114.53
C TRP C 357 -79.15 -32.26 -114.39
N LEU C 358 -78.73 -32.81 -115.53
CA LEU C 358 -77.68 -33.82 -115.56
C LEU C 358 -76.48 -33.29 -116.33
N ILE C 359 -75.31 -33.41 -115.71
CA ILE C 359 -74.03 -33.10 -116.34
C ILE C 359 -73.40 -34.44 -116.74
N ARG C 360 -72.72 -34.48 -117.89
CA ARG C 360 -72.07 -35.71 -118.31
C ARG C 360 -70.92 -35.38 -119.24
N GLY C 361 -69.86 -36.19 -119.18
CA GLY C 361 -68.89 -36.25 -120.23
C GLY C 361 -67.48 -36.23 -119.70
N PRO C 362 -66.49 -36.26 -120.58
CA PRO C 362 -65.13 -35.92 -120.15
C PRO C 362 -65.04 -34.43 -119.86
N LEU C 363 -65.07 -34.09 -118.58
CA LEU C 363 -65.01 -32.71 -118.12
C LEU C 363 -64.67 -32.70 -116.64
N GLU C 364 -64.22 -31.54 -116.17
CA GLU C 364 -64.08 -31.29 -114.75
C GLU C 364 -65.07 -30.20 -114.33
N TYR C 365 -65.70 -30.40 -113.18
CA TYR C 365 -66.80 -29.54 -112.75
C TYR C 365 -66.60 -29.12 -111.30
N VAL C 366 -66.65 -27.82 -111.06
CA VAL C 366 -66.66 -27.26 -109.72
C VAL C 366 -68.04 -26.66 -109.46
N PRO C 367 -68.70 -27.03 -108.36
CA PRO C 367 -70.06 -26.55 -108.13
C PRO C 367 -70.10 -25.05 -107.82
N SER C 368 -71.14 -24.40 -108.30
CA SER C 368 -71.37 -23.00 -107.98
C SER C 368 -71.99 -22.88 -106.60
N ALA C 369 -72.06 -21.63 -106.11
CA ALA C 369 -72.68 -21.39 -104.81
C ALA C 369 -74.19 -21.51 -104.88
N LYS C 370 -74.77 -21.29 -106.05
CA LYS C 370 -76.19 -21.42 -106.30
C LYS C 370 -76.61 -22.84 -106.65
N VAL C 371 -75.66 -23.76 -106.79
CA VAL C 371 -75.92 -25.12 -107.25
C VAL C 371 -75.53 -26.11 -106.16
N GLU C 372 -76.47 -26.97 -105.80
CA GLU C 372 -76.23 -28.08 -104.88
C GLU C 372 -76.13 -29.37 -105.68
N VAL C 373 -75.21 -30.25 -105.30
CA VAL C 373 -75.02 -31.53 -105.97
C VAL C 373 -75.84 -32.59 -105.25
N VAL C 374 -76.66 -33.31 -106.01
CA VAL C 374 -77.61 -34.26 -105.42
C VAL C 374 -77.06 -35.68 -105.44
N GLU C 375 -76.55 -36.13 -106.59
CA GLU C 375 -76.29 -37.54 -106.80
C GLU C 375 -75.28 -37.71 -107.92
N GLU C 376 -74.40 -38.70 -107.77
CA GLU C 376 -73.47 -39.10 -108.81
C GLU C 376 -74.07 -40.28 -109.57
N ARG C 377 -74.10 -40.17 -110.90
CA ARG C 377 -74.63 -41.26 -111.72
C ARG C 377 -73.51 -41.94 -112.48
N GLN C 378 -73.73 -43.21 -112.81
CA GLN C 378 -72.88 -43.95 -113.73
C GLN C 378 -73.73 -44.50 -114.87
N ALA C 379 -73.10 -44.68 -116.03
CA ALA C 379 -73.79 -45.33 -117.13
C ALA C 379 -73.91 -46.83 -116.86
N ILE C 380 -75.05 -47.39 -117.27
CA ILE C 380 -75.31 -48.82 -117.12
C ILE C 380 -74.83 -49.52 -118.40
N PRO C 381 -73.88 -50.44 -118.31
CA PRO C 381 -73.40 -51.12 -119.53
C PRO C 381 -74.41 -52.16 -119.99
N LEU C 382 -75.14 -51.83 -121.06
CA LEU C 382 -76.19 -52.71 -121.57
C LEU C 382 -75.68 -53.38 -122.84
N ASP C 383 -75.60 -54.70 -122.77
CA ASP C 383 -75.40 -55.51 -123.97
C ASP C 383 -76.58 -55.33 -124.91
N GLU C 384 -76.31 -55.52 -126.20
CA GLU C 384 -77.39 -55.64 -127.17
C GLU C 384 -78.25 -56.86 -126.83
N ASN C 385 -79.56 -56.72 -127.03
CA ASN C 385 -80.61 -57.61 -126.55
C ASN C 385 -80.63 -57.72 -125.02
N GLU C 386 -80.20 -56.68 -124.32
CA GLU C 386 -80.43 -56.56 -122.89
C GLU C 386 -80.98 -55.18 -122.59
N GLY C 387 -81.81 -55.09 -121.57
CA GLY C 387 -82.41 -53.79 -121.31
C GLY C 387 -82.86 -53.61 -119.88
N ILE C 388 -83.18 -52.37 -119.55
CA ILE C 388 -83.72 -51.98 -118.25
C ILE C 388 -85.06 -51.30 -118.48
N TYR C 389 -85.80 -51.12 -117.38
CA TYR C 389 -87.09 -50.43 -117.39
C TYR C 389 -86.95 -49.11 -116.66
N VAL C 390 -86.92 -48.02 -117.41
CA VAL C 390 -86.87 -46.68 -116.84
C VAL C 390 -88.27 -46.09 -116.83
N GLN C 391 -88.51 -45.21 -115.86
CA GLN C 391 -89.79 -44.52 -115.72
C GLN C 391 -89.54 -43.02 -115.65
N ASP C 392 -90.00 -42.29 -116.67
CA ASP C 392 -89.93 -40.83 -116.67
C ASP C 392 -90.98 -40.31 -115.69
N VAL C 393 -90.54 -39.87 -114.50
CA VAL C 393 -91.50 -39.56 -113.44
C VAL C 393 -92.18 -38.20 -113.63
N LYS C 394 -91.77 -37.44 -114.65
CA LYS C 394 -92.52 -36.22 -114.92
C LYS C 394 -93.84 -36.52 -115.60
N THR C 395 -93.82 -37.43 -116.58
CA THR C 395 -95.02 -37.87 -117.26
C THR C 395 -95.58 -39.16 -116.68
N GLY C 396 -94.73 -40.08 -116.27
CA GLY C 396 -95.17 -41.34 -115.71
C GLY C 396 -94.88 -42.53 -116.60
N LYS C 397 -94.50 -42.29 -117.86
CA LYS C 397 -94.43 -43.34 -118.85
C LYS C 397 -93.25 -44.28 -118.65
N VAL C 398 -93.49 -45.42 -118.00
CA VAL C 398 -92.47 -46.46 -117.98
C VAL C 398 -92.35 -47.07 -119.38
N ARG C 399 -91.12 -47.39 -119.77
CA ARG C 399 -90.84 -48.04 -121.05
C ARG C 399 -89.70 -49.02 -120.84
N ALA C 400 -89.22 -49.60 -121.93
CA ALA C 400 -88.07 -50.48 -121.91
C ALA C 400 -87.02 -49.90 -122.86
N VAL C 401 -85.82 -49.66 -122.34
CA VAL C 401 -84.69 -49.21 -123.15
C VAL C 401 -83.71 -50.36 -123.27
N ILE C 402 -83.58 -50.87 -124.50
CA ILE C 402 -82.83 -52.08 -124.80
C ILE C 402 -81.78 -51.73 -125.84
N GLY C 403 -80.61 -52.37 -125.77
CA GLY C 403 -79.60 -52.16 -126.77
C GLY C 403 -78.32 -51.57 -126.25
N SER C 404 -78.06 -50.31 -126.60
CA SER C 404 -76.82 -49.64 -126.22
C SER C 404 -76.81 -49.31 -124.72
N THR C 405 -75.64 -48.87 -124.25
CA THR C 405 -75.52 -48.49 -122.85
C THR C 405 -76.30 -47.22 -122.57
N TYR C 406 -76.76 -47.09 -121.34
CA TYR C 406 -77.71 -46.05 -121.02
C TYR C 406 -77.38 -45.45 -119.68
N MET C 407 -77.31 -44.13 -119.63
CA MET C 407 -77.34 -43.37 -118.38
C MET C 407 -78.72 -42.75 -118.25
N LEU C 408 -79.35 -42.95 -117.09
CA LEU C 408 -80.63 -42.35 -116.79
C LEU C 408 -80.49 -40.83 -116.76
N THR C 409 -81.34 -40.15 -117.51
CA THR C 409 -81.28 -38.70 -117.62
C THR C 409 -81.91 -38.07 -116.38
N GLN C 410 -82.17 -36.77 -116.45
CA GLN C 410 -83.00 -36.14 -115.42
C GLN C 410 -84.41 -36.70 -115.47
N ASP C 411 -85.05 -36.75 -114.30
CA ASP C 411 -86.45 -37.17 -114.14
C ASP C 411 -86.71 -38.61 -114.56
N GLU C 412 -85.66 -39.44 -114.59
CA GLU C 412 -85.85 -40.85 -114.88
C GLU C 412 -85.34 -41.68 -113.71
N VAL C 413 -86.06 -42.76 -113.43
CA VAL C 413 -85.80 -43.63 -112.30
C VAL C 413 -85.90 -45.06 -112.84
N LEU C 414 -85.49 -46.04 -112.05
CA LEU C 414 -85.65 -47.43 -112.45
C LEU C 414 -87.00 -47.94 -111.98
N TRP C 415 -87.70 -48.65 -112.86
CA TRP C 415 -88.95 -49.31 -112.52
C TRP C 415 -88.72 -50.79 -112.32
N GLU C 416 -89.50 -51.39 -111.43
CA GLU C 416 -89.38 -52.81 -111.10
C GLU C 416 -90.54 -53.56 -111.73
N LYS C 417 -90.23 -54.61 -112.50
CA LYS C 417 -91.25 -55.43 -113.13
C LYS C 417 -91.42 -56.71 -112.30
N GLU C 418 -92.53 -56.78 -111.57
CA GLU C 418 -92.90 -58.00 -110.88
C GLU C 418 -93.71 -58.89 -111.81
N LEU C 419 -93.69 -60.18 -111.52
CA LEU C 419 -94.32 -61.21 -112.33
C LEU C 419 -95.33 -61.99 -111.50
N PRO C 420 -96.32 -62.64 -112.12
CA PRO C 420 -97.25 -63.46 -111.36
C PRO C 420 -96.55 -64.66 -110.75
N PRO C 421 -97.06 -65.19 -109.63
CA PRO C 421 -96.32 -66.23 -108.90
C PRO C 421 -96.24 -67.54 -109.66
N GLY C 422 -95.09 -68.18 -109.56
CA GLY C 422 -94.82 -69.38 -110.32
C GLY C 422 -94.17 -69.15 -111.66
N VAL C 423 -94.29 -67.95 -112.21
CA VAL C 423 -93.67 -67.65 -113.50
C VAL C 423 -92.16 -67.48 -113.33
N GLU C 424 -91.72 -66.91 -112.21
CA GLU C 424 -90.30 -66.82 -111.91
C GLU C 424 -89.68 -68.20 -111.72
N GLU C 425 -90.43 -69.12 -111.12
CA GLU C 425 -89.99 -70.51 -111.01
C GLU C 425 -89.85 -71.15 -112.38
N LEU C 426 -90.67 -70.74 -113.35
CA LEU C 426 -90.51 -71.26 -114.69
C LEU C 426 -89.34 -70.61 -115.41
N LEU C 427 -89.01 -69.38 -115.05
CA LEU C 427 -87.92 -68.70 -115.75
C LEU C 427 -86.56 -69.18 -115.27
N ASN C 428 -86.38 -69.34 -113.95
CA ASN C 428 -85.02 -69.69 -113.49
C ASN C 428 -84.74 -71.18 -113.57
N LYS C 429 -85.72 -72.02 -113.24
CA LYS C 429 -85.49 -73.46 -113.20
C LYS C 429 -85.49 -74.07 -114.59
N GLY C 430 -86.60 -73.96 -115.31
CA GLY C 430 -86.68 -74.60 -116.62
C GLY C 430 -86.01 -73.78 -117.69
N GLN C 431 -84.80 -74.17 -118.07
CA GLN C 431 -84.04 -73.42 -119.06
C GLN C 431 -84.44 -73.81 -120.47
N ASP C 432 -84.22 -75.06 -120.83
CA ASP C 432 -84.46 -75.55 -122.19
C ASP C 432 -85.50 -76.67 -122.13
N PRO C 433 -86.78 -76.37 -122.41
CA PRO C 433 -87.81 -77.43 -122.38
C PRO C 433 -87.65 -78.51 -123.43
N LEU C 434 -86.79 -78.35 -124.44
CA LEU C 434 -86.40 -79.51 -125.22
C LEU C 434 -85.40 -80.38 -124.48
N ALA C 435 -84.59 -79.77 -123.64
CA ALA C 435 -83.60 -80.51 -122.89
C ALA C 435 -84.30 -81.18 -121.73
N ASP C 436 -84.48 -80.41 -120.65
CA ASP C 436 -85.10 -80.91 -119.43
C ASP C 436 -86.63 -80.88 -119.41
N ARG C 437 -87.25 -81.54 -120.37
CA ARG C 437 -88.71 -81.59 -120.42
C ARG C 437 -89.16 -82.88 -119.72
N GLY C 438 -88.19 -83.71 -119.39
CA GLY C 438 -88.46 -84.99 -118.77
C GLY C 438 -89.21 -84.87 -117.46
N GLU C 439 -88.87 -83.86 -116.67
CA GLU C 439 -89.53 -83.63 -115.40
C GLU C 439 -90.26 -82.30 -115.38
N LEU C 449 -83.49 -69.63 -106.03
CA LEU C 449 -82.06 -69.37 -106.13
C LEU C 449 -81.74 -67.93 -105.73
N ALA C 450 -80.77 -67.33 -106.41
CA ALA C 450 -80.50 -65.92 -106.23
C ALA C 450 -81.66 -65.09 -106.79
N PRO C 451 -81.95 -63.93 -106.19
CA PRO C 451 -83.04 -63.11 -106.71
C PRO C 451 -82.67 -62.46 -108.04
N ARG C 452 -83.70 -62.19 -108.84
CA ARG C 452 -83.49 -61.55 -110.13
C ARG C 452 -83.56 -60.05 -109.97
N ASN C 453 -82.94 -59.34 -110.90
CA ASN C 453 -82.98 -57.88 -110.88
C ASN C 453 -84.30 -57.46 -111.49
N LYS C 454 -85.17 -56.87 -110.66
CA LYS C 454 -86.51 -56.49 -111.10
C LYS C 454 -86.49 -55.38 -112.14
N THR C 455 -85.38 -54.65 -112.24
CA THR C 455 -85.30 -53.53 -113.16
C THR C 455 -84.85 -53.94 -114.55
N ARG C 456 -84.39 -55.17 -114.74
CA ARG C 456 -83.93 -55.62 -116.04
C ARG C 456 -85.08 -56.16 -116.88
N VAL C 457 -84.93 -56.05 -118.19
CA VAL C 457 -85.91 -56.58 -119.15
C VAL C 457 -86.02 -58.09 -118.96
N VAL C 458 -87.23 -58.54 -118.63
CA VAL C 458 -87.49 -59.95 -118.37
C VAL C 458 -87.59 -60.65 -119.71
N SER C 459 -86.82 -61.71 -119.88
CA SER C 459 -86.71 -62.34 -121.18
C SER C 459 -86.56 -63.86 -121.06
N TYR C 460 -86.83 -64.54 -122.17
CA TYR C 460 -86.92 -65.99 -122.19
C TYR C 460 -86.53 -66.49 -123.57
N ARG C 461 -85.84 -67.63 -123.62
CA ARG C 461 -85.32 -68.19 -124.85
C ARG C 461 -86.18 -69.36 -125.28
N VAL C 462 -86.99 -69.15 -126.32
CA VAL C 462 -87.91 -70.17 -126.83
C VAL C 462 -87.11 -71.20 -127.59
N PRO C 463 -87.31 -72.50 -127.34
CA PRO C 463 -86.51 -73.52 -128.01
C PRO C 463 -86.87 -73.71 -129.47
N HIS C 464 -86.19 -74.65 -130.13
CA HIS C 464 -86.55 -75.04 -131.48
C HIS C 464 -87.83 -75.86 -131.45
N ASN C 465 -88.68 -75.66 -132.46
CA ASN C 465 -90.02 -76.26 -132.55
C ASN C 465 -90.84 -75.98 -131.30
N ALA C 466 -91.09 -74.70 -131.07
CA ALA C 466 -91.87 -74.27 -129.90
C ALA C 466 -92.48 -72.92 -130.19
N ALA C 467 -93.44 -72.54 -129.36
CA ALA C 467 -94.04 -71.22 -129.45
C ALA C 467 -94.49 -70.75 -128.07
N VAL C 468 -94.57 -69.43 -127.93
CA VAL C 468 -95.13 -68.77 -126.76
C VAL C 468 -96.20 -67.80 -127.21
N GLN C 469 -97.17 -67.55 -126.34
CA GLN C 469 -98.15 -66.48 -126.53
C GLN C 469 -97.89 -65.41 -125.50
N VAL C 470 -98.03 -64.15 -125.91
CA VAL C 470 -97.77 -63.02 -125.04
C VAL C 470 -98.64 -61.86 -125.48
N TYR C 471 -99.42 -61.32 -124.55
CA TYR C 471 -100.35 -60.23 -124.85
C TYR C 471 -99.90 -58.97 -124.14
N ASP C 472 -99.81 -57.88 -124.91
CA ASP C 472 -99.49 -56.57 -124.36
C ASP C 472 -100.77 -55.97 -123.83
N TYR C 473 -100.95 -56.02 -122.51
CA TYR C 473 -102.15 -55.50 -121.86
C TYR C 473 -102.30 -54.00 -122.00
N ARG C 474 -101.20 -53.27 -122.21
CA ARG C 474 -101.28 -51.82 -122.38
C ARG C 474 -101.61 -51.45 -123.82
N GLU C 475 -100.74 -51.82 -124.76
CA GLU C 475 -100.91 -51.42 -126.16
C GLU C 475 -101.98 -52.21 -126.89
N LYS C 476 -102.57 -53.22 -126.23
CA LYS C 476 -103.68 -54.03 -126.73
C LYS C 476 -103.30 -54.75 -128.04
N ARG C 477 -102.34 -55.66 -127.90
CA ARG C 477 -101.79 -56.35 -129.06
C ARG C 477 -101.20 -57.68 -128.63
N ALA C 478 -101.69 -58.78 -129.21
CA ALA C 478 -101.18 -60.12 -128.95
C ALA C 478 -100.16 -60.51 -130.00
N ARG C 479 -99.27 -61.44 -129.63
CA ARG C 479 -98.32 -61.98 -130.58
C ARG C 479 -97.90 -63.38 -130.15
N VAL C 480 -97.77 -64.27 -131.12
CA VAL C 480 -97.31 -65.63 -130.93
C VAL C 480 -95.94 -65.73 -131.59
N VAL C 481 -94.92 -66.06 -130.81
CA VAL C 481 -93.55 -66.07 -131.27
C VAL C 481 -93.13 -67.51 -131.51
N PHE C 482 -92.72 -67.81 -132.73
CA PHE C 482 -92.32 -69.17 -133.09
C PHE C 482 -90.82 -69.32 -133.10
N GLY C 483 -90.40 -70.56 -133.36
CA GLY C 483 -89.03 -70.88 -133.65
C GLY C 483 -88.13 -70.74 -132.45
N PRO C 484 -86.82 -70.71 -132.70
CA PRO C 484 -85.84 -70.55 -131.62
C PRO C 484 -85.56 -69.11 -131.22
N GLU C 485 -86.42 -68.16 -131.54
CA GLU C 485 -86.24 -66.75 -131.21
C GLU C 485 -86.20 -66.54 -129.69
N LEU C 486 -85.54 -65.45 -129.28
CA LEU C 486 -85.51 -64.99 -127.89
C LEU C 486 -86.60 -63.94 -127.69
N VAL C 487 -87.47 -64.19 -126.72
CA VAL C 487 -88.61 -63.31 -126.44
C VAL C 487 -88.26 -62.40 -125.29
N SER C 488 -88.49 -61.10 -125.47
CA SER C 488 -88.29 -60.12 -124.41
C SER C 488 -89.59 -59.37 -124.17
N LEU C 489 -89.99 -59.27 -122.92
CA LEU C 489 -91.27 -58.66 -122.59
C LEU C 489 -91.16 -57.14 -122.60
N GLY C 490 -92.23 -56.50 -123.04
CA GLY C 490 -92.42 -55.09 -122.80
C GLY C 490 -92.77 -54.84 -121.36
N PRO C 491 -93.00 -53.57 -121.03
CA PRO C 491 -93.27 -53.22 -119.63
C PRO C 491 -94.59 -53.75 -119.08
N GLU C 492 -95.56 -54.06 -119.93
CA GLU C 492 -96.86 -54.57 -119.48
C GLU C 492 -97.24 -55.90 -120.10
N GLU C 493 -96.36 -56.55 -120.84
CA GLU C 493 -96.68 -57.82 -121.45
C GLU C 493 -96.54 -58.94 -120.42
N GLN C 494 -97.24 -60.05 -120.67
CA GLN C 494 -97.21 -61.20 -119.77
C GLN C 494 -97.14 -62.48 -120.58
N PHE C 495 -96.74 -63.56 -119.92
CA PHE C 495 -96.73 -64.86 -120.55
C PHE C 495 -98.06 -65.57 -120.32
N THR C 496 -98.38 -66.52 -121.21
CA THR C 496 -99.49 -67.43 -121.02
C THR C 496 -98.93 -68.76 -120.51
N VAL C 497 -99.11 -69.03 -119.22
CA VAL C 497 -98.60 -70.24 -118.60
C VAL C 497 -99.56 -71.37 -118.88
N LEU C 498 -99.04 -72.47 -119.43
CA LEU C 498 -99.84 -73.63 -119.78
C LEU C 498 -99.79 -74.66 -118.68
N SER C 499 -100.96 -74.99 -118.13
CA SER C 499 -101.10 -76.07 -117.16
C SER C 499 -101.44 -77.33 -117.95
N LEU C 500 -100.54 -78.30 -117.94
CA LEU C 500 -100.69 -79.48 -118.78
C LEU C 500 -100.95 -80.72 -117.93
N SER C 501 -101.05 -81.86 -118.61
CA SER C 501 -101.23 -83.15 -117.95
C SER C 501 -99.99 -84.00 -118.14
N ALA C 502 -99.72 -84.85 -117.16
CA ALA C 502 -98.54 -85.70 -117.16
C ALA C 502 -98.80 -86.86 -116.22
N GLY C 503 -97.78 -87.68 -116.01
CA GLY C 503 -97.88 -88.84 -115.14
C GLY C 503 -98.09 -90.11 -115.91
N ARG C 504 -98.12 -91.21 -115.16
CA ARG C 504 -98.27 -92.52 -115.78
C ARG C 504 -99.73 -92.84 -116.11
N PRO C 505 -100.76 -92.56 -115.23
CA PRO C 505 -102.13 -92.68 -115.73
C PRO C 505 -102.66 -91.39 -116.34
N LYS C 506 -101.76 -90.43 -116.62
CA LYS C 506 -102.09 -89.12 -117.18
C LYS C 506 -103.07 -88.33 -116.30
N ARG C 507 -102.61 -87.97 -115.10
CA ARG C 507 -103.39 -87.09 -114.25
C ARG C 507 -103.37 -85.67 -114.81
N PRO C 508 -104.35 -84.83 -114.50
CA PRO C 508 -104.29 -83.44 -114.94
C PRO C 508 -103.55 -82.58 -113.93
N HIS C 509 -103.13 -81.40 -114.42
CA HIS C 509 -102.41 -80.38 -113.65
C HIS C 509 -101.12 -80.94 -113.03
N ALA C 510 -100.28 -81.52 -113.87
CA ALA C 510 -99.07 -82.17 -113.38
C ALA C 510 -97.79 -81.60 -113.95
N ARG C 511 -97.87 -80.69 -114.92
CA ARG C 511 -96.67 -80.10 -115.50
C ARG C 511 -97.02 -78.72 -116.02
N ARG C 512 -96.69 -77.69 -115.27
CA ARG C 512 -96.86 -76.32 -115.72
C ARG C 512 -95.67 -75.93 -116.59
N ALA C 513 -95.95 -75.28 -117.70
CA ALA C 513 -94.91 -74.92 -118.63
C ALA C 513 -95.17 -73.52 -119.15
N LEU C 514 -94.24 -73.00 -119.91
CA LEU C 514 -94.29 -71.63 -120.36
C LEU C 514 -94.34 -71.52 -121.88
N CYS C 515 -93.62 -72.38 -122.58
CA CYS C 515 -93.65 -72.33 -124.02
C CYS C 515 -94.36 -73.59 -124.51
N LEU C 516 -94.81 -73.55 -125.76
CA LEU C 516 -95.52 -74.68 -126.32
C LEU C 516 -94.59 -75.34 -127.34
N LEU C 517 -94.35 -76.64 -127.16
CA LEU C 517 -93.49 -77.38 -128.06
C LEU C 517 -94.41 -78.01 -129.08
N LEU C 518 -94.20 -77.75 -130.37
CA LEU C 518 -95.12 -78.36 -131.31
C LEU C 518 -94.38 -79.30 -132.22
N GLY C 519 -93.58 -80.18 -131.65
CA GLY C 519 -92.83 -81.05 -132.52
C GLY C 519 -93.40 -82.45 -132.56
N PRO C 520 -92.84 -83.30 -133.40
CA PRO C 520 -93.27 -84.70 -133.43
C PRO C 520 -92.82 -85.48 -132.22
N ASP C 521 -93.50 -85.28 -131.09
CA ASP C 521 -93.20 -86.00 -129.88
C ASP C 521 -94.15 -87.19 -129.75
N PHE C 522 -94.15 -87.84 -128.59
CA PHE C 522 -95.23 -88.75 -128.25
C PHE C 522 -95.46 -88.72 -126.74
N PHE C 523 -96.66 -89.11 -126.35
CA PHE C 523 -96.95 -89.31 -124.95
C PHE C 523 -97.68 -90.65 -124.80
N THR C 524 -97.48 -91.27 -123.66
CA THR C 524 -97.94 -92.63 -123.43
C THR C 524 -98.91 -92.68 -122.26
N ASP C 525 -99.98 -93.46 -122.43
CA ASP C 525 -101.09 -93.49 -121.48
C ASP C 525 -101.40 -94.95 -121.15
N VAL C 526 -102.03 -95.16 -120.00
CA VAL C 526 -102.42 -96.48 -119.52
C VAL C 526 -103.93 -96.53 -119.43
N ILE C 527 -104.55 -97.43 -120.20
CA ILE C 527 -105.99 -97.47 -120.39
C ILE C 527 -106.51 -98.80 -119.89
N THR C 528 -107.39 -98.78 -118.90
CA THR C 528 -108.06 -99.99 -118.41
C THR C 528 -109.41 -100.11 -119.10
N ILE C 529 -109.59 -101.20 -119.84
CA ILE C 529 -110.81 -101.44 -120.61
C ILE C 529 -111.40 -102.79 -120.22
N GLU C 530 -112.55 -103.11 -120.81
CA GLU C 530 -113.24 -104.35 -120.54
C GLU C 530 -114.00 -104.77 -121.79
N THR C 531 -113.96 -106.07 -122.10
CA THR C 531 -114.46 -106.57 -123.36
C THR C 531 -115.88 -107.09 -123.21
N ALA C 532 -116.43 -107.61 -124.33
CA ALA C 532 -117.78 -108.15 -124.33
C ALA C 532 -117.89 -109.45 -123.54
N ASP C 533 -116.77 -110.12 -123.28
CA ASP C 533 -116.74 -111.27 -122.39
C ASP C 533 -116.50 -110.87 -120.94
N HIS C 534 -116.51 -109.57 -120.66
CA HIS C 534 -116.22 -108.98 -119.35
C HIS C 534 -114.81 -109.34 -118.87
N ALA C 535 -113.84 -109.22 -119.77
CA ALA C 535 -112.44 -109.39 -119.42
C ALA C 535 -111.82 -108.04 -119.15
N ARG C 536 -111.57 -107.73 -117.89
CA ARG C 536 -110.89 -106.50 -117.55
C ARG C 536 -109.39 -106.64 -117.76
N LEU C 537 -108.82 -105.71 -118.51
CA LEU C 537 -107.44 -105.78 -118.92
C LEU C 537 -106.96 -104.38 -119.24
N GLN C 538 -105.71 -104.09 -118.92
CA GLN C 538 -105.19 -102.74 -119.09
C GLN C 538 -104.13 -102.68 -120.18
N LEU C 539 -104.01 -101.51 -120.79
CA LEU C 539 -103.19 -101.29 -121.97
C LEU C 539 -102.10 -100.27 -121.68
N GLN C 540 -101.14 -100.23 -122.59
CA GLN C 540 -100.13 -99.17 -122.63
C GLN C 540 -99.99 -98.75 -124.07
N LEU C 541 -100.33 -97.50 -124.35
CA LEU C 541 -100.40 -97.00 -125.71
C LEU C 541 -99.36 -95.90 -125.89
N ALA C 542 -99.14 -95.48 -127.13
CA ALA C 542 -98.15 -94.46 -127.43
C ALA C 542 -98.65 -93.66 -128.61
N TYR C 543 -98.62 -92.33 -128.50
CA TYR C 543 -99.40 -91.45 -129.37
C TYR C 543 -98.48 -90.47 -130.08
N ASN C 544 -98.13 -90.74 -131.34
CA ASN C 544 -97.32 -89.80 -132.10
C ASN C 544 -98.19 -88.63 -132.52
N TRP C 545 -97.85 -87.43 -132.05
CA TRP C 545 -98.59 -86.22 -132.36
C TRP C 545 -97.65 -85.11 -132.85
N HIS C 546 -98.22 -84.17 -133.59
CA HIS C 546 -97.59 -82.88 -133.83
C HIS C 546 -98.67 -81.87 -134.14
N PHE C 547 -98.28 -80.60 -134.18
CA PHE C 547 -99.17 -79.51 -134.55
C PHE C 547 -98.98 -79.11 -136.00
N GLU C 548 -100.08 -78.98 -136.72
CA GLU C 548 -100.05 -78.55 -138.10
C GLU C 548 -100.34 -77.05 -138.12
N VAL C 549 -99.28 -76.26 -138.20
CA VAL C 549 -99.39 -74.81 -138.31
C VAL C 549 -99.16 -74.49 -139.79
N ASN C 550 -100.23 -74.13 -140.49
CA ASN C 550 -100.14 -73.92 -141.92
C ASN C 550 -99.40 -72.63 -142.24
N ASP C 551 -99.74 -71.56 -141.54
CA ASP C 551 -99.06 -70.27 -141.69
C ASP C 551 -98.69 -69.78 -140.29
N ARG C 552 -97.41 -69.51 -140.08
CA ARG C 552 -96.97 -68.93 -138.82
C ARG C 552 -97.15 -67.42 -138.77
N LYS C 553 -97.53 -66.80 -139.88
CA LYS C 553 -97.80 -65.37 -139.92
C LYS C 553 -99.27 -65.04 -139.71
N ASP C 554 -100.14 -66.03 -139.64
CA ASP C 554 -101.56 -65.80 -139.49
C ASP C 554 -101.89 -65.53 -138.02
N PRO C 555 -102.45 -64.37 -137.67
CA PRO C 555 -102.79 -64.14 -136.26
C PRO C 555 -103.96 -64.96 -135.76
N GLN C 556 -104.80 -65.48 -136.65
CA GLN C 556 -105.97 -66.22 -136.19
C GLN C 556 -105.72 -67.71 -136.11
N GLU C 557 -104.93 -68.26 -137.03
CA GLU C 557 -104.59 -69.68 -136.94
C GLU C 557 -103.68 -69.97 -135.76
N THR C 558 -102.62 -69.18 -135.61
CA THR C 558 -101.64 -69.40 -134.57
C THR C 558 -102.16 -69.09 -133.18
N ALA C 559 -103.26 -68.33 -133.08
CA ALA C 559 -103.93 -68.17 -131.79
C ALA C 559 -104.61 -69.45 -131.33
N LYS C 560 -104.94 -70.35 -132.25
CA LYS C 560 -105.71 -71.53 -131.89
C LYS C 560 -104.87 -72.62 -131.25
N LEU C 561 -103.55 -72.48 -131.23
CA LEU C 561 -102.73 -73.46 -130.52
C LEU C 561 -102.93 -73.36 -129.02
N PHE C 562 -103.34 -72.18 -128.55
CA PHE C 562 -103.59 -71.93 -127.14
C PHE C 562 -105.08 -71.87 -126.83
N SER C 563 -105.90 -72.28 -127.79
CA SER C 563 -107.33 -72.31 -127.68
C SER C 563 -107.74 -73.44 -126.78
N VAL C 564 -106.90 -74.45 -126.70
CA VAL C 564 -107.11 -75.62 -125.90
C VAL C 564 -105.94 -75.67 -124.94
N PRO C 565 -106.14 -75.18 -123.71
CA PRO C 565 -105.05 -75.16 -122.72
C PRO C 565 -104.63 -76.47 -122.00
N ASP C 566 -104.89 -77.63 -122.57
CA ASP C 566 -104.45 -78.90 -121.99
C ASP C 566 -104.59 -79.91 -123.09
N PHE C 567 -103.69 -79.81 -124.06
CA PHE C 567 -103.78 -80.58 -125.29
C PHE C 567 -103.44 -82.05 -125.09
N VAL C 568 -102.88 -82.41 -123.94
CA VAL C 568 -102.48 -83.78 -123.66
C VAL C 568 -103.59 -84.55 -122.97
N GLY C 569 -104.21 -83.96 -121.95
CA GLY C 569 -105.31 -84.63 -121.27
C GLY C 569 -106.53 -84.79 -122.15
N ASP C 570 -106.77 -83.83 -123.03
CA ASP C 570 -107.89 -83.88 -123.96
C ASP C 570 -107.76 -85.05 -124.93
N ALA C 571 -106.63 -85.12 -125.65
CA ALA C 571 -106.40 -86.18 -126.61
C ALA C 571 -106.32 -87.55 -125.96
N CYS C 572 -105.75 -87.63 -124.76
CA CYS C 572 -105.62 -88.94 -124.14
C CYS C 572 -106.97 -89.45 -123.64
N LYS C 573 -107.83 -88.58 -123.08
CA LYS C 573 -109.15 -89.06 -122.69
C LYS C 573 -110.03 -89.33 -123.92
N ALA C 574 -109.76 -88.64 -125.04
CA ALA C 574 -110.56 -88.86 -126.24
C ALA C 574 -110.26 -90.21 -126.87
N ILE C 575 -108.97 -90.52 -127.01
CA ILE C 575 -108.56 -91.83 -127.50
C ILE C 575 -108.91 -92.93 -126.50
N ALA C 576 -108.90 -92.63 -125.20
CA ALA C 576 -109.33 -93.60 -124.20
C ALA C 576 -110.81 -93.96 -124.36
N SER C 577 -111.65 -92.94 -124.58
CA SER C 577 -113.07 -93.17 -124.79
C SER C 577 -113.33 -93.95 -126.08
N ARG C 578 -112.60 -93.62 -127.15
CA ARG C 578 -112.80 -94.31 -128.42
C ARG C 578 -112.40 -95.77 -128.35
N VAL C 579 -111.20 -96.07 -127.84
CA VAL C 579 -110.73 -97.44 -127.72
C VAL C 579 -111.61 -98.23 -126.75
N ARG C 580 -111.94 -97.63 -125.62
CA ARG C 580 -112.77 -98.28 -124.64
C ARG C 580 -114.14 -98.62 -125.22
N GLY C 581 -114.68 -97.72 -126.03
CA GLY C 581 -115.99 -97.94 -126.61
C GLY C 581 -115.99 -99.01 -127.67
N ALA C 582 -114.95 -99.04 -128.51
CA ALA C 582 -114.94 -100.02 -129.59
C ALA C 582 -114.59 -101.43 -129.12
N VAL C 583 -113.77 -101.57 -128.07
CA VAL C 583 -113.38 -102.91 -127.66
C VAL C 583 -114.49 -103.57 -126.84
N ALA C 584 -115.37 -102.78 -126.23
CA ALA C 584 -116.43 -103.29 -125.35
C ALA C 584 -117.44 -104.17 -126.06
N SER C 585 -117.51 -104.13 -127.39
CA SER C 585 -118.38 -104.99 -128.16
C SER C 585 -117.60 -106.07 -128.91
N VAL C 586 -116.35 -106.33 -128.53
CA VAL C 586 -115.50 -107.33 -129.17
C VAL C 586 -115.10 -108.35 -128.12
N THR C 587 -115.24 -109.63 -128.47
CA THR C 587 -114.91 -110.72 -127.55
C THR C 587 -113.40 -110.78 -127.28
N PHE C 588 -113.04 -111.59 -126.29
CA PHE C 588 -111.66 -111.60 -125.79
C PHE C 588 -110.71 -112.27 -126.76
N ASP C 589 -111.13 -113.36 -127.42
CA ASP C 589 -110.25 -114.08 -128.34
C ASP C 589 -109.94 -113.25 -129.58
N ASP C 590 -110.98 -112.62 -130.15
CA ASP C 590 -110.80 -111.77 -131.32
C ASP C 590 -109.90 -110.59 -130.99
N PHE C 591 -110.06 -110.01 -129.79
CA PHE C 591 -109.22 -108.89 -129.40
C PHE C 591 -107.78 -109.31 -129.20
N HIS C 592 -107.56 -110.47 -128.55
CA HIS C 592 -106.20 -110.95 -128.33
C HIS C 592 -105.49 -111.29 -129.64
N LYS C 593 -106.21 -111.83 -130.61
CA LYS C 593 -105.56 -112.17 -131.86
C LYS C 593 -105.49 -111.01 -132.84
N ASN C 594 -106.25 -109.93 -132.65
CA ASN C 594 -106.31 -108.88 -133.66
C ASN C 594 -106.21 -107.48 -133.08
N SER C 595 -105.58 -107.32 -131.91
CA SER C 595 -105.69 -106.08 -131.16
C SER C 595 -104.98 -104.90 -131.81
N ALA C 596 -104.17 -105.15 -132.84
CA ALA C 596 -103.58 -104.04 -133.57
C ALA C 596 -104.61 -103.34 -134.44
N ARG C 597 -105.37 -104.13 -135.20
CA ARG C 597 -106.35 -103.59 -136.13
C ARG C 597 -107.54 -103.00 -135.41
N ILE C 598 -107.93 -103.60 -134.29
CA ILE C 598 -109.06 -103.12 -133.48
C ILE C 598 -108.78 -101.71 -132.99
N ILE C 599 -107.59 -101.49 -132.42
CA ILE C 599 -107.28 -100.19 -131.84
C ILE C 599 -106.94 -99.17 -132.92
N ARG C 600 -106.30 -99.62 -134.00
CA ARG C 600 -106.01 -98.69 -135.10
C ARG C 600 -107.29 -98.25 -135.80
N THR C 601 -108.33 -99.08 -135.79
CA THR C 601 -109.61 -98.67 -136.35
C THR C 601 -110.40 -97.84 -135.34
N ALA C 602 -110.23 -98.12 -134.04
CA ALA C 602 -110.94 -97.37 -133.00
C ALA C 602 -110.45 -95.94 -132.92
N VAL C 603 -109.15 -95.72 -133.07
CA VAL C 603 -108.60 -94.37 -132.93
C VAL C 603 -108.92 -93.53 -134.17
N PHE C 604 -108.59 -94.05 -135.34
CA PHE C 604 -108.79 -93.31 -136.57
C PHE C 604 -110.21 -93.56 -137.09
N GLY C 605 -110.49 -93.15 -138.32
CA GLY C 605 -111.82 -93.35 -138.85
C GLY C 605 -111.78 -93.80 -140.30
N PHE C 606 -112.68 -93.26 -141.11
CA PHE C 606 -112.79 -93.65 -142.51
C PHE C 606 -112.96 -92.45 -143.43
N ARG C 623 -108.75 -93.72 -142.31
CA ARG C 623 -107.94 -92.51 -142.21
C ARG C 623 -106.59 -92.80 -141.57
N ASP C 624 -105.54 -92.13 -142.06
CA ASP C 624 -104.20 -92.32 -141.55
C ASP C 624 -103.90 -91.50 -140.29
N GLN C 625 -104.59 -90.37 -140.11
CA GLN C 625 -104.28 -89.44 -139.03
C GLN C 625 -105.57 -89.04 -138.33
N ALA C 626 -105.45 -88.71 -137.05
CA ALA C 626 -106.57 -88.25 -136.24
C ALA C 626 -106.35 -86.78 -135.91
N VAL C 627 -106.84 -85.90 -136.78
CA VAL C 627 -106.68 -84.47 -136.59
C VAL C 627 -107.71 -83.98 -135.57
N PHE C 628 -107.30 -83.03 -134.74
CA PHE C 628 -108.16 -82.38 -133.75
C PHE C 628 -108.28 -80.90 -134.08
N PRO C 629 -109.36 -80.47 -134.74
CA PRO C 629 -109.34 -79.16 -135.40
C PRO C 629 -109.54 -77.97 -134.49
N GLN C 630 -109.77 -78.17 -133.19
CA GLN C 630 -109.84 -77.05 -132.25
C GLN C 630 -108.49 -76.35 -132.13
N ASN C 631 -107.40 -77.12 -132.20
CA ASN C 631 -106.07 -76.56 -132.06
C ASN C 631 -105.08 -76.99 -133.14
N GLY C 632 -105.44 -77.90 -134.03
CA GLY C 632 -104.56 -78.33 -135.08
C GLY C 632 -103.70 -79.52 -134.74
N LEU C 633 -104.06 -80.28 -133.71
CA LEU C 633 -103.22 -81.37 -133.24
C LEU C 633 -103.57 -82.65 -133.98
N VAL C 634 -102.69 -83.10 -134.85
CA VAL C 634 -102.90 -84.37 -135.50
C VAL C 634 -102.28 -85.45 -134.62
N VAL C 635 -102.83 -86.66 -134.71
CA VAL C 635 -102.23 -87.85 -134.12
C VAL C 635 -101.99 -88.81 -135.27
N SER C 636 -100.74 -89.11 -135.53
CA SER C 636 -100.35 -89.83 -136.73
C SER C 636 -100.14 -91.32 -136.49
N SER C 637 -100.08 -91.77 -135.24
CA SER C 637 -99.83 -93.17 -134.98
C SER C 637 -100.31 -93.53 -133.59
N VAL C 638 -100.62 -94.81 -133.42
CA VAL C 638 -100.84 -95.40 -132.11
C VAL C 638 -100.00 -96.67 -132.05
N ASP C 639 -99.41 -96.93 -130.88
CA ASP C 639 -98.46 -98.01 -130.69
C ASP C 639 -98.81 -98.73 -129.40
N VAL C 640 -99.44 -99.88 -129.49
CA VAL C 640 -99.80 -100.64 -128.31
C VAL C 640 -98.58 -101.41 -127.82
N GLN C 641 -98.38 -101.41 -126.50
CA GLN C 641 -97.17 -101.91 -125.90
C GLN C 641 -97.40 -103.16 -125.05
N SER C 642 -98.29 -103.09 -124.08
CA SER C 642 -98.56 -104.20 -123.18
C SER C 642 -100.05 -104.34 -122.95
N VAL C 643 -100.58 -105.52 -123.27
CA VAL C 643 -101.97 -105.85 -123.00
C VAL C 643 -101.96 -107.06 -122.07
N GLU C 644 -102.37 -106.86 -120.83
CA GLU C 644 -102.42 -107.96 -119.88
C GLU C 644 -103.70 -107.84 -119.06
N PRO C 645 -104.23 -108.96 -118.60
CA PRO C 645 -105.42 -108.91 -117.75
C PRO C 645 -105.12 -108.36 -116.38
N VAL C 646 -106.08 -107.61 -115.85
CA VAL C 646 -105.99 -107.11 -114.49
C VAL C 646 -106.11 -108.27 -113.50
N ASP C 647 -106.96 -109.23 -113.81
CA ASP C 647 -107.25 -110.32 -112.90
C ASP C 647 -106.19 -111.41 -113.05
N GLN C 648 -105.69 -111.89 -111.91
CA GLN C 648 -104.64 -112.91 -111.92
C GLN C 648 -105.18 -114.28 -112.29
N ARG C 649 -106.44 -114.54 -111.96
CA ARG C 649 -107.07 -115.81 -112.29
C ARG C 649 -107.14 -115.99 -113.79
N THR C 650 -107.36 -114.90 -114.51
CA THR C 650 -107.42 -114.93 -115.97
C THR C 650 -106.08 -115.38 -116.57
N ARG C 651 -104.98 -114.80 -116.09
CA ARG C 651 -103.65 -115.17 -116.56
C ARG C 651 -103.32 -116.62 -116.21
N ASP C 652 -103.73 -117.04 -115.00
CA ASP C 652 -103.55 -118.43 -114.59
C ASP C 652 -104.35 -119.39 -115.44
N ALA C 653 -105.54 -118.98 -115.90
CA ALA C 653 -106.31 -119.81 -116.80
C ALA C 653 -105.67 -119.88 -118.19
N LEU C 654 -104.99 -118.81 -118.62
CA LEU C 654 -104.34 -118.85 -119.92
C LEU C 654 -103.06 -119.69 -119.92
N GLN C 655 -102.42 -119.82 -118.75
CA GLN C 655 -101.25 -120.70 -118.65
C GLN C 655 -101.61 -122.16 -118.91
N ARG C 656 -102.81 -122.58 -118.51
CA ARG C 656 -103.24 -123.93 -118.82
C ARG C 656 -103.49 -124.11 -120.31
N SER C 657 -103.92 -123.04 -120.99
CA SER C 657 -104.09 -123.08 -122.44
C SER C 657 -102.74 -123.26 -123.15
N VAL C 658 -101.71 -122.55 -122.70
CA VAL C 658 -100.43 -122.70 -123.40
C VAL C 658 -99.79 -124.06 -123.10
N GLN C 659 -99.97 -124.61 -121.89
CA GLN C 659 -99.39 -125.92 -121.64
C GLN C 659 -100.16 -127.02 -122.37
N LEU C 660 -101.47 -126.81 -122.61
CA LEU C 660 -102.19 -127.76 -123.46
C LEU C 660 -101.73 -127.67 -124.91
N ALA C 661 -101.39 -126.48 -125.40
CA ALA C 661 -100.86 -126.37 -126.76
C ALA C 661 -99.54 -127.11 -126.91
N ILE C 662 -98.68 -127.02 -125.90
CA ILE C 662 -97.39 -127.72 -125.94
C ILE C 662 -97.60 -129.24 -125.92
N GLU C 663 -98.52 -129.72 -125.08
CA GLU C 663 -98.82 -131.16 -125.03
C GLU C 663 -99.38 -131.66 -126.36
N ILE C 664 -100.18 -130.81 -127.03
CA ILE C 664 -100.70 -131.17 -128.35
C ILE C 664 -99.58 -131.32 -129.36
N THR C 665 -98.59 -130.42 -129.29
CA THR C 665 -97.48 -130.49 -130.26
C THR C 665 -96.62 -131.74 -130.05
N THR C 666 -96.36 -132.10 -128.79
CA THR C 666 -95.58 -133.31 -128.53
C THR C 666 -96.33 -134.57 -128.93
N ASN C 667 -97.65 -134.61 -128.70
CA ASN C 667 -98.45 -135.75 -129.15
C ASN C 667 -98.45 -135.86 -130.67
N SER C 668 -98.44 -134.73 -131.38
CA SER C 668 -98.40 -134.78 -132.84
C SER C 668 -97.07 -135.33 -133.35
N GLN C 669 -95.95 -134.93 -132.74
CA GLN C 669 -94.67 -135.48 -133.22
C GLN C 669 -94.53 -136.97 -132.87
N GLU C 670 -95.10 -137.40 -131.74
CA GLU C 670 -95.02 -138.81 -131.39
C GLU C 670 -95.87 -139.66 -132.33
N ALA C 671 -97.03 -139.15 -132.75
CA ALA C 671 -97.86 -139.87 -133.70
C ALA C 671 -97.19 -139.96 -135.07
N ALA C 672 -96.54 -138.87 -135.51
CA ALA C 672 -95.83 -138.92 -136.79
C ALA C 672 -94.67 -139.93 -136.75
N ALA C 673 -93.96 -139.99 -135.62
CA ALA C 673 -92.88 -140.96 -135.48
C ALA C 673 -93.40 -142.39 -135.46
N LYS C 674 -94.55 -142.61 -134.82
CA LYS C 674 -95.14 -143.95 -134.78
C LYS C 674 -95.56 -144.41 -136.17
N HIS C 675 -96.10 -143.49 -136.97
CA HIS C 675 -96.54 -143.91 -138.30
C HIS C 675 -95.36 -144.16 -139.24
N GLU C 676 -94.26 -143.42 -139.06
CA GLU C 676 -93.07 -143.70 -139.86
C GLU C 676 -92.44 -145.03 -139.48
N ALA C 677 -92.43 -145.33 -138.17
CA ALA C 677 -91.95 -146.63 -137.69
C ALA C 677 -92.76 -147.77 -138.27
N GLN C 678 -94.09 -147.63 -138.31
CA GLN C 678 -94.93 -148.69 -138.85
C GLN C 678 -94.74 -148.86 -140.35
N ARG C 679 -94.49 -147.77 -141.08
CA ARG C 679 -94.23 -147.90 -142.51
C ARG C 679 -92.94 -148.66 -142.79
N LEU C 680 -91.86 -148.32 -142.07
CA LEU C 680 -90.58 -149.01 -142.28
C LEU C 680 -90.68 -150.48 -141.86
N GLU C 681 -91.40 -150.76 -140.78
CA GLU C 681 -91.61 -152.12 -140.31
C GLU C 681 -92.33 -152.97 -141.35
N GLN C 682 -93.39 -152.43 -141.96
CA GLN C 682 -94.11 -153.20 -142.96
C GLN C 682 -93.29 -153.39 -144.23
N GLU C 683 -92.47 -152.41 -144.61
CA GLU C 683 -91.65 -152.55 -145.80
C GLU C 683 -90.60 -153.65 -145.62
N ALA C 684 -89.97 -153.69 -144.46
CA ALA C 684 -88.99 -154.73 -144.18
C ALA C 684 -89.63 -156.11 -144.11
N ARG C 685 -90.85 -156.19 -143.53
CA ARG C 685 -91.56 -157.47 -143.46
C ARG C 685 -91.90 -157.99 -144.86
N GLY C 686 -92.28 -157.10 -145.77
CA GLY C 686 -92.63 -157.53 -147.12
C GLY C 686 -91.43 -158.02 -147.89
N ARG C 687 -90.29 -157.33 -147.76
CA ARG C 687 -89.06 -157.82 -148.41
C ARG C 687 -88.62 -159.15 -147.82
N LEU C 688 -88.79 -159.34 -146.51
CA LEU C 688 -88.41 -160.60 -145.87
C LEU C 688 -89.27 -161.75 -146.38
N GLU C 689 -90.57 -161.52 -146.58
CA GLU C 689 -91.42 -162.59 -147.07
C GLU C 689 -91.10 -162.98 -148.51
N ARG C 690 -90.86 -161.97 -149.36
CA ARG C 690 -90.47 -162.27 -150.74
C ARG C 690 -89.15 -163.02 -150.81
N GLN C 691 -88.21 -162.70 -149.91
CA GLN C 691 -86.94 -163.41 -149.90
C GLN C 691 -87.08 -164.84 -149.39
N LYS C 692 -87.97 -165.10 -148.42
CA LYS C 692 -88.19 -166.47 -147.96
C LYS C 692 -88.77 -167.33 -149.07
N ILE C 693 -89.70 -166.78 -149.86
CA ILE C 693 -90.25 -167.54 -150.99
C ILE C 693 -89.18 -167.79 -152.05
N LEU C 694 -88.27 -166.84 -152.26
CA LEU C 694 -87.19 -167.08 -153.23
C LEU C 694 -86.20 -168.15 -152.77
N ASP C 695 -85.91 -168.20 -151.45
CA ASP C 695 -85.05 -169.24 -150.92
C ASP C 695 -85.70 -170.61 -151.04
N GLN C 696 -87.02 -170.68 -150.79
CA GLN C 696 -87.73 -171.94 -150.99
C GLN C 696 -87.73 -172.37 -152.45
N SER C 697 -87.72 -171.40 -153.37
CA SER C 697 -87.62 -171.72 -154.79
C SER C 697 -86.27 -172.37 -155.14
N GLU C 698 -85.17 -171.83 -154.60
CA GLU C 698 -83.86 -172.44 -154.84
C GLU C 698 -83.76 -173.83 -154.22
N ALA C 699 -84.29 -173.99 -153.02
CA ALA C 699 -84.30 -175.28 -152.35
C ALA C 699 -85.10 -176.31 -153.14
N GLU C 700 -86.21 -175.92 -153.76
CA GLU C 700 -86.95 -176.86 -154.60
C GLU C 700 -86.22 -177.18 -155.89
N LYS C 701 -85.46 -176.22 -156.44
CA LYS C 701 -84.64 -176.48 -157.63
C LYS C 701 -83.60 -177.57 -157.37
N ALA C 702 -83.02 -177.63 -156.17
CA ALA C 702 -82.09 -178.72 -155.90
C ALA C 702 -82.80 -180.00 -155.44
N ARG C 703 -83.94 -179.85 -154.75
CA ARG C 703 -84.70 -180.98 -154.25
C ARG C 703 -85.24 -181.85 -155.37
N LYS C 704 -85.49 -181.26 -156.55
CA LYS C 704 -85.89 -182.05 -157.71
C LYS C 704 -84.86 -183.10 -158.09
N GLU C 705 -83.58 -182.72 -158.11
CA GLU C 705 -82.52 -183.66 -158.45
C GLU C 705 -82.30 -184.69 -157.35
N LEU C 706 -82.43 -184.27 -156.09
CA LEU C 706 -82.42 -185.24 -154.99
C LEU C 706 -83.50 -186.30 -155.14
N LEU C 707 -84.72 -185.90 -155.53
CA LEU C 707 -85.79 -186.87 -155.72
C LEU C 707 -85.57 -187.77 -156.91
N GLU C 708 -84.90 -187.27 -157.96
CA GLU C 708 -84.55 -188.13 -159.09
C GLU C 708 -83.58 -189.25 -158.67
N LEU C 709 -82.56 -188.88 -157.90
CA LEU C 709 -81.60 -189.89 -157.45
C LEU C 709 -82.23 -190.89 -156.49
N GLU C 710 -83.14 -190.42 -155.62
CA GLU C 710 -83.83 -191.35 -154.74
C GLU C 710 -84.74 -192.30 -155.50
N ALA C 711 -85.32 -191.82 -156.61
CA ALA C 711 -86.11 -192.69 -157.47
C ALA C 711 -85.27 -193.80 -158.10
N LEU C 712 -84.07 -193.44 -158.56
CA LEU C 712 -83.15 -194.46 -159.11
C LEU C 712 -82.75 -195.48 -158.06
N SER C 713 -82.47 -195.02 -156.83
CA SER C 713 -82.06 -195.95 -155.77
C SER C 713 -83.18 -196.89 -155.37
N MET C 714 -84.42 -196.38 -155.32
CA MET C 714 -85.55 -197.24 -155.00
C MET C 714 -85.80 -198.27 -156.10
N ALA C 715 -85.58 -197.85 -157.36
CA ALA C 715 -85.70 -198.78 -158.49
C ALA C 715 -84.71 -199.93 -158.37
N VAL C 716 -83.45 -199.58 -158.07
CA VAL C 716 -82.37 -200.58 -157.94
C VAL C 716 -82.67 -201.57 -156.83
N GLU C 717 -83.06 -201.05 -155.65
CA GLU C 717 -83.33 -201.90 -154.49
C GLU C 717 -84.50 -202.84 -154.75
N SER C 718 -85.59 -202.33 -155.33
CA SER C 718 -86.79 -203.15 -155.53
C SER C 718 -86.55 -204.25 -156.57
N THR C 719 -85.92 -203.90 -157.69
CA THR C 719 -85.71 -204.93 -158.69
C THR C 719 -84.66 -205.95 -158.26
N GLY C 720 -83.69 -205.55 -157.43
CA GLY C 720 -82.73 -206.52 -156.94
C GLY C 720 -83.36 -207.53 -156.00
N THR C 721 -84.22 -207.04 -155.08
CA THR C 721 -84.89 -207.94 -154.14
C THR C 721 -85.80 -208.94 -154.86
N ALA C 722 -86.61 -208.44 -155.81
CA ALA C 722 -87.55 -209.32 -156.51
C ALA C 722 -86.81 -210.34 -157.39
N LYS C 723 -85.76 -209.89 -158.08
CA LYS C 723 -84.97 -210.78 -158.93
C LYS C 723 -84.30 -211.88 -158.12
N ALA C 724 -83.74 -211.53 -156.95
CA ALA C 724 -83.04 -212.51 -156.12
C ALA C 724 -83.98 -213.58 -155.61
N GLU C 725 -85.14 -213.17 -155.08
CA GLU C 725 -86.10 -214.14 -154.55
C GLU C 725 -86.65 -215.05 -155.65
N ALA C 726 -86.96 -214.47 -156.82
CA ALA C 726 -87.53 -215.26 -157.90
C ALA C 726 -86.51 -216.25 -158.47
N GLU C 727 -85.25 -215.85 -158.59
CA GLU C 727 -84.25 -216.76 -159.13
C GLU C 727 -83.90 -217.87 -158.15
N SER C 728 -83.93 -217.60 -156.84
CA SER C 728 -83.72 -218.67 -155.87
C SER C 728 -84.84 -219.71 -155.94
N ARG C 729 -86.08 -219.25 -156.06
CA ARG C 729 -87.20 -220.19 -156.20
C ARG C 729 -87.12 -220.98 -157.50
N ALA C 730 -86.68 -220.36 -158.59
CA ALA C 730 -86.55 -221.08 -159.86
C ALA C 730 -85.44 -222.12 -159.83
N GLU C 731 -84.33 -221.81 -159.14
CA GLU C 731 -83.24 -222.77 -159.03
C GLU C 731 -83.64 -223.99 -158.21
N ALA C 732 -84.31 -223.75 -157.07
CA ALA C 732 -84.83 -224.85 -156.26
C ALA C 732 -85.81 -225.71 -157.06
N ALA C 733 -86.67 -225.06 -157.86
CA ALA C 733 -87.64 -225.80 -158.67
C ALA C 733 -86.98 -226.63 -159.76
N ARG C 734 -85.89 -226.12 -160.38
CA ARG C 734 -85.19 -226.89 -161.40
C ARG C 734 -84.50 -228.12 -160.82
N ILE C 735 -83.87 -227.96 -159.65
CA ILE C 735 -83.24 -229.11 -159.00
C ILE C 735 -84.27 -230.16 -158.62
N GLU C 736 -85.43 -229.71 -158.10
CA GLU C 736 -86.51 -230.65 -157.76
C GLU C 736 -87.06 -231.34 -159.00
N GLY C 737 -87.10 -230.64 -160.13
CA GLY C 737 -87.61 -231.27 -161.34
C GLY C 737 -86.71 -232.36 -161.88
N GLU C 738 -85.39 -232.11 -161.92
CA GLU C 738 -84.47 -233.14 -162.37
C GLU C 738 -84.42 -234.31 -161.39
N GLY C 739 -84.55 -234.03 -160.09
CA GLY C 739 -84.68 -235.09 -159.13
C GLY C 739 -85.92 -235.91 -159.31
N SER C 740 -87.03 -235.27 -159.70
CA SER C 740 -88.27 -236.00 -159.94
C SER C 740 -88.17 -236.89 -161.16
N VAL C 741 -87.42 -236.46 -162.18
CA VAL C 741 -87.16 -237.30 -163.36
C VAL C 741 -86.40 -238.57 -162.94
N LEU C 742 -85.36 -238.39 -162.12
CA LEU C 742 -84.56 -239.54 -161.71
C LEU C 742 -85.34 -240.49 -160.80
N GLN C 743 -86.15 -239.93 -159.89
CA GLN C 743 -87.05 -240.72 -159.06
C GLN C 743 -88.03 -241.52 -159.91
N ALA C 744 -88.56 -240.91 -160.98
CA ALA C 744 -89.51 -241.59 -161.84
C ALA C 744 -88.88 -242.77 -162.56
N LYS C 745 -87.64 -242.60 -163.02
CA LYS C 745 -86.94 -243.70 -163.70
C LYS C 745 -86.65 -244.86 -162.75
N LEU C 746 -86.19 -244.55 -161.52
CA LEU C 746 -85.86 -245.61 -160.58
C LEU C 746 -87.11 -246.34 -160.07
N LYS C 747 -88.19 -245.58 -159.87
CA LYS C 747 -89.48 -246.17 -159.52
C LYS C 747 -89.99 -247.09 -160.61
N ALA C 748 -89.73 -246.71 -161.87
CA ALA C 748 -90.10 -247.55 -163.00
C ALA C 748 -89.33 -248.87 -163.00
N GLN C 749 -88.03 -248.83 -162.67
CA GLN C 749 -87.25 -250.06 -162.65
C GLN C 749 -87.70 -251.02 -161.54
N ALA C 750 -87.96 -250.48 -160.34
CA ALA C 750 -88.42 -251.33 -159.24
C ALA C 750 -89.80 -251.89 -159.51
N LEU C 751 -90.66 -251.10 -160.19
CA LEU C 751 -91.97 -251.59 -160.58
C LEU C 751 -91.85 -252.72 -161.60
N ALA C 752 -90.88 -252.62 -162.52
CA ALA C 752 -90.67 -253.69 -163.50
C ALA C 752 -90.25 -255.00 -162.83
N ILE C 753 -89.35 -254.92 -161.84
CA ILE C 753 -88.90 -256.13 -161.15
C ILE C 753 -90.05 -256.79 -160.39
N GLU C 754 -90.77 -256.00 -159.58
CA GLU C 754 -91.84 -256.60 -158.79
C GLU C 754 -93.01 -257.08 -159.66
N THR C 755 -93.23 -256.43 -160.81
CA THR C 755 -94.28 -256.86 -161.72
C THR C 755 -93.93 -258.20 -162.37
N GLU C 756 -92.68 -258.36 -162.80
CA GLU C 756 -92.26 -259.62 -163.42
C GLU C 756 -92.36 -260.79 -162.44
N ALA C 757 -91.93 -260.57 -161.19
CA ALA C 757 -92.04 -261.63 -160.17
C ALA C 757 -93.50 -261.99 -159.89
N GLU C 758 -94.35 -260.97 -159.73
CA GLU C 758 -95.76 -261.21 -159.45
C GLU C 758 -96.46 -261.94 -160.59
N LEU C 759 -96.10 -261.61 -161.83
CA LEU C 759 -96.80 -262.22 -162.96
C LEU C 759 -96.35 -263.67 -163.15
N GLN C 760 -95.08 -263.98 -162.88
CA GLN C 760 -94.65 -265.39 -162.90
C GLN C 760 -95.39 -266.21 -161.84
N ARG C 761 -95.54 -265.63 -160.64
CA ARG C 761 -96.29 -266.31 -159.58
C ARG C 761 -97.74 -266.57 -159.97
N VAL C 762 -98.43 -265.54 -160.45
CA VAL C 762 -99.84 -265.65 -160.79
C VAL C 762 -100.05 -266.63 -161.96
N GLN C 763 -99.10 -266.67 -162.90
CA GLN C 763 -99.17 -267.62 -164.00
C GLN C 763 -99.10 -269.06 -163.51
N LYS C 764 -98.13 -269.36 -162.63
CA LYS C 764 -98.00 -270.73 -162.12
C LYS C 764 -99.20 -271.16 -161.29
N VAL C 765 -99.69 -270.25 -160.43
CA VAL C 765 -100.84 -270.54 -159.57
C VAL C 765 -102.08 -270.83 -160.41
N ARG C 766 -102.36 -269.99 -161.41
CA ARG C 766 -103.56 -270.17 -162.21
C ARG C 766 -103.45 -271.40 -163.11
N GLU C 767 -102.24 -271.76 -163.54
CA GLU C 767 -102.08 -272.96 -164.35
C GLU C 767 -102.41 -274.23 -163.56
N LEU C 768 -101.86 -274.34 -162.35
CA LEU C 768 -102.19 -275.53 -161.56
C LEU C 768 -103.65 -275.53 -161.09
N GLU C 769 -104.22 -274.34 -160.84
CA GLU C 769 -105.63 -274.26 -160.49
C GLU C 769 -106.52 -274.72 -161.64
N LEU C 770 -106.11 -274.41 -162.87
CA LEU C 770 -106.85 -274.86 -164.05
C LEU C 770 -106.80 -276.38 -164.18
N VAL C 771 -105.63 -276.99 -163.95
CA VAL C 771 -105.51 -278.45 -164.04
C VAL C 771 -106.38 -279.13 -163.00
N TYR C 772 -106.37 -278.62 -161.76
CA TYR C 772 -107.16 -279.26 -160.71
C TYR C 772 -108.67 -279.05 -160.92
N ALA C 773 -109.06 -277.91 -161.49
CA ALA C 773 -110.48 -277.71 -161.80
C ALA C 773 -110.94 -278.63 -162.93
N ARG C 774 -110.05 -278.91 -163.89
CA ARG C 774 -110.35 -279.89 -164.93
C ARG C 774 -110.56 -281.29 -164.36
N ALA C 775 -109.72 -281.67 -163.40
CA ALA C 775 -109.87 -282.99 -162.77
C ALA C 775 -111.15 -283.09 -161.95
N GLN C 776 -111.52 -282.00 -161.25
CA GLN C 776 -112.81 -281.96 -160.57
C GLN C 776 -113.97 -282.08 -161.55
N LEU C 777 -113.85 -281.45 -162.73
CA LEU C 777 -114.89 -281.57 -163.75
C LEU C 777 -115.06 -283.01 -164.22
N GLU C 778 -113.93 -283.71 -164.41
CA GLU C 778 -114.00 -285.10 -164.87
C GLU C 778 -114.68 -285.98 -163.82
N LEU C 779 -114.33 -285.79 -162.54
CA LEU C 779 -114.95 -286.60 -161.50
C LEU C 779 -116.43 -286.27 -161.33
N GLU C 780 -116.79 -285.00 -161.53
CA GLU C 780 -118.20 -284.59 -161.43
C GLU C 780 -119.04 -285.21 -162.54
N VAL C 781 -118.54 -285.20 -163.78
CA VAL C 781 -119.34 -285.73 -164.87
C VAL C 781 -119.42 -287.24 -164.80
N SER C 782 -118.40 -287.90 -164.25
CA SER C 782 -118.48 -289.34 -164.03
C SER C 782 -119.54 -289.69 -162.99
N LYS C 783 -119.59 -288.90 -161.90
CA LYS C 783 -120.65 -289.07 -160.89
C LYS C 783 -122.03 -288.88 -161.49
N ALA C 784 -122.21 -287.82 -162.27
CA ALA C 784 -123.52 -287.50 -162.82
C ALA C 784 -123.99 -288.58 -163.78
N GLN C 785 -123.10 -289.09 -164.63
CA GLN C 785 -123.54 -290.08 -165.61
C GLN C 785 -123.78 -291.44 -164.96
N GLN C 786 -123.02 -291.82 -163.92
CA GLN C 786 -123.27 -293.10 -163.29
C GLN C 786 -124.55 -293.10 -162.46
N LEU C 787 -124.82 -292.01 -161.73
CA LEU C 787 -126.09 -291.92 -161.00
C LEU C 787 -127.28 -291.82 -161.95
N ALA C 788 -127.11 -291.13 -163.08
CA ALA C 788 -128.18 -291.08 -164.08
C ALA C 788 -128.45 -292.44 -164.68
N GLU C 789 -127.39 -293.23 -164.91
CA GLU C 789 -127.57 -294.55 -165.50
C GLU C 789 -128.26 -295.51 -164.54
N VAL C 790 -127.92 -295.46 -163.24
CA VAL C 790 -128.59 -296.37 -162.32
C VAL C 790 -130.04 -295.93 -162.08
N GLU C 791 -130.31 -294.61 -162.17
CA GLU C 791 -131.70 -294.15 -162.10
C GLU C 791 -132.52 -294.63 -163.30
N VAL C 792 -131.93 -294.56 -164.50
CA VAL C 792 -132.63 -295.00 -165.71
C VAL C 792 -132.88 -296.50 -165.68
N LYS C 793 -131.91 -297.28 -165.19
CA LYS C 793 -132.09 -298.73 -165.11
C LYS C 793 -133.15 -299.10 -164.09
N LYS C 794 -133.19 -298.40 -162.94
CA LYS C 794 -134.24 -298.63 -161.95
C LYS C 794 -135.62 -298.32 -162.50
N PHE C 795 -135.77 -297.17 -163.16
CA PHE C 795 -137.06 -296.78 -163.73
C PHE C 795 -137.50 -297.74 -164.83
N LYS C 796 -136.54 -298.19 -165.65
CA LYS C 796 -136.87 -299.07 -166.78
C LYS C 796 -137.31 -300.44 -166.30
N GLN C 797 -136.60 -301.01 -165.34
CA GLN C 797 -137.00 -302.31 -164.83
C GLN C 797 -138.30 -302.23 -164.03
N MET C 798 -138.54 -301.12 -163.35
CA MET C 798 -139.79 -300.98 -162.61
C MET C 798 -141.00 -300.81 -163.53
N THR C 799 -140.88 -299.94 -164.55
CA THR C 799 -141.98 -299.78 -165.49
C THR C 799 -142.11 -300.94 -166.45
N GLU C 800 -141.09 -301.81 -166.54
CA GLU C 800 -141.26 -303.07 -167.24
C GLU C 800 -142.02 -304.07 -166.38
N ALA C 801 -141.70 -304.12 -165.08
CA ALA C 801 -142.37 -305.01 -164.16
C ALA C 801 -143.83 -304.66 -163.92
N ILE C 802 -144.21 -303.39 -164.01
CA ILE C 802 -145.60 -303.02 -163.80
C ILE C 802 -146.41 -302.95 -165.10
N GLY C 803 -145.76 -302.71 -166.24
CA GLY C 803 -146.47 -302.64 -167.50
C GLY C 803 -147.02 -301.25 -167.77
N PRO C 804 -146.91 -300.79 -169.02
CA PRO C 804 -147.37 -299.43 -169.34
C PRO C 804 -148.88 -299.28 -169.33
N SER C 805 -149.63 -300.36 -169.56
CA SER C 805 -151.08 -300.28 -169.55
C SER C 805 -151.65 -300.06 -168.15
N THR C 806 -150.92 -300.49 -167.11
CA THR C 806 -151.35 -300.26 -165.75
C THR C 806 -151.10 -298.82 -165.33
N ILE C 807 -149.92 -298.28 -165.68
CA ILE C 807 -149.60 -296.90 -165.36
C ILE C 807 -150.33 -295.91 -166.28
N ARG C 808 -150.93 -296.41 -167.37
CA ARG C 808 -151.71 -295.55 -168.25
C ARG C 808 -152.97 -295.05 -167.57
N ASP C 809 -153.54 -295.83 -166.65
CA ASP C 809 -154.73 -295.42 -165.91
C ASP C 809 -154.56 -295.48 -164.40
N LEU C 810 -153.35 -295.75 -163.91
CA LEU C 810 -153.11 -295.74 -162.47
C LEU C 810 -152.81 -294.34 -161.93
N ALA C 811 -152.25 -293.45 -162.76
CA ALA C 811 -151.98 -292.10 -162.31
C ALA C 811 -153.23 -291.23 -162.27
N VAL C 812 -154.26 -291.59 -163.02
CA VAL C 812 -155.49 -290.81 -163.06
C VAL C 812 -156.65 -291.62 -162.48
N ALA D 1570 -21.84 -36.42 -50.56
CA ALA D 1570 -23.06 -37.18 -50.84
C ALA D 1570 -24.30 -36.31 -50.72
N VAL D 1571 -24.38 -35.30 -51.59
CA VAL D 1571 -25.51 -34.37 -51.63
C VAL D 1571 -26.75 -35.12 -52.09
N PRO D 1572 -27.96 -34.69 -51.68
CA PRO D 1572 -29.18 -35.34 -52.19
C PRO D 1572 -29.42 -35.07 -53.66
N TRP D 1573 -29.26 -36.09 -54.51
CA TRP D 1573 -29.33 -35.92 -55.95
C TRP D 1573 -30.75 -36.00 -56.50
N THR D 1574 -31.57 -36.91 -55.97
CA THR D 1574 -32.97 -37.01 -56.41
C THR D 1574 -33.76 -35.78 -55.99
N GLU D 1575 -33.41 -35.19 -54.85
CA GLU D 1575 -33.99 -33.91 -54.45
C GLU D 1575 -33.49 -32.76 -55.32
N LEU D 1576 -32.33 -32.89 -55.96
CA LEU D 1576 -31.95 -31.93 -56.98
C LEU D 1576 -32.77 -32.14 -58.25
N LEU D 1577 -33.07 -33.40 -58.58
CA LEU D 1577 -33.97 -33.68 -59.70
C LEU D 1577 -35.39 -33.21 -59.44
N SER D 1578 -35.79 -33.09 -58.17
CA SER D 1578 -37.12 -32.59 -57.86
C SER D 1578 -37.23 -31.10 -58.11
N LEU D 1579 -36.11 -30.38 -58.02
CA LEU D 1579 -36.11 -28.93 -58.21
C LEU D 1579 -35.84 -28.50 -59.64
N GLN D 1580 -36.10 -29.34 -60.63
CA GLN D 1580 -36.01 -28.92 -62.02
C GLN D 1580 -37.30 -28.21 -62.41
N THR D 1581 -37.16 -27.00 -62.96
CA THR D 1581 -38.32 -26.19 -63.28
C THR D 1581 -38.99 -26.69 -64.55
N GLU D 1582 -40.21 -26.18 -64.78
CA GLU D 1582 -41.02 -26.60 -65.91
C GLU D 1582 -40.62 -25.94 -67.23
N ASP D 1583 -39.66 -25.02 -67.21
CA ASP D 1583 -39.15 -24.43 -68.44
C ASP D 1583 -37.74 -24.89 -68.79
N GLY D 1584 -36.96 -25.32 -67.80
CA GLY D 1584 -35.63 -25.82 -68.07
C GLY D 1584 -34.52 -25.05 -67.38
N PHE D 1585 -34.86 -24.24 -66.39
CA PHE D 1585 -33.87 -23.49 -65.63
C PHE D 1585 -33.89 -23.95 -64.18
N TRP D 1586 -33.13 -23.24 -63.35
CA TRP D 1586 -33.17 -23.46 -61.90
C TRP D 1586 -33.82 -22.26 -61.22
N LEU D 1594 -31.98 -25.06 -50.06
CA LEU D 1594 -31.23 -25.21 -48.83
C LEU D 1594 -30.11 -26.22 -49.05
N ILE D 1595 -30.26 -27.03 -50.10
CA ILE D 1595 -29.23 -28.00 -50.46
C ILE D 1595 -28.02 -27.28 -51.05
N LEU D 1596 -28.23 -26.14 -51.69
CA LEU D 1596 -27.13 -25.38 -52.30
C LEU D 1596 -26.18 -24.76 -51.28
N ASN D 1597 -26.65 -24.56 -50.03
CA ASN D 1597 -25.85 -24.05 -48.90
C ASN D 1597 -25.26 -22.67 -49.22
N LEU D 1598 -26.16 -21.70 -49.39
CA LEU D 1598 -25.75 -20.34 -49.71
C LEU D 1598 -26.76 -19.37 -49.11
N ASN D 1599 -26.27 -18.24 -48.62
CA ASN D 1599 -27.12 -17.18 -48.07
C ASN D 1599 -27.88 -16.53 -49.21
N THR D 1600 -29.15 -16.90 -49.36
CA THR D 1600 -29.94 -16.41 -50.48
C THR D 1600 -30.51 -15.02 -50.20
N ASN D 1601 -30.90 -14.74 -48.96
CA ASN D 1601 -31.49 -13.45 -48.62
C ASN D 1601 -30.44 -12.35 -48.65
N GLY D 1602 -29.23 -12.62 -48.15
CA GLY D 1602 -28.15 -11.67 -48.30
C GLY D 1602 -27.72 -11.47 -49.74
N LEU D 1603 -27.85 -12.52 -50.56
CA LEU D 1603 -27.55 -12.39 -51.98
C LEU D 1603 -28.57 -11.52 -52.68
N HIS D 1604 -29.85 -11.66 -52.31
CA HIS D 1604 -30.90 -10.79 -52.83
C HIS D 1604 -30.70 -9.34 -52.39
N SER D 1605 -30.24 -9.15 -51.14
CA SER D 1605 -29.96 -7.80 -50.66
C SER D 1605 -28.77 -7.18 -51.40
N PHE D 1606 -27.74 -7.99 -51.69
CA PHE D 1606 -26.59 -7.53 -52.44
C PHE D 1606 -26.96 -7.13 -53.87
N LEU D 1607 -27.72 -8.00 -54.54
CA LEU D 1607 -28.16 -7.70 -55.91
C LEU D 1607 -29.17 -6.56 -55.97
N LYS D 1608 -29.94 -6.34 -54.91
CA LYS D 1608 -30.80 -5.17 -54.86
C LYS D 1608 -30.00 -3.89 -54.65
N GLN D 1609 -28.95 -3.96 -53.81
CA GLN D 1609 -28.09 -2.80 -53.59
C GLN D 1609 -27.32 -2.44 -54.85
N LYS D 1610 -26.96 -3.44 -55.67
CA LYS D 1610 -26.32 -3.16 -56.94
C LYS D 1610 -27.29 -2.68 -58.01
N GLY D 1611 -28.59 -2.60 -57.73
CA GLY D 1611 -29.52 -1.93 -58.62
C GLY D 1611 -30.06 -2.78 -59.75
N ILE D 1612 -30.73 -3.87 -59.39
CA ILE D 1612 -31.25 -4.81 -60.39
C ILE D 1612 -32.70 -4.49 -60.75
N GLN D 1613 -33.32 -3.50 -60.12
CA GLN D 1613 -34.70 -3.14 -60.42
C GLN D 1613 -34.82 -2.30 -61.69
N SER D 1614 -33.70 -1.89 -62.28
CA SER D 1614 -33.72 -1.06 -63.48
C SER D 1614 -33.78 -1.89 -64.76
N LEU D 1615 -34.22 -3.14 -64.67
CA LEU D 1615 -34.30 -4.04 -65.82
C LEU D 1615 -35.72 -4.53 -66.06
N GLY D 1616 -36.69 -4.01 -65.33
CA GLY D 1616 -38.03 -4.55 -65.31
C GLY D 1616 -38.15 -5.74 -64.37
N VAL D 1617 -39.39 -6.11 -64.06
CA VAL D 1617 -39.62 -7.28 -63.23
C VAL D 1617 -39.30 -8.54 -64.02
N LYS D 1618 -39.64 -8.55 -65.31
CA LYS D 1618 -39.32 -9.67 -66.19
C LYS D 1618 -37.81 -9.83 -66.37
N GLY D 1619 -37.10 -8.72 -66.57
CA GLY D 1619 -35.66 -8.79 -66.72
C GLY D 1619 -34.95 -9.18 -65.43
N ARG D 1620 -35.51 -8.73 -64.30
CA ARG D 1620 -34.95 -9.10 -62.99
C ARG D 1620 -35.11 -10.59 -62.74
N GLU D 1621 -36.30 -11.14 -63.01
CA GLU D 1621 -36.49 -12.57 -62.82
C GLU D 1621 -35.69 -13.40 -63.81
N CYS D 1622 -35.59 -12.94 -65.06
CA CYS D 1622 -34.76 -13.59 -66.06
C CYS D 1622 -33.27 -13.57 -65.72
N LEU D 1623 -32.80 -12.54 -65.03
CA LEU D 1623 -31.42 -12.51 -64.57
C LEU D 1623 -31.19 -13.35 -63.32
N LEU D 1624 -32.13 -13.33 -62.36
CA LEU D 1624 -32.01 -14.18 -61.18
C LEU D 1624 -32.05 -15.66 -61.54
N ASP D 1625 -32.85 -16.04 -62.54
CA ASP D 1625 -32.89 -17.44 -62.96
C ASP D 1625 -31.59 -17.86 -63.62
N LEU D 1626 -30.99 -16.94 -64.39
CA LEU D 1626 -29.68 -17.21 -65.00
C LEU D 1626 -28.59 -17.36 -63.94
N ILE D 1627 -28.61 -16.49 -62.92
CA ILE D 1627 -27.60 -16.53 -61.87
C ILE D 1627 -27.74 -17.80 -61.03
N ALA D 1628 -28.98 -18.16 -60.69
CA ALA D 1628 -29.22 -19.40 -59.96
C ALA D 1628 -28.87 -20.64 -60.77
N THR D 1629 -29.17 -20.66 -62.07
CA THR D 1629 -28.83 -21.80 -62.91
C THR D 1629 -27.33 -21.97 -63.04
N MET D 1630 -26.61 -20.86 -63.26
CA MET D 1630 -25.15 -20.93 -63.33
C MET D 1630 -24.51 -21.26 -61.98
N LEU D 1631 -25.15 -20.88 -60.87
CA LEU D 1631 -24.64 -21.26 -59.56
C LEU D 1631 -24.77 -22.76 -59.33
N VAL D 1632 -25.92 -23.33 -59.73
CA VAL D 1632 -26.10 -24.78 -59.61
C VAL D 1632 -25.16 -25.52 -60.54
N LEU D 1633 -24.91 -24.97 -61.74
CA LEU D 1633 -23.96 -25.59 -62.67
C LEU D 1633 -22.54 -25.55 -62.13
N GLN D 1634 -22.13 -24.44 -61.49
CA GLN D 1634 -20.79 -24.38 -60.91
C GLN D 1634 -20.66 -25.28 -59.69
N PHE D 1635 -21.74 -25.44 -58.92
CA PHE D 1635 -21.74 -26.37 -57.79
C PHE D 1635 -21.56 -27.81 -58.26
N ILE D 1636 -22.33 -28.22 -59.28
CA ILE D 1636 -22.21 -29.57 -59.80
C ILE D 1636 -20.87 -29.78 -60.51
N ARG D 1637 -20.31 -28.73 -61.12
CA ARG D 1637 -19.02 -28.89 -61.78
C ARG D 1637 -17.89 -28.99 -60.77
N THR D 1638 -18.00 -28.27 -59.65
CA THR D 1638 -17.02 -28.43 -58.58
C THR D 1638 -17.12 -29.82 -57.96
N ARG D 1639 -18.34 -30.34 -57.84
CA ARG D 1639 -18.54 -31.72 -57.37
C ARG D 1639 -17.92 -32.74 -58.33
N LEU D 1640 -18.04 -32.50 -59.64
CA LEU D 1640 -17.49 -33.45 -60.61
C LEU D 1640 -15.98 -33.33 -60.76
N GLU D 1641 -15.43 -32.13 -60.56
CA GLU D 1641 -13.98 -31.96 -60.59
C GLU D 1641 -13.33 -32.52 -59.33
N LYS D 1642 -14.02 -32.45 -58.20
CA LYS D 1642 -13.50 -33.09 -56.98
C LYS D 1642 -13.48 -34.61 -57.12
N GLU D 1643 -14.41 -35.17 -57.89
CA GLU D 1643 -14.31 -36.56 -58.31
C GLU D 1643 -13.27 -36.77 -59.39
N GLY D 1644 -12.91 -35.72 -60.14
CA GLY D 1644 -11.86 -35.86 -61.13
C GLY D 1644 -12.23 -35.44 -62.55
N ILE D 1645 -13.52 -35.45 -62.88
CA ILE D 1645 -13.94 -35.22 -64.26
C ILE D 1645 -14.35 -33.77 -64.53
N MET D 1651 -20.72 -23.90 -70.54
CA MET D 1651 -21.25 -23.90 -71.90
C MET D 1651 -20.74 -25.12 -72.66
N LYS D 1652 -20.29 -26.10 -71.89
CA LYS D 1652 -19.89 -27.39 -72.43
C LYS D 1652 -20.38 -28.52 -71.52
N MET D 1653 -21.44 -28.30 -70.74
CA MET D 1653 -21.95 -29.33 -69.84
C MET D 1653 -22.65 -30.44 -70.59
N ASP D 1654 -23.09 -30.18 -71.81
CA ASP D 1654 -23.78 -31.16 -72.63
C ASP D 1654 -22.84 -32.17 -73.29
N ILE D 1662 -22.78 -39.46 -66.40
CA ILE D 1662 -23.90 -39.95 -65.62
C ILE D 1662 -25.20 -39.96 -66.44
N PRO D 1663 -25.95 -41.06 -66.36
CA PRO D 1663 -27.21 -41.15 -67.13
C PRO D 1663 -28.42 -40.59 -66.41
N TRP D 1664 -28.35 -40.39 -65.09
CA TRP D 1664 -29.54 -40.06 -64.31
C TRP D 1664 -29.95 -38.59 -64.44
N ALA D 1665 -29.09 -37.73 -64.99
CA ALA D 1665 -29.42 -36.32 -65.14
C ALA D 1665 -28.94 -35.72 -66.45
N PHE D 1666 -28.76 -36.52 -67.51
CA PHE D 1666 -28.24 -35.98 -68.75
C PHE D 1666 -29.25 -35.07 -69.44
N GLU D 1667 -30.54 -35.37 -69.28
CA GLU D 1667 -31.59 -34.55 -69.89
C GLU D 1667 -31.69 -33.18 -69.23
N ALA D 1668 -31.59 -33.13 -67.89
CA ALA D 1668 -31.68 -31.86 -67.18
C ALA D 1668 -30.47 -30.98 -67.46
N ILE D 1669 -29.27 -31.58 -67.50
CA ILE D 1669 -28.06 -30.85 -67.84
C ILE D 1669 -28.11 -30.37 -69.28
N LYS D 1670 -28.68 -31.19 -70.19
CA LYS D 1670 -28.79 -30.82 -71.59
C LYS D 1670 -29.75 -29.64 -71.79
N GLN D 1671 -30.93 -29.70 -71.17
CA GLN D 1671 -31.88 -28.59 -71.33
C GLN D 1671 -31.41 -27.36 -70.57
N ALA D 1672 -30.62 -27.53 -69.50
CA ALA D 1672 -30.05 -26.37 -68.82
C ALA D 1672 -29.00 -25.68 -69.67
N SER D 1673 -28.17 -26.47 -70.37
CA SER D 1673 -27.18 -25.89 -71.26
C SER D 1673 -27.85 -25.21 -72.46
N GLU D 1674 -28.91 -25.82 -72.98
CA GLU D 1674 -29.65 -25.21 -74.08
C GLU D 1674 -30.40 -23.95 -73.65
N TRP D 1675 -30.77 -23.85 -72.37
CA TRP D 1675 -31.37 -22.62 -71.89
C TRP D 1675 -30.31 -21.53 -71.69
N VAL D 1676 -29.19 -21.89 -71.06
CA VAL D 1676 -28.16 -20.92 -70.69
C VAL D 1676 -27.48 -20.35 -71.94
N ARG D 1677 -27.15 -21.20 -72.92
CA ARG D 1677 -26.48 -20.70 -74.11
C ARG D 1677 -27.38 -19.89 -75.02
N ARG D 1678 -28.68 -19.81 -74.74
CA ARG D 1678 -29.58 -18.87 -75.41
C ARG D 1678 -29.80 -17.60 -74.58
N THR D 1679 -29.92 -17.73 -73.26
CA THR D 1679 -30.26 -16.58 -72.43
C THR D 1679 -29.06 -15.74 -71.99
N GLU D 1680 -27.83 -16.21 -72.20
CA GLU D 1680 -26.67 -15.44 -71.78
C GLU D 1680 -26.40 -14.26 -72.70
N GLY D 1681 -26.79 -14.37 -73.97
CA GLY D 1681 -26.47 -13.34 -74.95
C GLY D 1681 -27.24 -12.07 -74.77
N GLN D 1682 -28.36 -12.11 -74.05
CA GLN D 1682 -29.12 -10.91 -73.77
C GLN D 1682 -28.41 -10.01 -72.77
N TYR D 1683 -27.61 -10.61 -71.88
CA TYR D 1683 -26.92 -9.89 -70.81
C TYR D 1683 -25.41 -10.06 -70.96
N PRO D 1684 -24.76 -9.28 -71.81
CA PRO D 1684 -23.28 -9.28 -71.81
C PRO D 1684 -22.74 -8.40 -70.70
N SER D 1685 -21.66 -8.92 -70.08
CA SER D 1685 -20.93 -8.24 -69.00
C SER D 1685 -21.82 -7.90 -67.82
N ILE D 1686 -22.76 -8.79 -67.50
CA ILE D 1686 -23.63 -8.56 -66.36
C ILE D 1686 -22.98 -8.98 -65.06
N CYS D 1687 -21.89 -9.74 -65.12
CA CYS D 1687 -21.14 -10.10 -63.92
C CYS D 1687 -20.21 -8.98 -63.42
N PRO D 1688 -19.50 -8.21 -64.26
CA PRO D 1688 -18.81 -7.05 -63.68
C PRO D 1688 -19.76 -5.94 -63.23
N ARG D 1689 -20.83 -5.68 -63.99
CA ARG D 1689 -21.69 -4.54 -63.71
C ARG D 1689 -22.58 -4.78 -62.49
N LEU D 1690 -22.79 -6.02 -62.10
CA LEU D 1690 -23.44 -6.36 -60.85
C LEU D 1690 -22.40 -6.65 -59.76
N GLU D 1691 -21.12 -6.61 -60.12
CA GLU D 1691 -19.96 -6.79 -59.25
C GLU D 1691 -19.98 -8.18 -58.59
N LEU D 1692 -19.87 -9.20 -59.45
CA LEU D 1692 -19.73 -10.57 -59.01
C LEU D 1692 -18.46 -11.23 -59.50
N GLY D 1693 -17.93 -10.81 -60.64
CA GLY D 1693 -16.71 -11.39 -61.19
C GLY D 1693 -16.50 -10.91 -62.60
N ASN D 1694 -15.37 -11.35 -63.17
CA ASN D 1694 -15.05 -10.99 -64.55
C ASN D 1694 -15.97 -11.72 -65.52
N ASP D 1695 -15.93 -13.04 -65.51
CA ASP D 1695 -16.83 -13.88 -66.31
C ASP D 1695 -17.62 -14.79 -65.36
N TRP D 1696 -18.34 -15.74 -65.97
CA TRP D 1696 -19.25 -16.58 -65.20
C TRP D 1696 -18.50 -17.57 -64.32
N ASP D 1697 -17.29 -17.97 -64.72
CA ASP D 1697 -16.46 -18.82 -63.88
C ASP D 1697 -16.07 -18.08 -62.60
N SER D 1698 -15.54 -16.86 -62.75
CA SER D 1698 -15.13 -16.04 -61.61
C SER D 1698 -16.32 -15.70 -60.71
N ALA D 1699 -17.43 -15.29 -61.32
CA ALA D 1699 -18.61 -14.87 -60.56
C ALA D 1699 -19.22 -16.03 -59.79
N THR D 1700 -19.49 -17.15 -60.48
CA THR D 1700 -20.13 -18.27 -59.81
C THR D 1700 -19.19 -19.00 -58.85
N LYS D 1701 -17.87 -18.92 -59.08
CA LYS D 1701 -16.97 -19.59 -58.16
C LYS D 1701 -16.71 -18.75 -56.92
N GLN D 1702 -16.70 -17.41 -57.06
CA GLN D 1702 -16.57 -16.57 -55.88
C GLN D 1702 -17.87 -16.48 -55.10
N LEU D 1703 -19.02 -16.65 -55.75
CA LEU D 1703 -20.27 -16.75 -55.00
C LEU D 1703 -20.48 -18.13 -54.41
N LEU D 1704 -19.86 -19.16 -55.00
CA LEU D 1704 -20.02 -20.51 -54.48
C LEU D 1704 -19.31 -20.68 -53.14
N GLY D 1705 -18.29 -19.88 -52.88
CA GLY D 1705 -17.62 -19.88 -51.60
C GLY D 1705 -16.48 -20.85 -51.46
N LEU D 1706 -16.02 -21.46 -52.55
CA LEU D 1706 -14.90 -22.39 -52.49
C LEU D 1706 -13.56 -21.73 -52.78
N GLN D 1707 -13.53 -20.45 -53.06
CA GLN D 1707 -12.27 -19.75 -53.25
C GLN D 1707 -12.26 -18.45 -52.44
N PRO D 1708 -11.12 -18.07 -51.89
CA PRO D 1708 -11.05 -16.80 -51.15
C PRO D 1708 -11.13 -15.60 -52.08
N ILE D 1709 -11.72 -14.53 -51.55
CA ILE D 1709 -11.92 -13.28 -52.29
C ILE D 1709 -11.06 -12.20 -51.65
N SER D 1710 -10.44 -11.36 -52.48
CA SER D 1710 -9.59 -10.27 -52.02
C SER D 1710 -10.40 -9.22 -51.24
N THR D 1711 -9.67 -8.43 -50.45
CA THR D 1711 -10.30 -7.51 -49.51
C THR D 1711 -10.82 -6.24 -50.16
N VAL D 1712 -10.29 -5.85 -51.32
CA VAL D 1712 -10.76 -4.62 -51.98
C VAL D 1712 -12.10 -4.80 -52.67
N SER D 1713 -12.57 -6.03 -52.83
CA SER D 1713 -13.83 -6.31 -53.48
C SER D 1713 -14.98 -6.22 -52.47
N PRO D 1714 -16.18 -5.80 -52.91
CA PRO D 1714 -17.32 -5.72 -51.98
C PRO D 1714 -18.05 -7.03 -51.75
N LEU D 1715 -17.43 -8.15 -52.11
CA LEU D 1715 -18.03 -9.47 -52.01
C LEU D 1715 -17.86 -10.12 -50.63
N HIS D 1716 -17.68 -9.33 -49.59
CA HIS D 1716 -17.45 -9.88 -48.25
C HIS D 1716 -18.75 -10.10 -47.48
N ARG D 1717 -19.79 -9.32 -47.77
CA ARG D 1717 -21.04 -9.41 -47.04
C ARG D 1717 -22.03 -10.39 -47.66
N VAL D 1718 -21.53 -11.31 -48.50
CA VAL D 1718 -22.35 -12.38 -49.03
C VAL D 1718 -21.90 -13.75 -48.52
N LEU D 1719 -20.63 -13.91 -48.15
CA LEU D 1719 -20.13 -15.17 -47.62
C LEU D 1719 -19.89 -15.13 -46.11
N HIS D 1720 -19.85 -13.95 -45.50
CA HIS D 1720 -19.60 -13.82 -44.08
C HIS D 1720 -20.80 -13.29 -43.30
N TYR D 1721 -21.89 -12.92 -43.98
CA TYR D 1721 -23.10 -12.54 -43.29
C TYR D 1721 -23.88 -13.75 -42.80
N SER D 1722 -23.70 -14.90 -43.46
CA SER D 1722 -24.34 -16.14 -43.05
C SER D 1722 -23.62 -16.85 -41.92
N GLN D 1723 -22.48 -16.32 -41.48
CA GLN D 1723 -21.71 -16.93 -40.39
C GLN D 1723 -22.03 -16.31 -39.03
N GLY D 1724 -23.26 -15.86 -38.83
CA GLY D 1724 -23.67 -15.32 -37.56
C GLY D 1724 -24.74 -16.15 -36.89
#